data_6RBG
#
_entry.id   6RBG
#
_cell.length_a   1.00
_cell.length_b   1.00
_cell.length_c   1.00
_cell.angle_alpha   90.00
_cell.angle_beta   90.00
_cell.angle_gamma   90.00
#
_symmetry.space_group_name_H-M   'P 1'
#
_entity_poly.entity_id   1
_entity_poly.type   'polypeptide(L)'
_entity_poly.pdbx_seq_one_letter_code
;MRVENNNVSGQNHDPEQIDLIDLLVQLWRGKMTIIISVIVAIALAIGYLAVAKEKWTSTAIITQPDVGQIAGYNNAMNVI
YGQAAPKVSDLQETLIGRFSSAFSALAETLDNQEEREKLTIEPSVKNQQLPLTVSYVGQTAEGAQMKLAQYIQQVDDKVN
QELEKDLKDNIALGRKNLQDSLRTQEVVAQEQKDLRIRQIQEALQYANQAQVTKPQIQQTGEDITQDTLFLLGSEALESM
IKHEATRPLVFSPNYYQTRQNLLDIESLKVDDLDIHAYRYVMKPMLPIRRDSPKKAITLILAVLLGGMVGAGIVLGRNAL
RNYNAKEFRVPGSHHHHHHHH
;
_entity_poly.pdbx_strand_id   A,B,C,D,E,F,G,H
#
# COMPACT_ATOMS: atom_id res chain seq x y z
N ASP A 19 49.83 14.29 -39.78
CA ASP A 19 51.09 14.98 -39.99
C ASP A 19 52.01 14.05 -40.81
N LEU A 20 52.95 14.62 -41.56
CA LEU A 20 53.75 13.86 -42.49
C LEU A 20 54.91 13.18 -41.77
N ILE A 21 55.82 12.58 -42.55
CA ILE A 21 56.96 11.86 -42.01
C ILE A 21 58.20 12.73 -41.86
N ASP A 22 58.04 14.06 -41.89
CA ASP A 22 59.17 14.98 -41.84
C ASP A 22 59.91 14.95 -40.51
N LEU A 23 59.24 14.56 -39.42
CA LEU A 23 59.91 14.48 -38.13
C LEU A 23 60.17 13.05 -37.67
N LEU A 24 59.64 12.05 -38.37
CA LEU A 24 59.90 10.66 -38.02
C LEU A 24 61.23 10.13 -38.54
N VAL A 25 62.13 11.06 -38.85
CA VAL A 25 63.52 10.70 -39.25
C VAL A 25 64.52 11.02 -38.13
N GLN A 26 64.24 12.09 -37.37
CA GLN A 26 65.14 12.48 -36.24
C GLN A 26 65.02 11.45 -35.09
N LEU A 27 63.85 10.85 -34.95
CA LEU A 27 63.67 9.84 -33.87
C LEU A 27 64.69 8.77 -34.26
N TRP A 28 64.69 8.36 -35.54
CA TRP A 28 65.70 7.37 -35.97
C TRP A 28 67.10 8.01 -35.84
N ARG A 29 67.21 9.29 -36.20
CA ARG A 29 68.51 10.00 -36.17
C ARG A 29 69.03 9.97 -34.73
N GLY A 30 68.16 10.24 -33.76
CA GLY A 30 68.50 10.15 -32.33
C GLY A 30 68.17 8.77 -31.78
N LYS A 31 68.83 7.73 -32.30
CA LYS A 31 68.56 6.33 -31.82
C LYS A 31 69.03 5.99 -30.40
N MET A 32 70.30 6.25 -30.10
CA MET A 32 70.84 5.96 -28.74
C MET A 32 70.14 6.83 -27.68
N THR A 33 69.80 8.07 -27.99
CA THR A 33 69.23 8.97 -27.00
C THR A 33 67.83 8.52 -26.60
N ILE A 34 67.20 7.64 -27.37
CA ILE A 34 65.90 7.09 -26.97
C ILE A 34 66.09 5.86 -26.10
N ILE A 35 67.04 5.00 -26.46
CA ILE A 35 67.29 3.77 -25.70
C ILE A 35 67.88 4.10 -24.33
N ILE A 36 68.70 5.16 -24.25
CA ILE A 36 69.25 5.56 -22.96
C ILE A 36 68.22 6.27 -22.10
N SER A 37 67.11 6.72 -22.69
CA SER A 37 66.02 7.30 -21.92
C SER A 37 64.95 6.28 -21.56
N VAL A 38 65.02 5.07 -22.11
CA VAL A 38 64.09 4.00 -21.75
C VAL A 38 64.68 3.09 -20.69
N ILE A 39 65.98 2.78 -20.81
CA ILE A 39 66.68 1.96 -19.82
C ILE A 39 66.74 2.68 -18.47
N VAL A 40 66.86 4.02 -18.50
CA VAL A 40 66.84 4.78 -17.25
C VAL A 40 65.43 4.80 -16.64
N ALA A 41 64.39 4.55 -17.44
CA ALA A 41 63.05 4.46 -16.88
C ALA A 41 62.81 3.10 -16.25
N ILE A 42 63.35 2.03 -16.85
CA ILE A 42 63.26 0.70 -16.24
C ILE A 42 64.14 0.63 -15.00
N ALA A 43 65.22 1.43 -14.96
CA ALA A 43 66.08 1.47 -13.79
C ALA A 43 65.42 2.13 -12.59
N LEU A 44 64.43 2.99 -12.82
CA LEU A 44 63.60 3.49 -11.73
C LEU A 44 62.32 2.70 -11.54
N ALA A 45 61.84 2.01 -12.59
CA ALA A 45 60.65 1.18 -12.43
C ALA A 45 60.94 -0.06 -11.61
N ILE A 46 62.05 -0.75 -11.92
CA ILE A 46 62.43 -1.93 -11.14
C ILE A 46 62.88 -1.52 -9.74
N GLY A 47 63.54 -0.36 -9.63
CA GLY A 47 63.88 0.18 -8.33
C GLY A 47 62.68 0.60 -7.50
N TYR A 48 61.55 0.90 -8.16
CA TYR A 48 60.32 1.16 -7.43
C TYR A 48 59.70 -0.13 -6.90
N LEU A 49 59.98 -1.26 -7.55
CA LEU A 49 59.46 -2.56 -7.14
C LEU A 49 60.36 -3.27 -6.13
N ALA A 50 61.16 -2.52 -5.37
CA ALA A 50 61.90 -3.09 -4.26
C ALA A 50 61.71 -2.27 -2.98
N VAL A 51 60.98 -1.18 -3.04
CA VAL A 51 60.73 -0.33 -1.88
C VAL A 51 59.23 -0.19 -1.65
N ALA A 52 58.43 -0.44 -2.68
CA ALA A 52 56.98 -0.29 -2.57
C ALA A 52 56.38 -1.44 -1.78
N LYS A 53 55.65 -1.11 -0.72
CA LYS A 53 54.98 -2.12 0.06
C LYS A 53 53.72 -2.59 -0.65
N GLU A 54 53.43 -3.88 -0.51
CA GLU A 54 52.34 -4.50 -1.25
C GLU A 54 51.07 -4.55 -0.41
N LYS A 55 49.95 -4.85 -1.08
CA LYS A 55 48.62 -4.72 -0.50
C LYS A 55 47.77 -5.91 -0.92
N TRP A 56 47.58 -6.86 0.00
CA TRP A 56 46.76 -8.04 -0.25
C TRP A 56 45.38 -7.84 0.37
N THR A 57 44.34 -8.19 -0.39
CA THR A 57 42.96 -7.93 0.01
C THR A 57 42.26 -9.23 0.37
N SER A 58 41.72 -9.30 1.58
CA SER A 58 40.88 -10.40 1.99
C SER A 58 39.41 -10.04 1.79
N THR A 59 38.55 -11.06 1.89
CA THR A 59 37.12 -10.87 1.65
C THR A 59 36.37 -11.97 2.39
N ALA A 60 35.42 -11.57 3.23
CA ALA A 60 34.46 -12.48 3.82
C ALA A 60 33.07 -11.96 3.53
N ILE A 61 32.11 -12.89 3.43
CA ILE A 61 30.73 -12.54 3.11
C ILE A 61 29.87 -12.97 4.29
N ILE A 62 29.17 -12.02 4.89
CA ILE A 62 28.37 -12.28 6.08
C ILE A 62 26.90 -12.07 5.74
N THR A 63 26.04 -12.65 6.56
CA THR A 63 24.60 -12.65 6.36
C THR A 63 23.97 -12.74 7.75
N GLN A 64 22.75 -12.18 7.90
CA GLN A 64 21.90 -12.25 9.08
C GLN A 64 21.82 -13.67 9.64
N PRO A 65 21.79 -13.84 10.95
CA PRO A 65 21.93 -15.19 11.54
C PRO A 65 20.72 -16.07 11.26
N ASP A 66 20.93 -17.36 11.46
CA ASP A 66 19.88 -18.34 11.21
C ASP A 66 18.75 -18.21 12.21
N VAL A 67 17.60 -18.79 11.84
CA VAL A 67 16.42 -18.67 12.69
C VAL A 67 16.57 -19.53 13.93
N GLY A 68 17.35 -20.61 13.85
CA GLY A 68 17.61 -21.46 14.99
C GLY A 68 18.82 -21.07 15.82
N GLN A 69 19.63 -20.12 15.36
CA GLN A 69 20.75 -19.65 16.18
C GLN A 69 20.29 -18.64 17.22
N ILE A 70 19.32 -17.81 16.87
CA ILE A 70 18.83 -16.79 17.78
C ILE A 70 17.52 -17.21 18.45
N ALA A 71 17.21 -18.51 18.44
CA ALA A 71 15.97 -18.98 19.04
C ALA A 71 15.99 -18.91 20.55
N GLY A 72 17.16 -18.82 21.17
CA GLY A 72 17.26 -18.55 22.59
C GLY A 72 17.00 -17.08 22.86
N TYR A 73 17.52 -16.22 22.00
CA TYR A 73 17.31 -14.79 22.14
C TYR A 73 15.90 -14.39 21.73
N ASN A 74 15.31 -15.09 20.76
CA ASN A 74 13.94 -14.78 20.36
C ASN A 74 12.94 -15.18 21.43
N ASN A 75 13.20 -16.28 22.14
CA ASN A 75 12.32 -16.69 23.22
C ASN A 75 12.44 -15.75 24.41
N ALA A 76 13.57 -15.06 24.55
CA ALA A 76 13.69 -14.04 25.57
C ALA A 76 12.81 -12.84 25.27
N MET A 77 12.66 -12.50 23.99
CA MET A 77 11.82 -11.37 23.60
C MET A 77 10.34 -11.72 23.49
N ASN A 78 9.98 -13.00 23.48
CA ASN A 78 8.58 -13.39 23.52
C ASN A 78 8.04 -13.52 24.94
N VAL A 79 8.91 -13.66 25.93
CA VAL A 79 8.48 -13.75 27.33
C VAL A 79 8.29 -12.36 27.92
N ILE A 80 9.24 -11.45 27.69
CA ILE A 80 9.17 -10.12 28.30
C ILE A 80 8.21 -9.19 27.58
N TYR A 81 7.76 -9.53 26.37
CA TYR A 81 6.90 -8.66 25.61
C TYR A 81 5.56 -9.27 25.22
N GLY A 82 5.44 -10.59 25.23
CA GLY A 82 4.17 -11.24 24.97
C GLY A 82 3.70 -11.16 23.53
N GLN A 83 2.64 -10.40 23.30
CA GLN A 83 2.04 -10.31 21.97
C GLN A 83 2.63 -9.19 21.11
N ALA A 84 3.27 -8.20 21.73
CA ALA A 84 3.89 -7.11 20.99
C ALA A 84 5.34 -7.38 20.66
N ALA A 85 5.78 -8.64 20.74
CA ALA A 85 7.14 -9.00 20.39
C ALA A 85 7.34 -8.91 18.88
N PRO A 86 8.55 -8.54 18.44
CA PRO A 86 8.82 -8.54 17.00
C PRO A 86 8.95 -9.95 16.45
N LYS A 87 8.66 -10.08 15.16
CA LYS A 87 8.75 -11.37 14.51
C LYS A 87 10.22 -11.79 14.35
N VAL A 88 10.41 -13.10 14.15
CA VAL A 88 11.77 -13.63 14.04
C VAL A 88 12.42 -13.25 12.72
N SER A 89 11.63 -12.86 11.72
CA SER A 89 12.18 -12.28 10.49
C SER A 89 12.46 -10.80 10.63
N ASP A 90 12.06 -10.19 11.75
CA ASP A 90 12.38 -8.81 12.06
C ASP A 90 13.45 -8.71 13.14
N LEU A 91 13.67 -9.78 13.90
CA LEU A 91 14.78 -9.84 14.83
C LEU A 91 16.09 -10.16 14.15
N GLN A 92 16.06 -10.53 12.86
CA GLN A 92 17.28 -10.78 12.12
C GLN A 92 17.78 -9.53 11.39
N GLU A 93 16.88 -8.64 10.99
CA GLU A 93 17.32 -7.38 10.39
C GLU A 93 17.83 -6.40 11.42
N THR A 94 17.53 -6.61 12.70
CA THR A 94 18.08 -5.78 13.77
C THR A 94 19.46 -6.24 14.17
N LEU A 95 19.65 -7.55 14.33
CA LEU A 95 20.94 -8.09 14.73
C LEU A 95 22.00 -7.97 13.64
N ILE A 96 21.60 -7.84 12.38
CA ILE A 96 22.55 -7.49 11.33
C ILE A 96 22.57 -5.97 11.11
N GLY A 97 21.56 -5.25 11.62
CA GLY A 97 21.66 -3.81 11.64
C GLY A 97 22.53 -3.29 12.76
N ARG A 98 22.62 -4.04 13.86
CA ARG A 98 23.53 -3.70 14.94
C ARG A 98 24.96 -4.13 14.66
N PHE A 99 25.18 -4.92 13.61
CA PHE A 99 26.52 -5.31 13.20
C PHE A 99 27.05 -4.43 12.07
N SER A 100 26.24 -4.19 11.05
CA SER A 100 26.67 -3.38 9.91
C SER A 100 26.88 -1.91 10.27
N SER A 101 26.30 -1.44 11.38
CA SER A 101 26.57 -0.09 11.84
C SER A 101 27.64 -0.03 12.91
N ALA A 102 27.98 -1.16 13.52
CA ALA A 102 29.11 -1.23 14.43
C ALA A 102 30.39 -1.71 13.76
N PHE A 103 30.29 -2.31 12.58
CA PHE A 103 31.48 -2.65 11.81
C PHE A 103 31.95 -1.46 10.97
N SER A 104 31.01 -0.65 10.50
CA SER A 104 31.36 0.60 9.83
C SER A 104 31.75 1.70 10.81
N ALA A 105 31.52 1.49 12.11
CA ALA A 105 32.05 2.38 13.13
C ALA A 105 33.41 1.93 13.63
N LEU A 106 33.81 0.68 13.33
CA LEU A 106 35.20 0.29 13.47
C LEU A 106 36.03 0.70 12.26
N ALA A 107 35.38 0.84 11.11
CA ALA A 107 36.05 1.29 9.89
C ALA A 107 36.53 2.73 9.98
N GLU A 108 35.92 3.54 10.84
CA GLU A 108 36.29 4.94 10.95
C GLU A 108 37.16 5.25 12.17
N THR A 109 37.35 4.29 13.07
CA THR A 109 38.33 4.42 14.13
C THR A 109 39.62 3.70 13.80
N LEU A 110 39.75 3.18 12.58
CA LEU A 110 41.02 2.67 12.08
C LEU A 110 41.69 3.64 11.12
N ASP A 111 40.99 4.69 10.70
CA ASP A 111 41.62 5.79 9.98
C ASP A 111 42.21 6.82 10.93
N ASN A 112 41.87 6.76 12.22
CA ASN A 112 42.49 7.60 13.24
C ASN A 112 43.74 6.95 13.84
N GLN A 113 44.29 5.94 13.17
CA GLN A 113 45.60 5.45 13.55
C GLN A 113 46.66 6.35 12.92
N GLU A 114 47.91 6.18 13.35
CA GLU A 114 49.01 6.90 12.72
C GLU A 114 49.25 6.40 11.31
N GLU A 115 49.15 5.09 11.10
CA GLU A 115 49.17 4.48 9.78
C GLU A 115 47.80 3.84 9.52
N ARG A 116 47.20 4.18 8.39
CA ARG A 116 45.82 3.81 8.14
C ARG A 116 45.68 2.33 7.82
N GLU A 117 44.55 1.75 8.23
CA GLU A 117 44.19 0.38 7.91
C GLU A 117 42.81 0.41 7.27
N LYS A 118 42.76 0.20 5.95
CA LYS A 118 41.48 0.25 5.25
C LYS A 118 40.67 -1.00 5.54
N LEU A 119 39.41 -0.81 5.90
CA LEU A 119 38.49 -1.91 6.17
C LEU A 119 37.10 -1.45 5.79
N THR A 120 36.45 -2.16 4.87
CA THR A 120 35.19 -1.73 4.31
C THR A 120 34.08 -2.73 4.60
N ILE A 121 32.86 -2.32 4.26
CA ILE A 121 31.69 -3.18 4.31
C ILE A 121 30.70 -2.64 3.26
N GLU A 122 30.09 -3.56 2.51
CA GLU A 122 29.24 -3.18 1.39
C GLU A 122 28.29 -4.32 1.10
N PRO A 123 27.12 -4.05 0.52
CA PRO A 123 26.28 -5.13 0.03
C PRO A 123 26.93 -5.83 -1.16
N SER A 124 26.62 -7.12 -1.30
CA SER A 124 27.30 -7.95 -2.30
C SER A 124 26.83 -7.60 -3.71
N VAL A 125 25.55 -7.78 -3.97
CA VAL A 125 24.96 -7.34 -5.24
C VAL A 125 24.22 -6.05 -4.98
N LYS A 126 24.10 -5.24 -6.03
CA LYS A 126 23.77 -3.82 -5.89
C LYS A 126 22.28 -3.55 -5.70
N ASN A 127 21.44 -4.57 -5.54
CA ASN A 127 20.01 -4.36 -5.39
C ASN A 127 19.51 -4.70 -3.99
N GLN A 128 19.78 -5.90 -3.50
CA GLN A 128 19.27 -6.31 -2.20
C GLN A 128 20.24 -5.90 -1.09
N GLN A 129 19.72 -5.86 0.14
CA GLN A 129 20.46 -5.29 1.26
C GLN A 129 21.58 -6.22 1.71
N LEU A 130 21.26 -7.48 1.95
CA LEU A 130 22.20 -8.48 2.43
C LEU A 130 22.19 -9.68 1.48
N PRO A 131 23.29 -10.46 1.40
CA PRO A 131 24.57 -10.57 2.12
C PRO A 131 25.52 -9.39 1.99
N LEU A 132 26.24 -9.11 3.08
CA LEU A 132 27.22 -8.05 3.12
C LEU A 132 28.60 -8.59 2.81
N THR A 133 29.49 -7.73 2.32
CA THR A 133 30.83 -8.13 1.89
C THR A 133 31.87 -7.28 2.60
N VAL A 134 32.48 -7.82 3.65
CA VAL A 134 33.54 -7.11 4.34
C VAL A 134 34.87 -7.33 3.62
N SER A 135 35.84 -6.48 3.92
CA SER A 135 37.15 -6.56 3.28
C SER A 135 38.18 -5.89 4.18
N TYR A 136 39.44 -6.07 3.82
CA TYR A 136 40.59 -5.55 4.55
C TYR A 136 41.83 -5.69 3.67
N VAL A 137 42.68 -4.68 3.67
CA VAL A 137 43.95 -4.73 2.97
C VAL A 137 45.08 -4.79 3.98
N GLY A 138 46.12 -5.54 3.65
CA GLY A 138 47.24 -5.76 4.55
C GLY A 138 48.56 -5.59 3.84
N GLN A 139 49.54 -6.35 4.32
CA GLN A 139 50.87 -6.36 3.74
C GLN A 139 51.34 -7.74 3.32
N THR A 140 50.81 -8.79 3.92
CA THR A 140 51.08 -10.16 3.52
C THR A 140 49.77 -10.87 3.22
N ALA A 141 49.87 -12.05 2.62
CA ALA A 141 48.68 -12.84 2.33
C ALA A 141 48.12 -13.47 3.60
N GLU A 142 49.01 -14.01 4.45
CA GLU A 142 48.56 -14.61 5.70
C GLU A 142 48.16 -13.55 6.71
N GLY A 143 48.90 -12.44 6.77
CA GLY A 143 48.64 -11.40 7.73
C GLY A 143 47.48 -10.47 7.42
N ALA A 144 46.80 -10.66 6.30
CA ALA A 144 45.59 -9.92 5.99
C ALA A 144 44.33 -10.76 6.11
N GLN A 145 44.47 -12.06 6.33
CA GLN A 145 43.36 -12.95 6.65
C GLN A 145 43.19 -13.15 8.14
N MET A 146 44.30 -13.28 8.86
CA MET A 146 44.28 -13.33 10.33
C MET A 146 43.76 -12.02 10.90
N LYS A 147 44.12 -10.90 10.29
CA LYS A 147 43.69 -9.60 10.79
C LYS A 147 42.22 -9.34 10.52
N LEU A 148 41.66 -9.93 9.45
CA LEU A 148 40.24 -9.75 9.17
C LEU A 148 39.39 -10.63 10.06
N ALA A 149 39.81 -11.87 10.30
CA ALA A 149 39.07 -12.76 11.19
C ALA A 149 39.18 -12.34 12.65
N GLN A 150 40.15 -11.48 12.98
CA GLN A 150 40.20 -10.88 14.31
C GLN A 150 39.24 -9.71 14.41
N TYR A 151 39.18 -8.88 13.36
CA TYR A 151 38.32 -7.70 13.39
C TYR A 151 36.85 -8.05 13.20
N ILE A 152 36.54 -9.24 12.70
CA ILE A 152 35.15 -9.69 12.71
C ILE A 152 34.75 -10.11 14.11
N GLN A 153 35.63 -10.86 14.80
CA GLN A 153 35.36 -11.27 16.17
C GLN A 153 35.45 -10.12 17.16
N GLN A 154 36.09 -9.01 16.79
CA GLN A 154 36.16 -7.87 17.69
C GLN A 154 34.84 -7.11 17.73
N VAL A 155 34.20 -6.93 16.57
CA VAL A 155 32.88 -6.30 16.55
C VAL A 155 31.82 -7.26 17.07
N ASP A 156 32.03 -8.57 16.89
CA ASP A 156 31.05 -9.54 17.37
C ASP A 156 31.06 -9.64 18.88
N ASP A 157 32.21 -9.43 19.52
CA ASP A 157 32.26 -9.42 20.98
C ASP A 157 31.87 -8.08 21.57
N LYS A 158 31.68 -7.05 20.75
CA LYS A 158 31.14 -5.78 21.21
C LYS A 158 29.62 -5.76 21.12
N VAL A 159 29.05 -6.38 20.09
CA VAL A 159 27.60 -6.47 19.96
C VAL A 159 27.02 -7.47 20.95
N ASN A 160 27.73 -8.59 21.16
CA ASN A 160 27.22 -9.63 22.05
C ASN A 160 27.29 -9.19 23.52
N GLN A 161 28.19 -8.27 23.86
CA GLN A 161 28.22 -7.75 25.22
C GLN A 161 27.35 -6.52 25.38
N GLU A 162 26.92 -5.89 24.29
CA GLU A 162 25.96 -4.80 24.35
C GLU A 162 24.52 -5.29 24.24
N LEU A 163 24.30 -6.60 24.26
CA LEU A 163 22.97 -7.18 24.25
C LEU A 163 22.69 -8.05 25.46
N GLU A 164 23.70 -8.74 26.01
CA GLU A 164 23.51 -9.38 27.30
C GLU A 164 23.45 -8.36 28.43
N LYS A 165 24.12 -7.22 28.26
CA LYS A 165 23.96 -6.13 29.21
C LYS A 165 22.61 -5.43 29.02
N ASP A 166 22.09 -5.45 27.80
CA ASP A 166 20.80 -4.80 27.54
C ASP A 166 19.64 -5.67 28.00
N LEU A 167 19.77 -6.99 27.87
CA LEU A 167 18.71 -7.88 28.32
C LEU A 167 18.64 -7.97 29.83
N LYS A 168 19.76 -7.79 30.53
CA LYS A 168 19.73 -7.80 31.98
C LYS A 168 19.11 -6.54 32.56
N ASP A 169 19.17 -5.42 31.84
CA ASP A 169 18.47 -4.21 32.23
C ASP A 169 17.02 -4.20 31.78
N ASN A 170 16.62 -5.15 30.95
CA ASN A 170 15.22 -5.30 30.55
C ASN A 170 14.49 -6.33 31.37
N ILE A 171 15.17 -7.38 31.82
CA ILE A 171 14.52 -8.40 32.64
C ILE A 171 14.39 -7.94 34.07
N ALA A 172 15.46 -7.35 34.64
CA ALA A 172 15.42 -6.87 36.02
C ALA A 172 14.54 -5.64 36.18
N LEU A 173 14.20 -4.95 35.09
CA LEU A 173 13.19 -3.92 35.11
C LEU A 173 11.83 -4.42 34.65
N GLY A 174 11.79 -5.55 33.94
CA GLY A 174 10.52 -6.12 33.53
C GLY A 174 9.83 -6.89 34.63
N ARG A 175 10.59 -7.38 35.61
CA ARG A 175 10.01 -8.02 36.77
C ARG A 175 9.77 -7.04 37.91
N LYS A 176 10.01 -5.75 37.68
CA LYS A 176 9.63 -4.70 38.60
C LYS A 176 8.30 -4.06 38.22
N ASN A 177 7.99 -3.99 36.94
CA ASN A 177 6.68 -3.58 36.47
C ASN A 177 5.66 -4.71 36.50
N LEU A 178 6.06 -5.91 36.92
CA LEU A 178 5.12 -6.99 37.18
C LEU A 178 4.93 -7.25 38.66
N GLN A 179 5.95 -7.07 39.48
CA GLN A 179 5.76 -7.15 40.93
C GLN A 179 4.96 -5.96 41.44
N ASP A 180 4.97 -4.85 40.70
CA ASP A 180 4.08 -3.74 41.02
C ASP A 180 2.66 -4.02 40.54
N SER A 181 2.51 -4.62 39.36
CA SER A 181 1.21 -4.92 38.79
C SER A 181 0.53 -6.12 39.43
N LEU A 182 1.18 -6.79 40.37
CA LEU A 182 0.51 -7.74 41.26
C LEU A 182 0.16 -7.13 42.61
N ARG A 183 0.62 -5.92 42.89
CA ARG A 183 0.27 -5.22 44.12
C ARG A 183 -0.94 -4.31 43.92
N THR A 184 -1.02 -3.63 42.78
CA THR A 184 -2.19 -2.82 42.47
C THR A 184 -3.36 -3.67 42.00
N GLN A 185 -3.12 -4.89 41.56
CA GLN A 185 -4.18 -5.81 41.18
C GLN A 185 -4.68 -6.62 42.37
N GLU A 186 -3.98 -6.56 43.50
CA GLU A 186 -4.43 -7.20 44.72
C GLU A 186 -5.25 -6.26 45.60
N VAL A 187 -4.97 -4.95 45.54
CA VAL A 187 -5.78 -4.00 46.30
C VAL A 187 -7.13 -3.80 45.63
N VAL A 188 -7.22 -3.99 44.31
CA VAL A 188 -8.50 -4.04 43.64
C VAL A 188 -9.27 -5.29 44.06
N ALA A 189 -8.56 -6.40 44.22
CA ALA A 189 -9.18 -7.66 44.64
C ALA A 189 -9.58 -7.67 46.11
N GLN A 190 -9.21 -6.65 46.89
CA GLN A 190 -9.74 -6.50 48.23
C GLN A 190 -10.81 -5.42 48.33
N GLU A 191 -10.87 -4.52 47.35
CA GLU A 191 -12.02 -3.63 47.25
C GLU A 191 -13.26 -4.41 46.81
N GLN A 192 -13.08 -5.49 46.06
CA GLN A 192 -14.20 -6.38 45.77
C GLN A 192 -14.55 -7.24 46.96
N LYS A 193 -13.56 -7.63 47.77
CA LYS A 193 -13.84 -8.43 48.95
C LYS A 193 -14.51 -7.61 50.03
N ASP A 194 -14.13 -6.34 50.17
CA ASP A 194 -14.76 -5.47 51.15
C ASP A 194 -16.17 -5.07 50.73
N LEU A 195 -16.51 -5.21 49.45
CA LEU A 195 -17.88 -5.04 49.01
C LEU A 195 -18.68 -6.32 49.22
N ARG A 196 -18.03 -7.48 49.11
CA ARG A 196 -18.73 -8.73 49.32
C ARG A 196 -19.07 -8.96 50.79
N ILE A 197 -18.24 -8.44 51.71
CA ILE A 197 -18.60 -8.47 53.13
C ILE A 197 -19.75 -7.52 53.39
N ARG A 198 -19.80 -6.40 52.68
CA ARG A 198 -20.88 -5.45 52.86
C ARG A 198 -22.18 -5.96 52.26
N GLN A 199 -22.11 -6.76 51.19
CA GLN A 199 -23.31 -7.40 50.67
C GLN A 199 -23.82 -8.48 51.60
N ILE A 200 -22.91 -9.17 52.30
CA ILE A 200 -23.30 -10.17 53.28
C ILE A 200 -23.87 -9.50 54.52
N GLN A 201 -23.28 -8.36 54.92
CA GLN A 201 -23.72 -7.66 56.13
C GLN A 201 -25.11 -7.06 55.97
N GLU A 202 -25.52 -6.74 54.74
CA GLU A 202 -26.89 -6.32 54.51
C GLU A 202 -27.83 -7.50 54.41
N ALA A 203 -27.37 -8.63 53.86
CA ALA A 203 -28.21 -9.81 53.73
C ALA A 203 -28.46 -10.50 55.05
N LEU A 204 -27.74 -10.15 56.11
CA LEU A 204 -28.09 -10.63 57.44
C LEU A 204 -29.33 -9.93 57.97
N GLN A 205 -29.56 -8.68 57.55
CA GLN A 205 -30.74 -7.95 57.99
C GLN A 205 -32.00 -8.42 57.28
N TYR A 206 -31.88 -8.89 56.03
CA TYR A 206 -33.04 -9.44 55.34
C TYR A 206 -33.41 -10.80 55.92
N ALA A 207 -32.42 -11.62 56.23
CA ALA A 207 -32.65 -12.95 56.78
C ALA A 207 -33.00 -12.94 58.26
N ASN A 208 -32.92 -11.79 58.93
CA ASN A 208 -33.37 -11.67 60.30
C ASN A 208 -34.83 -11.30 60.42
N GLN A 209 -35.39 -10.67 59.39
CA GLN A 209 -36.81 -10.31 59.38
C GLN A 209 -37.66 -11.39 58.71
N ALA A 210 -37.14 -12.00 57.64
CA ALA A 210 -37.84 -13.09 56.98
C ALA A 210 -37.73 -14.41 57.73
N GLN A 211 -36.90 -14.46 58.77
CA GLN A 211 -36.69 -15.63 59.64
C GLN A 211 -36.22 -16.85 58.85
N VAL A 212 -35.09 -16.69 58.18
CA VAL A 212 -34.43 -17.78 57.48
C VAL A 212 -33.17 -18.14 58.24
N THR A 213 -33.21 -19.24 58.99
CA THR A 213 -32.05 -19.65 59.78
C THR A 213 -31.23 -20.73 59.09
N LYS A 214 -31.83 -21.81 58.76
CA LYS A 214 -31.16 -22.85 58.00
C LYS A 214 -31.11 -22.45 56.53
N PRO A 215 -30.13 -22.95 55.77
CA PRO A 215 -30.07 -22.60 54.34
C PRO A 215 -31.22 -23.18 53.55
N GLN A 216 -31.84 -22.34 52.71
CA GLN A 216 -32.91 -22.76 51.83
C GLN A 216 -32.43 -23.00 50.41
N ILE A 217 -31.21 -22.56 50.08
CA ILE A 217 -30.63 -22.84 48.78
C ILE A 217 -30.24 -24.31 48.68
N GLN A 218 -30.67 -24.97 47.62
CA GLN A 218 -30.22 -26.31 47.31
C GLN A 218 -28.98 -26.30 46.41
N GLN A 219 -28.79 -25.24 45.63
CA GLN A 219 -27.74 -25.13 44.63
C GLN A 219 -27.71 -23.69 44.12
N THR A 220 -26.63 -23.35 43.42
CA THR A 220 -26.61 -22.15 42.58
C THR A 220 -25.67 -22.42 41.42
N GLY A 221 -26.17 -22.22 40.20
CA GLY A 221 -25.38 -22.42 39.00
C GLY A 221 -24.36 -21.35 38.68
N GLU A 222 -24.42 -20.23 39.40
CA GLU A 222 -23.44 -19.15 39.26
C GLU A 222 -23.12 -18.69 40.67
N ASP A 223 -22.45 -17.53 40.77
CA ASP A 223 -22.27 -16.90 42.07
C ASP A 223 -23.59 -16.29 42.52
N ILE A 224 -23.77 -16.22 43.83
CA ILE A 224 -25.01 -15.70 44.40
C ILE A 224 -24.95 -14.18 44.38
N THR A 225 -26.03 -13.54 43.91
CA THR A 225 -26.06 -12.09 43.76
C THR A 225 -26.49 -11.43 45.07
N GLN A 226 -26.79 -10.13 45.01
CA GLN A 226 -27.11 -9.38 46.22
C GLN A 226 -28.49 -9.73 46.75
N ASP A 227 -29.46 -9.95 45.86
CA ASP A 227 -30.85 -10.12 46.28
C ASP A 227 -31.10 -11.51 46.87
N THR A 228 -30.58 -12.55 46.24
CA THR A 228 -30.80 -13.93 46.69
C THR A 228 -29.72 -14.41 47.66
N LEU A 229 -28.98 -13.50 48.28
CA LEU A 229 -27.93 -13.87 49.22
C LEU A 229 -28.48 -14.20 50.60
N PHE A 230 -29.68 -13.75 50.94
CA PHE A 230 -30.26 -14.00 52.25
C PHE A 230 -30.79 -15.41 52.41
N LEU A 231 -30.80 -16.21 51.34
CA LEU A 231 -31.33 -17.56 51.44
C LEU A 231 -30.32 -18.54 52.03
N LEU A 232 -29.09 -18.08 52.27
CA LEU A 232 -28.10 -18.94 52.93
C LEU A 232 -28.40 -19.09 54.42
N GLY A 233 -29.14 -18.15 54.99
CA GLY A 233 -29.59 -18.29 56.35
C GLY A 233 -29.10 -17.20 57.29
N SER A 234 -29.72 -17.11 58.47
CA SER A 234 -29.24 -16.16 59.47
C SER A 234 -28.01 -16.68 60.19
N GLU A 235 -27.90 -18.01 60.33
CA GLU A 235 -26.78 -18.60 61.04
C GLU A 235 -25.53 -18.66 60.17
N ALA A 236 -25.68 -18.98 58.88
CA ALA A 236 -24.51 -19.10 58.01
C ALA A 236 -23.99 -17.76 57.54
N LEU A 237 -24.78 -16.69 57.66
CA LEU A 237 -24.30 -15.36 57.32
C LEU A 237 -23.69 -14.64 58.50
N GLU A 238 -23.94 -15.11 59.72
CA GLU A 238 -23.27 -14.56 60.89
C GLU A 238 -21.83 -15.05 61.01
N SER A 239 -21.48 -16.13 60.31
CA SER A 239 -20.11 -16.62 60.31
C SER A 239 -19.29 -16.08 59.15
N MET A 240 -19.93 -15.54 58.12
CA MET A 240 -19.20 -14.86 57.06
C MET A 240 -18.83 -13.43 57.44
N ILE A 241 -19.35 -12.93 58.55
CA ILE A 241 -18.97 -11.63 59.08
C ILE A 241 -18.02 -11.76 60.26
N LYS A 242 -18.21 -12.80 61.08
CA LYS A 242 -17.30 -13.04 62.20
C LYS A 242 -15.93 -13.49 61.72
N HIS A 243 -15.88 -14.35 60.72
CA HIS A 243 -14.63 -14.75 60.08
C HIS A 243 -14.49 -13.95 58.79
N GLU A 244 -14.16 -12.68 58.94
CA GLU A 244 -14.04 -11.75 57.82
C GLU A 244 -12.61 -11.51 57.39
N ALA A 245 -11.69 -11.29 58.34
CA ALA A 245 -10.30 -11.01 58.00
C ALA A 245 -9.57 -12.24 57.48
N THR A 246 -10.07 -13.45 57.77
CA THR A 246 -9.47 -14.68 57.28
C THR A 246 -10.16 -15.22 56.04
N ARG A 247 -11.18 -14.55 55.54
CA ARG A 247 -11.87 -15.00 54.33
C ARG A 247 -10.97 -14.71 53.13
N PRO A 248 -10.67 -15.70 52.28
CA PRO A 248 -9.66 -15.50 51.25
C PRO A 248 -10.17 -14.68 50.07
N LEU A 249 -9.25 -13.94 49.48
CA LEU A 249 -9.55 -13.17 48.29
C LEU A 249 -9.77 -14.08 47.10
N VAL A 250 -10.49 -13.58 46.12
CA VAL A 250 -10.66 -14.27 44.84
C VAL A 250 -9.98 -13.43 43.78
N PHE A 251 -9.31 -14.09 42.85
CA PHE A 251 -8.48 -13.43 41.86
C PHE A 251 -8.99 -13.73 40.45
N SER A 252 -9.06 -12.69 39.64
CA SER A 252 -9.51 -12.81 38.26
C SER A 252 -8.48 -13.59 37.45
N PRO A 253 -8.90 -14.23 36.34
CA PRO A 253 -7.95 -14.96 35.50
C PRO A 253 -6.95 -14.10 34.75
N ASN A 254 -7.03 -12.78 34.85
CA ASN A 254 -5.94 -11.93 34.38
C ASN A 254 -4.83 -11.81 35.40
N TYR A 255 -5.14 -12.03 36.69
CA TYR A 255 -4.10 -12.03 37.72
C TYR A 255 -3.19 -13.24 37.58
N TYR A 256 -3.77 -14.42 37.38
CA TYR A 256 -2.97 -15.63 37.21
C TYR A 256 -2.27 -15.68 35.86
N GLN A 257 -2.66 -14.84 34.90
CA GLN A 257 -1.89 -14.70 33.67
C GLN A 257 -0.64 -13.86 33.91
N THR A 258 -0.77 -12.74 34.61
CA THR A 258 0.40 -11.92 34.90
C THR A 258 1.18 -12.40 36.12
N ARG A 259 0.70 -13.42 36.81
CA ARG A 259 1.51 -14.13 37.80
C ARG A 259 2.35 -15.19 37.11
N GLN A 260 1.79 -15.88 36.11
CA GLN A 260 2.55 -16.80 35.29
C GLN A 260 3.51 -16.06 34.36
N ASN A 261 3.25 -14.80 34.06
CA ASN A 261 4.17 -14.00 33.26
C ASN A 261 5.34 -13.47 34.07
N LEU A 262 5.25 -13.49 35.40
CA LEU A 262 6.36 -13.12 36.27
C LEU A 262 7.28 -14.30 36.55
N LEU A 263 6.71 -15.50 36.66
CA LEU A 263 7.53 -16.69 36.81
C LEU A 263 8.26 -17.06 35.52
N ASP A 264 7.78 -16.60 34.37
CA ASP A 264 8.50 -16.84 33.12
C ASP A 264 9.62 -15.82 32.94
N ILE A 265 9.51 -14.65 33.56
CA ILE A 265 10.55 -13.64 33.44
C ILE A 265 11.59 -13.78 34.55
N GLU A 266 11.31 -14.58 35.57
CA GLU A 266 12.29 -14.89 36.60
C GLU A 266 13.09 -16.16 36.30
N SER A 267 12.64 -16.97 35.35
CA SER A 267 13.24 -18.28 35.14
C SER A 267 14.26 -18.31 34.02
N LEU A 268 14.17 -17.40 33.05
CA LEU A 268 15.09 -17.42 31.93
C LEU A 268 16.44 -16.85 32.33
N LYS A 269 17.49 -17.41 31.75
CA LYS A 269 18.87 -17.08 32.09
C LYS A 269 19.57 -16.48 30.89
N VAL A 270 20.33 -15.42 31.12
CA VAL A 270 21.00 -14.70 30.05
C VAL A 270 22.46 -15.11 29.93
N ASP A 271 23.02 -15.75 30.96
CA ASP A 271 24.43 -16.17 30.92
C ASP A 271 24.65 -17.29 29.92
N ASP A 272 23.82 -18.33 29.97
CA ASP A 272 23.91 -19.43 29.01
C ASP A 272 23.18 -19.15 27.70
N LEU A 273 22.61 -17.97 27.53
CA LEU A 273 21.93 -17.63 26.29
C LEU A 273 22.94 -17.09 25.29
N ASP A 274 22.95 -17.68 24.10
CA ASP A 274 23.94 -17.36 23.07
C ASP A 274 23.30 -16.45 22.03
N ILE A 275 23.92 -15.28 21.81
CA ILE A 275 23.50 -14.33 20.79
C ILE A 275 24.58 -14.29 19.72
N HIS A 276 24.17 -14.43 18.47
CA HIS A 276 25.08 -14.33 17.33
C HIS A 276 24.48 -13.36 16.33
N ALA A 277 25.23 -12.30 16.03
CA ALA A 277 24.73 -11.19 15.20
C ALA A 277 25.07 -11.34 13.74
N TYR A 278 25.64 -12.47 13.33
CA TYR A 278 26.11 -12.66 11.96
C TYR A 278 26.31 -14.14 11.71
N ARG A 279 26.38 -14.50 10.42
CA ARG A 279 26.62 -15.88 10.02
C ARG A 279 27.53 -15.90 8.79
N TYR A 280 28.61 -16.66 8.88
CA TYR A 280 29.51 -16.85 7.73
C TYR A 280 28.82 -17.67 6.64
N VAL A 281 28.64 -17.06 5.47
CA VAL A 281 28.40 -17.84 4.25
C VAL A 281 29.69 -18.04 3.47
N MET A 282 30.76 -17.34 3.86
CA MET A 282 32.09 -17.57 3.29
C MET A 282 33.11 -17.14 4.33
N LYS A 283 33.97 -18.08 4.73
CA LYS A 283 35.04 -17.78 5.67
C LYS A 283 36.03 -16.79 5.03
N PRO A 284 36.72 -15.98 5.83
CA PRO A 284 37.64 -14.97 5.27
C PRO A 284 38.82 -15.63 4.55
N MET A 285 38.94 -15.33 3.27
CA MET A 285 39.90 -15.96 2.38
C MET A 285 41.30 -15.38 2.60
N LEU A 286 42.30 -16.11 2.11
CA LEU A 286 43.62 -15.55 1.94
C LEU A 286 43.91 -15.43 0.44
N PRO A 287 44.29 -14.25 -0.03
CA PRO A 287 44.37 -14.03 -1.48
C PRO A 287 45.62 -14.62 -2.09
N ILE A 288 45.52 -14.90 -3.38
CA ILE A 288 46.65 -15.39 -4.17
C ILE A 288 47.27 -14.28 -5.00
N ARG A 289 46.44 -13.43 -5.60
CA ARG A 289 46.91 -12.30 -6.39
C ARG A 289 46.79 -11.03 -5.58
N ARG A 290 47.89 -10.30 -5.45
CA ARG A 290 47.88 -9.04 -4.73
C ARG A 290 47.25 -7.95 -5.59
N ASP A 291 46.99 -6.80 -4.97
CA ASP A 291 46.30 -5.70 -5.63
C ASP A 291 47.25 -4.64 -6.17
N SER A 292 48.37 -4.39 -5.48
CA SER A 292 49.37 -3.43 -5.88
C SER A 292 50.67 -3.80 -5.19
N PRO A 293 51.83 -3.63 -5.84
CA PRO A 293 52.03 -3.20 -7.23
C PRO A 293 51.97 -4.36 -8.22
N LYS A 294 51.37 -4.12 -9.38
CA LYS A 294 51.27 -5.13 -10.42
C LYS A 294 52.48 -5.00 -11.34
N LYS A 295 53.19 -6.11 -11.56
CA LYS A 295 54.42 -6.08 -12.34
C LYS A 295 54.19 -5.82 -13.83
N ALA A 296 52.99 -6.09 -14.33
CA ALA A 296 52.75 -5.95 -15.76
C ALA A 296 52.56 -4.50 -16.19
N ILE A 297 51.66 -3.77 -15.52
CA ILE A 297 51.30 -2.43 -15.95
C ILE A 297 52.38 -1.42 -15.54
N THR A 298 53.19 -1.75 -14.53
CA THR A 298 54.20 -0.83 -14.03
C THR A 298 55.40 -0.75 -14.96
N LEU A 299 55.50 -1.65 -15.95
CA LEU A 299 56.56 -1.57 -16.94
C LEU A 299 56.07 -1.11 -18.29
N ILE A 300 54.81 -1.41 -18.64
CA ILE A 300 54.21 -0.84 -19.84
C ILE A 300 54.04 0.66 -19.68
N LEU A 301 53.68 1.11 -18.47
CA LEU A 301 53.63 2.53 -18.17
C LEU A 301 54.99 3.11 -17.80
N ALA A 302 56.07 2.34 -17.93
CA ALA A 302 57.43 2.84 -17.78
C ALA A 302 58.15 2.98 -19.11
N VAL A 303 57.94 2.03 -20.03
CA VAL A 303 58.46 2.17 -21.38
C VAL A 303 57.80 3.32 -22.14
N LEU A 304 56.47 3.44 -22.00
CA LEU A 304 55.74 4.52 -22.66
C LEU A 304 55.99 5.87 -21.98
N LEU A 305 56.37 5.83 -20.70
CA LEU A 305 56.74 7.07 -20.03
C LEU A 305 58.17 7.41 -20.40
N GLY A 306 59.04 6.40 -20.47
CA GLY A 306 60.43 6.63 -20.82
C GLY A 306 60.64 7.03 -22.27
N GLY A 307 59.70 6.70 -23.15
CA GLY A 307 59.78 7.10 -24.53
C GLY A 307 59.32 8.52 -24.77
N MET A 308 58.28 8.94 -24.05
CA MET A 308 57.76 10.29 -24.23
C MET A 308 58.67 11.34 -23.59
N VAL A 309 59.41 10.97 -22.55
CA VAL A 309 60.40 11.91 -22.01
C VAL A 309 61.64 11.91 -22.90
N GLY A 310 61.89 10.81 -23.61
CA GLY A 310 62.99 10.78 -24.56
C GLY A 310 62.68 11.49 -25.85
N ALA A 311 61.40 11.48 -26.26
CA ALA A 311 61.00 12.19 -27.47
C ALA A 311 61.08 13.69 -27.28
N GLY A 312 60.91 14.18 -26.06
CA GLY A 312 61.12 15.59 -25.78
C GLY A 312 62.58 15.99 -25.80
N ILE A 313 63.47 15.03 -25.57
CA ILE A 313 64.90 15.33 -25.59
C ILE A 313 65.42 15.37 -27.03
N VAL A 314 65.03 14.40 -27.86
CA VAL A 314 65.49 14.36 -29.24
C VAL A 314 64.84 15.45 -30.08
N LEU A 315 63.67 15.93 -29.69
CA LEU A 315 63.08 17.12 -30.31
C LEU A 315 63.60 18.40 -29.67
N GLY A 316 63.99 18.34 -28.40
CA GLY A 316 64.49 19.53 -27.72
C GLY A 316 65.89 19.92 -28.15
N ARG A 317 66.74 18.92 -28.43
CA ARG A 317 68.09 19.19 -28.90
C ARG A 317 68.16 19.44 -30.40
N ASN A 318 67.03 19.40 -31.10
CA ASN A 318 66.99 19.70 -32.52
C ASN A 318 66.24 20.99 -32.84
N ALA A 319 65.08 21.22 -32.21
CA ALA A 319 64.34 22.45 -32.46
C ALA A 319 65.03 23.67 -31.87
N LEU A 320 65.73 23.51 -30.75
CA LEU A 320 66.54 24.59 -30.21
C LEU A 320 67.74 24.86 -31.09
N ARG A 321 68.28 23.81 -31.73
CA ARG A 321 69.33 24.01 -32.71
C ARG A 321 68.78 24.65 -33.99
N ASN A 322 67.52 24.38 -34.32
CA ASN A 322 66.90 25.05 -35.46
C ASN A 322 66.56 26.50 -35.13
N TYR A 323 66.27 26.79 -33.85
CA TYR A 323 65.89 28.15 -33.46
C TYR A 323 67.11 29.06 -33.31
N ASN A 324 68.22 28.56 -32.80
CA ASN A 324 69.41 29.37 -32.61
C ASN A 324 70.11 29.56 -33.95
N ALA A 325 70.37 30.83 -34.30
CA ALA A 325 71.15 31.25 -35.47
C ALA A 325 70.51 30.76 -36.78
N LYS A 326 69.33 31.29 -37.06
CA LYS A 326 68.66 31.07 -38.35
C LYS A 326 69.51 31.62 -39.50
N ASP B 19 39.01 11.11 -51.20
CA ASP B 19 40.36 11.26 -51.75
C ASP B 19 40.39 10.58 -53.12
N LEU B 20 41.30 11.03 -54.00
CA LEU B 20 41.32 10.58 -55.38
C LEU B 20 42.03 9.23 -55.50
N ILE B 21 42.26 8.81 -56.75
CA ILE B 21 42.90 7.52 -57.03
C ILE B 21 44.41 7.64 -57.18
N ASP B 22 45.00 8.74 -56.73
CA ASP B 22 46.43 8.99 -56.89
C ASP B 22 47.31 8.01 -56.13
N LEU B 23 46.81 7.43 -55.04
CA LEU B 23 47.58 6.46 -54.27
C LEU B 23 47.10 5.03 -54.45
N LEU B 24 45.97 4.80 -55.12
CA LEU B 24 45.47 3.45 -55.36
C LEU B 24 46.14 2.78 -56.57
N VAL B 25 47.30 3.30 -56.94
CA VAL B 25 48.13 2.67 -58.00
C VAL B 25 49.35 1.96 -57.41
N GLN B 26 49.90 2.52 -56.33
CA GLN B 26 51.08 1.91 -55.65
C GLN B 26 50.68 0.59 -54.95
N LEU B 27 49.43 0.52 -54.50
CA LEU B 27 48.97 -0.72 -53.83
C LEU B 27 49.11 -1.76 -54.95
N TRP B 28 48.61 -1.45 -56.14
CA TRP B 28 48.77 -2.40 -57.27
C TRP B 28 50.27 -2.52 -57.58
N ARG B 29 50.99 -1.40 -57.54
CA ARG B 29 52.44 -1.37 -57.87
C ARG B 29 53.16 -2.32 -56.91
N GLY B 30 52.83 -2.25 -55.63
CA GLY B 30 53.37 -3.16 -54.60
C GLY B 30 52.46 -4.37 -54.43
N LYS B 31 52.30 -5.18 -55.47
CA LYS B 31 51.41 -6.38 -55.38
C LYS B 31 51.92 -7.54 -54.52
N MET B 32 53.15 -7.99 -54.74
CA MET B 32 53.72 -9.10 -53.93
C MET B 32 53.88 -8.69 -52.46
N THR B 33 54.22 -7.43 -52.19
CA THR B 33 54.49 -7.01 -50.82
C THR B 33 53.20 -6.99 -50.00
N ILE B 34 52.03 -7.06 -50.63
CA ILE B 34 50.79 -7.16 -49.89
C ILE B 34 50.44 -8.62 -49.62
N ILE B 35 50.65 -9.49 -50.62
CA ILE B 35 50.35 -10.91 -50.48
C ILE B 35 51.30 -11.56 -49.49
N ILE B 36 52.56 -11.11 -49.46
CA ILE B 36 53.52 -11.67 -48.51
C ILE B 36 53.28 -11.12 -47.10
N SER B 37 52.49 -10.05 -46.96
CA SER B 37 52.12 -9.56 -45.64
C SER B 37 50.77 -10.10 -45.18
N VAL B 38 50.04 -10.79 -46.04
CA VAL B 38 48.78 -11.42 -45.66
C VAL B 38 48.98 -12.89 -45.32
N ILE B 39 49.83 -13.57 -46.09
CA ILE B 39 50.15 -14.98 -45.83
C ILE B 39 50.91 -15.12 -44.51
N VAL B 40 51.74 -14.13 -44.17
CA VAL B 40 52.42 -14.14 -42.88
C VAL B 40 51.44 -13.88 -41.73
N ALA B 41 50.29 -13.25 -42.01
CA ALA B 41 49.28 -13.08 -40.97
C ALA B 41 48.47 -14.35 -40.75
N ILE B 42 48.19 -15.09 -41.83
CA ILE B 42 47.52 -16.38 -41.70
C ILE B 42 48.47 -17.40 -41.07
N ALA B 43 49.78 -17.23 -41.27
CA ALA B 43 50.75 -18.13 -40.66
C ALA B 43 50.86 -17.95 -39.16
N LEU B 44 50.49 -16.77 -38.63
CA LEU B 44 50.35 -16.60 -37.19
C LEU B 44 48.92 -16.79 -36.71
N ALA B 45 47.92 -16.63 -37.59
CA ALA B 45 46.55 -16.87 -37.17
C ALA B 45 46.27 -18.35 -37.02
N ILE B 46 46.71 -19.17 -37.98
CA ILE B 46 46.53 -20.61 -37.86
C ILE B 46 47.43 -21.18 -36.77
N GLY B 47 48.63 -20.60 -36.61
CA GLY B 47 49.50 -20.95 -35.49
C GLY B 47 48.94 -20.57 -34.14
N TYR B 48 48.05 -19.57 -34.09
CA TYR B 48 47.38 -19.24 -32.85
C TYR B 48 46.29 -20.26 -32.53
N LEU B 49 45.74 -20.92 -33.55
CA LEU B 49 44.70 -21.92 -33.37
C LEU B 49 45.25 -23.32 -33.15
N ALA B 50 46.47 -23.44 -32.63
CA ALA B 50 47.01 -24.73 -32.21
C ALA B 50 47.59 -24.66 -30.81
N VAL B 51 47.58 -23.49 -30.18
CA VAL B 51 48.11 -23.32 -28.83
C VAL B 51 47.05 -22.73 -27.92
N ALA B 52 46.04 -22.10 -28.51
CA ALA B 52 44.99 -21.45 -27.72
C ALA B 52 44.05 -22.50 -27.15
N LYS B 53 43.88 -22.48 -25.83
CA LYS B 53 42.95 -23.39 -25.20
C LYS B 53 41.51 -22.90 -25.38
N GLU B 54 40.60 -23.85 -25.52
CA GLU B 54 39.23 -23.54 -25.86
C GLU B 54 38.36 -23.48 -24.60
N LYS B 55 37.15 -22.95 -24.76
CA LYS B 55 36.28 -22.62 -23.62
C LYS B 55 34.85 -22.98 -23.97
N TRP B 56 34.37 -24.09 -23.40
CA TRP B 56 33.01 -24.56 -23.61
C TRP B 56 32.15 -24.17 -22.42
N THR B 57 30.96 -23.66 -22.70
CA THR B 57 30.08 -23.11 -21.67
C THR B 57 28.87 -24.02 -21.46
N SER B 58 28.68 -24.46 -20.22
CA SER B 58 27.47 -25.18 -19.84
C SER B 58 26.45 -24.22 -19.23
N THR B 59 25.23 -24.72 -19.09
CA THR B 59 24.13 -23.89 -18.59
C THR B 59 23.08 -24.81 -17.97
N ALA B 60 22.73 -24.54 -16.72
CA ALA B 60 21.58 -25.16 -16.08
C ALA B 60 20.69 -24.06 -15.54
N ILE B 61 19.39 -24.34 -15.49
CA ILE B 61 18.40 -23.38 -15.02
C ILE B 61 17.74 -23.96 -13.79
N ILE B 62 17.84 -23.24 -12.67
CA ILE B 62 17.31 -23.71 -11.40
C ILE B 62 16.17 -22.80 -10.96
N THR B 63 15.34 -23.32 -10.06
CA THR B 63 14.14 -22.65 -9.59
C THR B 63 13.91 -23.17 -8.18
N GLN B 64 13.27 -22.33 -7.32
CA GLN B 64 12.80 -22.63 -5.97
C GLN B 64 12.08 -23.98 -5.92
N PRO B 65 12.25 -24.75 -4.85
CA PRO B 65 11.75 -26.13 -4.83
C PRO B 65 10.23 -26.19 -4.80
N ASP B 66 9.73 -27.39 -5.13
CA ASP B 66 8.29 -27.60 -5.18
C ASP B 66 7.68 -27.54 -3.79
N VAL B 67 6.36 -27.36 -3.76
CA VAL B 67 5.65 -27.22 -2.50
C VAL B 67 5.59 -28.56 -1.78
N GLY B 68 5.60 -29.66 -2.53
CA GLY B 68 5.60 -30.99 -1.96
C GLY B 68 6.96 -31.58 -1.68
N GLN B 69 8.03 -30.94 -2.14
CA GLN B 69 9.37 -31.42 -1.81
C GLN B 69 9.79 -30.98 -0.42
N ILE B 70 9.40 -29.78 0.00
CA ILE B 70 9.77 -29.24 1.29
C ILE B 70 8.64 -29.39 2.30
N ALA B 71 7.67 -30.26 2.03
CA ALA B 71 6.55 -30.43 2.94
C ALA B 71 6.94 -31.14 4.23
N GLY B 72 8.07 -31.83 4.24
CA GLY B 72 8.61 -32.37 5.48
C GLY B 72 9.28 -31.28 6.29
N TYR B 73 9.98 -30.38 5.58
CA TYR B 73 10.63 -29.27 6.25
C TYR B 73 9.64 -28.19 6.66
N ASN B 74 8.56 -28.03 5.90
CA ASN B 74 7.54 -27.03 6.26
C ASN B 74 6.75 -27.49 7.48
N ASN B 75 6.51 -28.79 7.61
CA ASN B 75 5.81 -29.30 8.79
C ASN B 75 6.69 -29.21 10.04
N ALA B 76 8.01 -29.20 9.86
CA ALA B 76 8.92 -28.96 10.97
C ALA B 76 8.79 -27.53 11.49
N MET B 77 8.58 -26.57 10.59
CA MET B 77 8.45 -25.18 10.98
C MET B 77 7.05 -24.81 11.45
N ASN B 78 6.04 -25.66 11.20
CA ASN B 78 4.71 -25.42 11.74
C ASN B 78 4.52 -26.01 13.13
N VAL B 79 5.36 -26.96 13.54
CA VAL B 79 5.29 -27.54 14.86
C VAL B 79 6.03 -26.69 15.89
N ILE B 80 7.24 -26.25 15.54
CA ILE B 80 8.06 -25.51 16.49
C ILE B 80 7.65 -24.05 16.61
N TYR B 81 6.83 -23.53 15.70
CA TYR B 81 6.45 -22.13 15.71
C TYR B 81 4.95 -21.89 15.80
N GLY B 82 4.12 -22.87 15.45
CA GLY B 82 2.68 -22.73 15.60
C GLY B 82 2.05 -21.78 14.62
N GLN B 83 1.55 -20.65 15.14
CA GLN B 83 0.82 -19.69 14.32
C GLN B 83 1.72 -18.63 13.69
N ALA B 84 2.92 -18.42 14.22
CA ALA B 84 3.86 -17.45 13.67
C ALA B 84 4.81 -18.07 12.65
N ALA B 85 4.47 -19.26 12.13
CA ALA B 85 5.29 -19.90 11.13
C ALA B 85 5.16 -19.17 9.79
N PRO B 86 6.23 -19.13 9.00
CA PRO B 86 6.14 -18.53 7.68
C PRO B 86 5.33 -19.39 6.72
N LYS B 87 4.74 -18.75 5.72
CA LYS B 87 3.95 -19.45 4.72
C LYS B 87 4.86 -20.27 3.82
N VAL B 88 4.25 -21.26 3.14
CA VAL B 88 5.02 -22.16 2.30
C VAL B 88 5.47 -21.45 1.01
N SER B 89 4.83 -20.35 0.64
CA SER B 89 5.31 -19.52 -0.45
C SER B 89 6.38 -18.54 0.00
N ASP B 90 6.64 -18.47 1.31
CA ASP B 90 7.75 -17.69 1.85
C ASP B 90 8.89 -18.57 2.31
N LEU B 91 8.65 -19.86 2.51
CA LEU B 91 9.72 -20.81 2.79
C LEU B 91 10.44 -21.24 1.52
N GLN B 92 9.91 -20.87 0.35
CA GLN B 92 10.59 -21.17 -0.90
C GLN B 92 11.52 -20.05 -1.35
N GLU B 93 11.21 -18.81 -1.00
CA GLU B 93 12.11 -17.70 -1.31
C GLU B 93 13.32 -17.66 -0.38
N THR B 94 13.23 -18.34 0.76
CA THR B 94 14.37 -18.45 1.67
C THR B 94 15.32 -19.55 1.25
N LEU B 95 14.77 -20.72 0.89
CA LEU B 95 15.60 -21.84 0.48
C LEU B 95 16.27 -21.63 -0.86
N ILE B 96 15.74 -20.74 -1.70
CA ILE B 96 16.46 -20.32 -2.89
C ILE B 96 17.28 -19.06 -2.62
N GLY B 97 16.99 -18.35 -1.53
CA GLY B 97 17.86 -17.28 -1.09
C GLY B 97 19.10 -17.78 -0.39
N ARG B 98 18.99 -18.93 0.27
CA ARG B 98 20.16 -19.57 0.87
C ARG B 98 21.00 -20.33 -0.15
N PHE B 99 20.51 -20.52 -1.36
CA PHE B 99 21.28 -21.14 -2.42
C PHE B 99 21.94 -20.11 -3.34
N SER B 100 21.19 -19.09 -3.76
CA SER B 100 21.73 -18.07 -4.66
C SER B 100 22.79 -17.20 -4.00
N SER B 101 22.83 -17.16 -2.66
CA SER B 101 23.90 -16.44 -1.97
C SER B 101 25.04 -17.35 -1.54
N ALA B 102 24.81 -18.67 -1.53
CA ALA B 102 25.89 -19.62 -1.29
C ALA B 102 26.50 -20.16 -2.58
N PHE B 103 25.82 -20.00 -3.71
CA PHE B 103 26.41 -20.34 -4.99
C PHE B 103 27.25 -19.20 -5.54
N SER B 104 26.85 -17.96 -5.26
CA SER B 104 27.68 -16.81 -5.59
C SER B 104 28.81 -16.59 -4.59
N ALA B 105 28.81 -17.32 -3.47
CA ALA B 105 29.95 -17.35 -2.58
C ALA B 105 30.91 -18.48 -2.91
N LEU B 106 30.48 -19.45 -3.73
CA LEU B 106 31.41 -20.38 -4.34
C LEU B 106 32.02 -19.78 -5.60
N ALA B 107 31.32 -18.84 -6.25
CA ALA B 107 31.84 -18.16 -7.42
C ALA B 107 33.03 -17.28 -7.12
N GLU B 108 33.19 -16.84 -5.87
CA GLU B 108 34.29 -15.95 -5.51
C GLU B 108 35.42 -16.67 -4.78
N THR B 109 35.25 -17.93 -4.40
CA THR B 109 36.34 -18.74 -3.91
C THR B 109 36.92 -19.64 -4.99
N LEU B 110 36.45 -19.50 -6.23
CA LEU B 110 37.07 -20.13 -7.38
C LEU B 110 37.94 -19.18 -8.18
N ASP B 111 37.87 -17.88 -7.90
CA ASP B 111 38.82 -16.93 -8.43
C ASP B 111 40.08 -16.83 -7.58
N ASN B 112 40.06 -17.38 -6.38
CA ASN B 112 41.25 -17.49 -5.54
C ASN B 112 42.02 -18.78 -5.79
N GLN B 113 41.76 -19.45 -6.91
CA GLN B 113 42.62 -20.52 -7.33
C GLN B 113 43.83 -19.93 -8.06
N GLU B 114 44.83 -20.78 -8.31
CA GLU B 114 45.97 -20.34 -9.09
C GLU B 114 45.57 -20.13 -10.55
N GLU B 115 44.72 -21.00 -11.08
CA GLU B 115 44.10 -20.82 -12.39
C GLU B 115 42.61 -20.65 -12.20
N ARG B 116 42.05 -19.58 -12.77
CA ARG B 116 40.68 -19.19 -12.47
C ARG B 116 39.68 -20.14 -13.14
N GLU B 117 38.55 -20.33 -12.47
CA GLU B 117 37.43 -21.10 -13.01
C GLU B 117 36.20 -20.20 -12.92
N LYS B 118 35.75 -19.69 -14.07
CA LYS B 118 34.60 -18.80 -14.07
C LYS B 118 33.31 -19.59 -13.86
N LEU B 119 32.49 -19.13 -12.93
CA LEU B 119 31.20 -19.74 -12.63
C LEU B 119 30.24 -18.65 -12.18
N THR B 120 29.13 -18.49 -12.88
CA THR B 120 28.23 -17.37 -12.66
C THR B 120 26.86 -17.86 -12.22
N ILE B 121 26.03 -16.89 -11.83
CA ILE B 121 24.62 -17.10 -11.55
C ILE B 121 23.89 -15.79 -11.80
N GLU B 122 22.73 -15.89 -12.44
CA GLU B 122 22.00 -14.70 -12.89
C GLU B 122 20.55 -15.07 -13.06
N PRO B 123 19.62 -14.10 -12.94
CA PRO B 123 18.24 -14.36 -13.32
C PRO B 123 18.12 -14.56 -14.82
N SER B 124 17.13 -15.38 -15.21
CA SER B 124 16.99 -15.78 -16.60
C SER B 124 16.49 -14.63 -17.46
N VAL B 125 15.30 -14.12 -17.17
CA VAL B 125 14.79 -12.94 -17.84
C VAL B 125 14.97 -11.76 -16.89
N LYS B 126 15.08 -10.57 -17.45
CA LYS B 126 15.64 -9.42 -16.75
C LYS B 126 14.64 -8.71 -15.85
N ASN B 127 13.43 -9.24 -15.65
CA ASN B 127 12.42 -8.59 -14.82
C ASN B 127 12.16 -9.35 -13.53
N GLN B 128 11.81 -10.63 -13.61
CA GLN B 128 11.47 -11.40 -12.41
C GLN B 128 12.73 -12.02 -11.80
N GLN B 129 12.60 -12.38 -10.52
CA GLN B 129 13.76 -12.79 -9.74
C GLN B 129 14.25 -14.18 -10.14
N LEU B 130 13.34 -15.16 -10.19
CA LEU B 130 13.65 -16.53 -10.52
C LEU B 130 12.77 -16.98 -11.68
N PRO B 131 13.20 -17.98 -12.48
CA PRO B 131 14.33 -18.93 -12.49
C PRO B 131 15.72 -18.33 -12.66
N LEU B 132 16.69 -18.94 -11.98
CA LEU B 132 18.08 -18.52 -12.05
C LEU B 132 18.81 -19.34 -13.10
N THR B 133 19.90 -18.79 -13.63
CA THR B 133 20.64 -19.41 -14.72
C THR B 133 22.11 -19.50 -14.33
N VAL B 134 22.53 -20.69 -13.89
CA VAL B 134 23.94 -20.90 -13.56
C VAL B 134 24.71 -21.23 -14.83
N SER B 135 26.04 -21.11 -14.75
CA SER B 135 26.90 -21.38 -15.89
C SER B 135 28.30 -21.72 -15.39
N TYR B 136 29.14 -22.17 -16.32
CA TYR B 136 30.51 -22.59 -16.06
C TYR B 136 31.22 -22.74 -17.39
N VAL B 137 32.47 -22.30 -17.46
CA VAL B 137 33.31 -22.49 -18.64
C VAL B 137 34.39 -23.49 -18.30
N GLY B 138 34.75 -24.32 -19.28
CA GLY B 138 35.72 -25.37 -19.08
C GLY B 138 36.72 -25.41 -20.23
N GLN B 139 37.20 -26.62 -20.50
CA GLN B 139 38.13 -26.86 -21.59
C GLN B 139 37.65 -27.91 -22.58
N THR B 140 36.76 -28.81 -22.16
CA THR B 140 36.14 -29.78 -23.04
C THR B 140 34.63 -29.66 -22.92
N ALA B 141 33.92 -30.31 -23.85
CA ALA B 141 32.47 -30.32 -23.80
C ALA B 141 31.96 -31.20 -22.68
N GLU B 142 32.55 -32.39 -22.54
CA GLU B 142 32.14 -33.30 -21.47
C GLU B 142 32.63 -32.83 -20.11
N GLY B 143 33.85 -32.29 -20.05
CA GLY B 143 34.44 -31.87 -18.80
C GLY B 143 33.95 -30.54 -18.26
N ALA B 144 33.05 -29.86 -18.96
CA ALA B 144 32.42 -28.65 -18.44
C ALA B 144 30.98 -28.86 -18.04
N GLN B 145 30.40 -30.04 -18.31
CA GLN B 145 29.10 -30.43 -17.83
C GLN B 145 29.18 -31.27 -16.55
N MET B 146 30.17 -32.17 -16.50
CA MET B 146 30.44 -32.91 -15.28
C MET B 146 30.88 -31.99 -14.15
N LYS B 147 31.66 -30.96 -14.48
CA LYS B 147 32.14 -30.04 -13.46
C LYS B 147 31.04 -29.13 -12.96
N LEU B 148 30.04 -28.83 -13.79
CA LEU B 148 28.93 -27.99 -13.33
C LEU B 148 27.96 -28.77 -12.46
N ALA B 149 27.65 -30.02 -12.85
CA ALA B 149 26.77 -30.86 -12.04
C ALA B 149 27.43 -31.30 -10.74
N GLN B 150 28.74 -31.19 -10.63
CA GLN B 150 29.42 -31.40 -9.35
C GLN B 150 29.33 -30.16 -8.47
N TYR B 151 29.50 -28.97 -9.07
CA TYR B 151 29.47 -27.74 -8.30
C TYR B 151 28.05 -27.34 -7.90
N ILE B 152 27.02 -27.88 -8.55
CA ILE B 152 25.66 -27.69 -8.06
C ILE B 152 25.43 -28.56 -6.83
N GLN B 153 25.87 -29.81 -6.88
CA GLN B 153 25.73 -30.71 -5.74
C GLN B 153 26.66 -30.35 -4.59
N GLN B 154 27.70 -29.56 -4.85
CA GLN B 154 28.60 -29.16 -3.77
C GLN B 154 27.97 -28.07 -2.91
N VAL B 155 27.29 -27.10 -3.54
CA VAL B 155 26.59 -26.08 -2.78
C VAL B 155 25.32 -26.66 -2.17
N ASP B 156 24.72 -27.66 -2.82
CA ASP B 156 23.51 -28.26 -2.27
C ASP B 156 23.79 -29.11 -1.04
N ASP B 157 24.98 -29.71 -0.95
CA ASP B 157 25.34 -30.45 0.24
C ASP B 157 25.90 -29.55 1.34
N LYS B 158 26.13 -28.27 1.05
CA LYS B 158 26.50 -27.31 2.08
C LYS B 158 25.28 -26.64 2.69
N VAL B 159 24.25 -26.39 1.88
CA VAL B 159 23.01 -25.82 2.40
C VAL B 159 22.21 -26.85 3.17
N ASN B 160 22.20 -28.10 2.69
CA ASN B 160 21.42 -29.15 3.34
C ASN B 160 22.04 -29.57 4.68
N GLN B 161 23.35 -29.39 4.85
CA GLN B 161 23.97 -29.67 6.13
C GLN B 161 23.98 -28.45 7.04
N GLU B 162 23.75 -27.25 6.52
CA GLU B 162 23.60 -26.06 7.33
C GLU B 162 22.15 -25.82 7.73
N LEU B 163 21.26 -26.75 7.43
CA LEU B 163 19.86 -26.67 7.84
C LEU B 163 19.42 -27.83 8.71
N GLU B 164 19.97 -29.03 8.52
CA GLU B 164 19.75 -30.10 9.48
C GLU B 164 20.51 -29.85 10.76
N LYS B 165 21.65 -29.15 10.68
CA LYS B 165 22.34 -28.70 11.88
C LYS B 165 21.60 -27.55 12.54
N ASP B 166 20.90 -26.74 11.75
CA ASP B 166 20.17 -25.60 12.31
C ASP B 166 18.86 -26.04 12.95
N LEU B 167 18.20 -27.06 12.37
CA LEU B 167 16.95 -27.55 12.94
C LEU B 167 17.19 -28.34 14.22
N LYS B 168 18.35 -28.99 14.36
CA LYS B 168 18.64 -29.72 15.59
C LYS B 168 18.98 -28.78 16.75
N ASP B 169 19.47 -27.58 16.45
CA ASP B 169 19.67 -26.56 17.47
C ASP B 169 18.41 -25.75 17.74
N ASN B 170 17.37 -25.91 16.93
CA ASN B 170 16.09 -25.28 17.18
C ASN B 170 15.11 -26.19 17.88
N ILE B 171 15.17 -27.51 17.62
CA ILE B 171 14.28 -28.44 18.27
C ILE B 171 14.76 -28.74 19.69
N ALA B 172 16.06 -28.99 19.87
CA ALA B 172 16.59 -29.29 21.18
C ALA B 172 16.60 -28.07 22.10
N LEU B 173 16.46 -26.87 21.55
CA LEU B 173 16.24 -25.67 22.34
C LEU B 173 14.77 -25.30 22.41
N GLY B 174 13.95 -25.80 21.48
CA GLY B 174 12.52 -25.54 21.52
C GLY B 174 11.79 -26.41 22.51
N ARG B 175 12.34 -27.57 22.84
CA ARG B 175 11.79 -28.42 23.88
C ARG B 175 12.39 -28.13 25.25
N LYS B 176 13.25 -27.11 25.35
CA LYS B 176 13.73 -26.61 26.62
C LYS B 176 12.93 -25.40 27.09
N ASN B 177 12.43 -24.59 26.17
CA ASN B 177 11.50 -23.51 26.51
C ASN B 177 10.07 -24.00 26.63
N LEU B 178 9.82 -25.30 26.43
CA LEU B 178 8.52 -25.89 26.73
C LEU B 178 8.55 -26.76 27.98
N GLN B 179 9.66 -27.42 28.27
CA GLN B 179 9.78 -28.12 29.55
C GLN B 179 9.92 -27.14 30.70
N ASP B 180 10.37 -25.93 30.42
CA ASP B 180 10.35 -24.87 31.43
C ASP B 180 8.94 -24.30 31.57
N SER B 181 8.23 -24.12 30.46
CA SER B 181 6.89 -23.55 30.47
C SER B 181 5.82 -24.52 30.94
N LEU B 182 6.18 -25.77 31.24
CA LEU B 182 5.32 -26.68 31.99
C LEU B 182 5.67 -26.73 33.46
N ARG B 183 6.78 -26.12 33.87
CA ARG B 183 7.15 -26.06 35.27
C ARG B 183 6.65 -24.78 35.93
N THR B 184 6.70 -23.65 35.22
CA THR B 184 6.15 -22.40 35.73
C THR B 184 4.63 -22.36 35.61
N GLN B 185 4.05 -23.19 34.75
CA GLN B 185 2.61 -23.29 34.61
C GLN B 185 2.02 -24.31 35.59
N GLU B 186 2.87 -25.10 36.24
CA GLU B 186 2.43 -26.03 37.27
C GLU B 186 2.49 -25.42 38.66
N VAL B 187 3.41 -24.49 38.89
CA VAL B 187 3.47 -23.81 40.18
C VAL B 187 2.35 -22.79 40.29
N VAL B 188 1.88 -22.24 39.16
CA VAL B 188 0.66 -21.43 39.16
C VAL B 188 -0.54 -22.31 39.47
N ALA B 189 -0.56 -23.53 38.94
CA ALA B 189 -1.66 -24.46 39.18
C ALA B 189 -1.66 -25.05 40.58
N GLN B 190 -0.63 -24.79 41.39
CA GLN B 190 -0.66 -25.14 42.79
C GLN B 190 -0.90 -23.93 43.68
N GLU B 191 -0.67 -22.72 43.17
CA GLU B 191 -1.12 -21.52 43.88
C GLU B 191 -2.64 -21.41 43.84
N GLN B 192 -3.27 -21.95 42.79
CA GLN B 192 -4.72 -22.05 42.76
C GLN B 192 -5.22 -23.18 43.66
N LYS B 193 -4.46 -24.26 43.77
CA LYS B 193 -4.86 -25.36 44.63
C LYS B 193 -4.71 -24.99 46.11
N ASP B 194 -3.66 -24.23 46.43
CA ASP B 194 -3.47 -23.80 47.81
C ASP B 194 -4.47 -22.72 48.21
N LEU B 195 -5.10 -22.06 47.25
CA LEU B 195 -6.21 -21.17 47.55
C LEU B 195 -7.52 -21.95 47.69
N ARG B 196 -7.66 -23.04 46.94
CA ARG B 196 -8.87 -23.85 47.04
C ARG B 196 -8.94 -24.61 48.35
N ILE B 197 -7.79 -25.00 48.91
CA ILE B 197 -7.77 -25.59 50.25
C ILE B 197 -8.12 -24.53 51.29
N ARG B 198 -7.69 -23.29 51.06
CA ARG B 198 -7.99 -22.21 51.99
C ARG B 198 -9.45 -21.79 51.91
N GLN B 199 -10.07 -21.91 50.73
CA GLN B 199 -11.50 -21.68 50.63
C GLN B 199 -12.30 -22.77 51.31
N ILE B 200 -11.81 -24.01 51.27
CA ILE B 200 -12.46 -25.12 51.96
C ILE B 200 -12.26 -24.99 53.46
N GLN B 201 -11.07 -24.55 53.89
CA GLN B 201 -10.76 -24.43 55.31
C GLN B 201 -11.58 -23.34 55.99
N GLU B 202 -12.01 -22.32 55.23
CA GLU B 202 -12.92 -21.32 55.79
C GLU B 202 -14.36 -21.83 55.77
N ALA B 203 -14.73 -22.60 54.75
CA ALA B 203 -16.09 -23.11 54.65
C ALA B 203 -16.39 -24.22 55.65
N LEU B 204 -15.37 -24.76 56.33
CA LEU B 204 -15.63 -25.65 57.45
C LEU B 204 -16.11 -24.88 58.68
N GLN B 205 -15.70 -23.61 58.80
CA GLN B 205 -16.14 -22.80 59.93
C GLN B 205 -17.57 -22.30 59.75
N TYR B 206 -18.00 -22.10 58.51
CA TYR B 206 -19.40 -21.73 58.28
C TYR B 206 -20.32 -22.92 58.51
N ALA B 207 -19.91 -24.11 58.06
CA ALA B 207 -20.71 -25.31 58.22
C ALA B 207 -20.65 -25.90 59.62
N ASN B 208 -19.80 -25.37 60.50
CA ASN B 208 -19.78 -25.78 61.89
C ASN B 208 -20.73 -24.97 62.76
N GLN B 209 -21.07 -23.76 62.35
CA GLN B 209 -22.01 -22.92 63.08
C GLN B 209 -23.43 -23.09 62.56
N ALA B 210 -23.59 -23.23 61.25
CA ALA B 210 -24.91 -23.47 60.66
C ALA B 210 -25.39 -24.89 60.83
N GLN B 211 -24.51 -25.79 61.31
CA GLN B 211 -24.80 -27.20 61.59
C GLN B 211 -25.28 -27.93 60.33
N VAL B 212 -24.42 -27.93 59.32
CA VAL B 212 -24.65 -28.69 58.10
C VAL B 212 -23.67 -29.84 58.07
N THR B 213 -24.15 -31.05 58.36
CA THR B 213 -23.27 -32.22 58.39
C THR B 213 -23.36 -33.03 57.11
N LYS B 214 -24.52 -33.47 56.77
CA LYS B 214 -24.72 -34.16 55.50
C LYS B 214 -24.80 -33.14 54.37
N PRO B 215 -24.45 -33.52 53.14
CA PRO B 215 -24.52 -32.58 52.02
C PRO B 215 -25.96 -32.18 51.70
N GLN B 216 -26.16 -30.87 51.53
CA GLN B 216 -27.46 -30.33 51.14
C GLN B 216 -27.52 -29.99 49.66
N ILE B 217 -26.37 -29.98 48.97
CA ILE B 217 -26.35 -29.77 47.53
C ILE B 217 -26.86 -31.02 46.82
N GLN B 218 -27.83 -30.82 45.92
CA GLN B 218 -28.27 -31.89 45.04
C GLN B 218 -27.47 -31.93 43.74
N GLN B 219 -26.90 -30.79 43.32
CA GLN B 219 -26.22 -30.63 42.05
C GLN B 219 -25.52 -29.28 42.05
N THR B 220 -24.62 -29.09 41.09
CA THR B 220 -24.12 -27.76 40.75
C THR B 220 -23.78 -27.75 39.27
N GLY B 221 -24.34 -26.80 38.53
CA GLY B 221 -24.09 -26.68 37.10
C GLY B 221 -22.75 -26.08 36.72
N GLU B 222 -22.00 -25.56 37.69
CA GLU B 222 -20.66 -25.03 37.48
C GLU B 222 -19.83 -25.50 38.66
N ASP B 223 -18.63 -24.93 38.80
CA ASP B 223 -17.85 -25.15 40.01
C ASP B 223 -18.47 -24.39 41.17
N ILE B 224 -18.29 -24.91 42.37
CA ILE B 224 -18.86 -24.30 43.56
C ILE B 224 -17.97 -23.14 44.00
N THR B 225 -18.59 -21.99 44.28
CA THR B 225 -17.85 -20.79 44.61
C THR B 225 -17.54 -20.75 46.11
N GLN B 226 -17.08 -19.60 46.60
CA GLN B 226 -16.64 -19.49 47.99
C GLN B 226 -17.83 -19.49 48.95
N ASP B 227 -18.93 -18.82 48.56
CA ASP B 227 -20.04 -18.63 49.48
C ASP B 227 -20.88 -19.88 49.66
N THR B 228 -21.18 -20.58 48.57
CA THR B 228 -22.02 -21.78 48.63
C THR B 228 -21.20 -23.06 48.80
N LEU B 229 -19.96 -22.96 49.27
CA LEU B 229 -19.11 -24.13 49.48
C LEU B 229 -19.43 -24.86 50.78
N PHE B 230 -20.07 -24.19 51.74
CA PHE B 230 -20.38 -24.82 53.01
C PHE B 230 -21.56 -25.78 52.95
N LEU B 231 -22.24 -25.86 51.81
CA LEU B 231 -23.40 -26.75 51.72
C LEU B 231 -22.99 -28.19 51.46
N LEU B 232 -21.70 -28.45 51.25
CA LEU B 232 -21.23 -29.82 51.10
C LEU B 232 -21.23 -30.56 52.42
N GLY B 233 -21.17 -29.82 53.53
CA GLY B 233 -21.30 -30.44 54.84
C GLY B 233 -20.10 -30.26 55.74
N SER B 234 -20.28 -30.52 57.03
CA SER B 234 -19.16 -30.48 57.96
C SER B 234 -18.30 -31.72 57.84
N GLU B 235 -18.91 -32.86 57.50
CA GLU B 235 -18.18 -34.11 57.40
C GLU B 235 -17.40 -34.22 56.11
N ALA B 236 -17.98 -33.78 55.00
CA ALA B 236 -17.32 -33.89 53.71
C ALA B 236 -16.26 -32.82 53.49
N LEU B 237 -16.27 -31.75 54.27
CA LEU B 237 -15.22 -30.74 54.19
C LEU B 237 -14.07 -31.02 55.13
N GLU B 238 -14.26 -31.88 56.12
CA GLU B 238 -13.16 -32.30 56.97
C GLU B 238 -12.25 -33.31 56.28
N SER B 239 -12.71 -33.93 55.20
CA SER B 239 -11.89 -34.85 54.43
C SER B 239 -11.19 -34.19 53.25
N MET B 240 -11.64 -33.01 52.84
CA MET B 240 -10.92 -32.24 51.84
C MET B 240 -9.74 -31.48 52.44
N ILE B 241 -9.63 -31.43 53.76
CA ILE B 241 -8.49 -30.83 54.43
C ILE B 241 -7.53 -31.90 54.95
N LYS B 242 -8.08 -33.03 55.40
CA LYS B 242 -7.23 -34.12 55.87
C LYS B 242 -6.49 -34.79 54.71
N HIS B 243 -7.15 -34.98 53.58
CA HIS B 243 -6.51 -35.47 52.36
C HIS B 243 -6.24 -34.26 51.47
N GLU B 244 -5.23 -33.47 51.85
CA GLU B 244 -4.89 -32.25 51.14
C GLU B 244 -3.69 -32.42 50.21
N ALA B 245 -2.62 -33.07 50.67
CA ALA B 245 -1.43 -33.25 49.84
C ALA B 245 -1.65 -34.23 48.70
N THR B 246 -2.65 -35.10 48.79
CA THR B 246 -2.95 -36.05 47.73
C THR B 246 -4.09 -35.59 46.82
N ARG B 247 -4.65 -34.41 47.07
CA ARG B 247 -5.71 -33.89 46.23
C ARG B 247 -5.11 -33.42 44.91
N PRO B 248 -5.60 -33.88 43.76
CA PRO B 248 -4.91 -33.62 42.50
C PRO B 248 -5.13 -32.19 42.00
N LEU B 249 -4.10 -31.69 41.32
CA LEU B 249 -4.18 -30.39 40.70
C LEU B 249 -5.13 -30.42 39.51
N VAL B 250 -5.66 -29.26 39.17
CA VAL B 250 -6.46 -29.09 37.96
C VAL B 250 -5.68 -28.18 37.03
N PHE B 251 -5.72 -28.50 35.73
CA PHE B 251 -4.91 -27.82 34.74
C PHE B 251 -5.79 -27.16 33.70
N SER B 252 -5.47 -25.90 33.37
CA SER B 252 -6.20 -25.14 32.38
C SER B 252 -5.99 -25.76 30.99
N PRO B 253 -6.92 -25.53 30.06
CA PRO B 253 -6.75 -26.06 28.70
C PRO B 253 -5.64 -25.41 27.89
N ASN B 254 -4.95 -24.41 28.41
CA ASN B 254 -3.71 -23.95 27.79
C ASN B 254 -2.52 -24.81 28.20
N TYR B 255 -2.61 -25.49 29.34
CA TYR B 255 -1.54 -26.40 29.75
C TYR B 255 -1.51 -27.63 28.84
N TYR B 256 -2.68 -28.22 28.57
CA TYR B 256 -2.73 -29.38 27.69
C TYR B 256 -2.51 -29.03 26.23
N GLN B 257 -2.57 -27.74 25.87
CA GLN B 257 -2.15 -27.34 24.53
C GLN B 257 -0.63 -27.31 24.43
N THR B 258 0.05 -26.74 25.42
CA THR B 258 1.51 -26.70 25.41
C THR B 258 2.13 -27.98 25.93
N ARG B 259 1.33 -28.93 26.41
CA ARG B 259 1.80 -30.29 26.65
C ARG B 259 1.75 -31.11 25.36
N GLN B 260 0.70 -30.92 24.57
CA GLN B 260 0.61 -31.51 23.25
C GLN B 260 1.58 -30.87 22.27
N ASN B 261 2.01 -29.64 22.54
CA ASN B 261 3.01 -28.99 21.70
C ASN B 261 4.43 -29.44 22.02
N LEU B 262 4.64 -30.08 23.16
CA LEU B 262 5.93 -30.67 23.51
C LEU B 262 6.07 -32.08 22.96
N LEU B 263 4.97 -32.84 22.94
CA LEU B 263 5.00 -34.15 22.33
C LEU B 263 5.10 -34.09 20.81
N ASP B 264 4.71 -32.97 20.21
CA ASP B 264 4.87 -32.81 18.76
C ASP B 264 6.30 -32.40 18.42
N ILE B 265 7.00 -31.75 19.36
CA ILE B 265 8.37 -31.31 19.10
C ILE B 265 9.37 -32.39 19.52
N GLU B 266 8.93 -33.40 20.26
CA GLU B 266 9.77 -34.54 20.59
C GLU B 266 9.64 -35.68 19.59
N SER B 267 8.63 -35.67 18.74
CA SER B 267 8.34 -36.81 17.88
C SER B 267 8.89 -36.68 16.48
N LEU B 268 9.11 -35.46 15.99
CA LEU B 268 9.58 -35.28 14.63
C LEU B 268 11.06 -35.58 14.54
N LYS B 269 11.47 -36.14 13.40
CA LYS B 269 12.83 -36.59 13.18
C LYS B 269 13.46 -35.81 12.04
N VAL B 270 14.71 -35.41 12.23
CA VAL B 270 15.41 -34.57 11.26
C VAL B 270 16.33 -35.42 10.37
N ASP B 271 16.65 -36.64 10.79
CA ASP B 271 17.54 -37.50 10.00
C ASP B 271 16.87 -37.97 8.71
N ASP B 272 15.63 -38.46 8.80
CA ASP B 272 14.90 -38.87 7.62
C ASP B 272 14.16 -37.72 6.93
N LEU B 273 14.33 -36.49 7.42
CA LEU B 273 13.70 -35.35 6.78
C LEU B 273 14.59 -34.84 5.65
N ASP B 274 14.01 -34.70 4.46
CA ASP B 274 14.74 -34.32 3.26
C ASP B 274 14.51 -32.86 2.95
N ILE B 275 15.59 -32.10 2.86
CA ILE B 275 15.55 -30.69 2.48
C ILE B 275 16.20 -30.55 1.12
N HIS B 276 15.52 -29.86 0.20
CA HIS B 276 16.05 -29.59 -1.12
C HIS B 276 15.89 -28.11 -1.39
N ALA B 277 17.01 -27.43 -1.65
CA ALA B 277 17.03 -25.98 -1.77
C ALA B 277 16.89 -25.49 -3.20
N TYR B 278 16.64 -26.39 -4.16
CA TYR B 278 16.61 -26.04 -5.57
C TYR B 278 15.89 -27.14 -6.33
N ARG B 279 15.45 -26.81 -7.54
CA ARG B 279 14.80 -27.77 -8.42
C ARG B 279 15.25 -27.53 -9.86
N TYR B 280 15.71 -28.59 -10.52
CA TYR B 280 16.07 -28.52 -11.93
C TYR B 280 14.82 -28.33 -12.80
N VAL B 281 14.75 -27.21 -13.51
CA VAL B 281 13.86 -27.12 -14.67
C VAL B 281 14.60 -27.39 -15.95
N MET B 282 15.93 -27.48 -15.90
CA MET B 282 16.76 -27.88 -17.04
C MET B 282 18.03 -28.48 -16.50
N LYS B 283 18.29 -29.74 -16.82
CA LYS B 283 19.53 -30.40 -16.44
C LYS B 283 20.73 -29.71 -17.10
N PRO B 284 21.91 -29.74 -16.49
CA PRO B 284 23.08 -29.06 -17.06
C PRO B 284 23.51 -29.67 -18.39
N MET B 285 23.48 -28.85 -19.43
CA MET B 285 23.70 -29.28 -20.80
C MET B 285 25.19 -29.49 -21.06
N LEU B 286 25.48 -30.21 -22.15
CA LEU B 286 26.82 -30.21 -22.71
C LEU B 286 26.79 -29.50 -24.05
N PRO B 287 27.64 -28.50 -24.26
CA PRO B 287 27.49 -27.63 -25.43
C PRO B 287 28.05 -28.28 -26.70
N ILE B 288 27.52 -27.82 -27.82
CA ILE B 288 27.97 -28.25 -29.14
C ILE B 288 28.90 -27.23 -29.77
N ARG B 289 28.58 -25.95 -29.63
CA ARG B 289 29.40 -24.87 -30.16
C ARG B 289 30.19 -24.24 -29.02
N ARG B 290 31.51 -24.18 -29.17
CA ARG B 290 32.36 -23.55 -28.18
C ARG B 290 32.25 -22.03 -28.29
N ASP B 291 32.83 -21.35 -27.29
CA ASP B 291 32.73 -19.91 -27.20
C ASP B 291 33.96 -19.20 -27.74
N SER B 292 35.15 -19.78 -27.58
CA SER B 292 36.40 -19.23 -28.08
C SER B 292 37.38 -20.38 -28.19
N PRO B 293 38.28 -20.38 -29.20
CA PRO B 293 38.36 -19.44 -30.32
C PRO B 293 37.45 -19.82 -31.48
N LYS B 294 36.84 -18.83 -32.11
CA LYS B 294 35.98 -19.06 -33.26
C LYS B 294 36.80 -18.96 -34.54
N LYS B 295 36.71 -19.99 -35.38
CA LYS B 295 37.55 -20.07 -36.58
C LYS B 295 37.17 -19.04 -37.64
N ALA B 296 35.94 -18.52 -37.61
CA ALA B 296 35.50 -17.61 -38.65
C ALA B 296 36.07 -16.21 -38.47
N ILE B 297 35.89 -15.62 -37.29
CA ILE B 297 36.25 -14.22 -37.08
C ILE B 297 37.77 -14.07 -36.90
N THR B 298 38.45 -15.15 -36.51
CA THR B 298 39.89 -15.09 -36.26
C THR B 298 40.69 -15.04 -37.55
N LEU B 299 40.06 -15.28 -38.70
CA LEU B 299 40.73 -15.15 -39.99
C LEU B 299 40.29 -13.91 -40.77
N ILE B 300 39.04 -13.49 -40.59
CA ILE B 300 38.60 -12.21 -41.15
C ILE B 300 39.34 -11.06 -40.47
N LEU B 301 39.56 -11.18 -39.16
CA LEU B 301 40.38 -10.20 -38.44
C LEU B 301 41.88 -10.48 -38.55
N ALA B 302 42.28 -11.44 -39.38
CA ALA B 302 43.67 -11.67 -39.71
C ALA B 302 44.04 -11.19 -41.11
N VAL B 303 43.14 -11.37 -42.08
CA VAL B 303 43.33 -10.80 -43.40
C VAL B 303 43.27 -9.28 -43.38
N LEU B 304 42.31 -8.72 -42.64
CA LEU B 304 42.17 -7.28 -42.54
C LEU B 304 43.27 -6.67 -41.66
N LEU B 305 43.84 -7.48 -40.76
CA LEU B 305 44.97 -7.01 -39.97
C LEU B 305 46.23 -7.13 -40.82
N GLY B 306 46.35 -8.21 -41.58
CA GLY B 306 47.50 -8.41 -42.44
C GLY B 306 47.58 -7.46 -43.62
N GLY B 307 46.44 -6.91 -44.03
CA GLY B 307 46.42 -5.95 -45.11
C GLY B 307 46.79 -4.55 -44.66
N MET B 308 46.34 -4.17 -43.46
CA MET B 308 46.63 -2.84 -42.96
C MET B 308 48.08 -2.70 -42.51
N VAL B 309 48.72 -3.80 -42.07
CA VAL B 309 50.13 -3.73 -41.78
C VAL B 309 50.94 -3.77 -43.08
N GLY B 310 50.38 -4.38 -44.13
CA GLY B 310 51.03 -4.36 -45.42
C GLY B 310 50.87 -3.04 -46.14
N ALA B 311 49.75 -2.34 -45.93
CA ALA B 311 49.56 -1.03 -46.53
C ALA B 311 50.50 0.01 -45.95
N GLY B 312 50.91 -0.17 -44.69
CA GLY B 312 51.91 0.70 -44.12
C GLY B 312 53.31 0.45 -44.66
N ILE B 313 53.55 -0.76 -45.16
CA ILE B 313 54.85 -1.09 -45.73
C ILE B 313 54.97 -0.54 -47.16
N VAL B 314 53.93 -0.73 -47.98
CA VAL B 314 53.97 -0.27 -49.36
C VAL B 314 53.87 1.26 -49.43
N LEU B 315 53.27 1.90 -48.42
CA LEU B 315 53.33 3.36 -48.32
C LEU B 315 54.59 3.83 -47.61
N GLY B 316 55.16 3.00 -46.74
CA GLY B 316 56.37 3.39 -46.03
C GLY B 316 57.61 3.34 -46.89
N ARG B 317 57.68 2.38 -47.82
CA ARG B 317 58.81 2.28 -48.74
C ARG B 317 58.67 3.20 -49.94
N ASN B 318 57.59 3.96 -50.04
CA ASN B 318 57.40 4.91 -51.12
C ASN B 318 57.43 6.35 -50.65
N ALA B 319 56.77 6.68 -49.54
CA ALA B 319 56.80 8.05 -49.03
C ALA B 319 58.16 8.43 -48.47
N LEU B 320 58.88 7.47 -47.89
CA LEU B 320 60.25 7.72 -47.46
C LEU B 320 61.18 7.88 -48.65
N ARG B 321 60.88 7.19 -49.75
CA ARG B 321 61.62 7.41 -51.00
C ARG B 321 61.25 8.75 -51.62
N ASN B 322 60.01 9.21 -51.41
CA ASN B 322 59.63 10.54 -51.88
C ASN B 322 60.24 11.63 -51.00
N TYR B 323 60.45 11.33 -49.71
CA TYR B 323 60.99 12.34 -48.80
C TYR B 323 62.49 12.49 -48.93
N ASN B 324 63.22 11.40 -49.15
CA ASN B 324 64.68 11.48 -49.28
C ASN B 324 65.03 12.01 -50.66
N ALA B 325 65.88 13.06 -50.68
CA ALA B 325 66.47 13.66 -51.87
C ALA B 325 65.39 14.18 -52.84
N LYS B 326 64.67 15.19 -52.38
CA LYS B 326 63.73 15.94 -53.22
C LYS B 326 64.46 16.59 -54.41
N ASP C 19 26.03 18.59 -56.96
CA ASP C 19 27.07 18.44 -57.97
C ASP C 19 26.42 18.60 -59.35
N LEU C 20 27.20 19.01 -60.35
CA LEU C 20 26.65 19.35 -61.65
C LEU C 20 26.45 18.09 -62.49
N ILE C 21 26.13 18.28 -63.77
CA ILE C 21 25.87 17.17 -64.69
C ILE C 21 27.10 16.74 -65.47
N ASP C 22 28.29 17.14 -65.01
CA ASP C 22 29.54 16.84 -65.72
C ASP C 22 29.87 15.36 -65.76
N LEU C 23 29.39 14.57 -64.80
CA LEU C 23 29.65 13.14 -64.80
C LEU C 23 28.43 12.30 -65.18
N LEU C 24 27.25 12.91 -65.31
CA LEU C 24 26.05 12.20 -65.71
C LEU C 24 25.94 12.00 -67.22
N VAL C 25 27.08 12.12 -67.89
CA VAL C 25 27.15 11.84 -69.35
C VAL C 25 27.87 10.52 -69.62
N GLN C 26 28.87 10.19 -68.79
CA GLN C 26 29.62 8.92 -68.94
C GLN C 26 28.74 7.71 -68.58
N LEU C 27 27.79 7.93 -67.67
CA LEU C 27 26.88 6.82 -67.29
C LEU C 27 26.17 6.51 -68.61
N TRP C 28 25.68 7.54 -69.28
CA TRP C 28 25.04 7.30 -70.59
C TRP C 28 26.09 6.77 -71.57
N ARG C 29 27.31 7.34 -71.50
CA ARG C 29 28.41 6.95 -72.42
C ARG C 29 28.68 5.46 -72.23
N GLY C 30 28.73 5.01 -70.98
CA GLY C 30 28.89 3.57 -70.66
C GLY C 30 27.54 2.91 -70.47
N LYS C 31 26.72 2.87 -71.53
CA LYS C 31 25.36 2.25 -71.44
C LYS C 31 25.32 0.72 -71.30
N MET C 32 26.01 -0.01 -72.17
CA MET C 32 26.03 -1.49 -72.09
C MET C 32 26.72 -1.97 -70.80
N THR C 33 27.76 -1.26 -70.34
CA THR C 33 28.50 -1.72 -69.18
C THR C 33 27.66 -1.60 -67.91
N ILE C 34 26.55 -0.87 -67.93
CA ILE C 34 25.66 -0.83 -66.78
C ILE C 34 24.63 -1.96 -66.87
N ILE C 35 24.10 -2.21 -68.06
CA ILE C 35 23.10 -3.26 -68.25
C ILE C 35 23.72 -4.64 -68.04
N ILE C 36 24.99 -4.80 -68.44
CA ILE C 36 25.67 -6.08 -68.25
C ILE C 36 26.08 -6.27 -66.79
N SER C 37 26.09 -5.20 -65.99
CA SER C 37 26.34 -5.32 -64.56
C SER C 37 25.07 -5.44 -63.74
N VAL C 38 23.90 -5.26 -64.35
CA VAL C 38 22.63 -5.43 -63.66
C VAL C 38 22.06 -6.82 -63.92
N ILE C 39 22.19 -7.30 -65.17
CA ILE C 39 21.73 -8.64 -65.52
C ILE C 39 22.55 -9.71 -64.80
N VAL C 40 23.84 -9.44 -64.57
CA VAL C 40 24.67 -10.36 -63.80
C VAL C 40 24.29 -10.33 -62.32
N ALA C 41 23.64 -9.26 -61.84
CA ALA C 41 23.16 -9.24 -60.46
C ALA C 41 21.86 -10.02 -60.32
N ILE C 42 20.98 -9.94 -61.32
CA ILE C 42 19.76 -10.74 -61.32
C ILE C 42 20.09 -12.21 -61.53
N ALA C 43 21.20 -12.50 -62.23
CA ALA C 43 21.62 -13.88 -62.43
C ALA C 43 22.14 -14.53 -61.16
N LEU C 44 22.61 -13.73 -60.19
CA LEU C 44 22.92 -14.27 -58.87
C LEU C 44 21.77 -14.09 -57.89
N ALA C 45 20.87 -13.13 -58.12
CA ALA C 45 19.72 -12.97 -57.23
C ALA C 45 18.71 -14.10 -57.43
N ILE C 46 18.40 -14.42 -58.70
CA ILE C 46 17.48 -15.52 -58.96
C ILE C 46 18.14 -16.86 -58.63
N GLY C 47 19.45 -16.96 -58.85
CA GLY C 47 20.19 -18.13 -58.42
C GLY C 47 20.28 -18.29 -56.91
N TYR C 48 20.13 -17.19 -56.17
CA TYR C 48 20.04 -17.29 -54.71
C TYR C 48 18.68 -17.80 -54.27
N LEU C 49 17.64 -17.58 -55.09
CA LEU C 49 16.29 -18.04 -54.78
C LEU C 49 16.00 -19.45 -55.28
N ALA C 50 17.03 -20.29 -55.43
CA ALA C 50 16.85 -21.70 -55.71
C ALA C 50 17.67 -22.57 -54.77
N VAL C 51 18.45 -21.98 -53.88
CA VAL C 51 19.27 -22.73 -52.94
C VAL C 51 18.94 -22.30 -51.51
N ALA C 52 18.35 -21.11 -51.36
CA ALA C 52 18.04 -20.60 -50.03
C ALA C 52 16.83 -21.32 -49.45
N LYS C 53 17.00 -21.88 -48.27
CA LYS C 53 15.90 -22.54 -47.60
C LYS C 53 14.98 -21.51 -46.96
N GLU C 54 13.69 -21.81 -46.96
CA GLU C 54 12.68 -20.86 -46.54
C GLU C 54 12.29 -21.09 -45.07
N LYS C 55 11.58 -20.13 -44.51
CA LYS C 55 11.32 -20.09 -43.05
C LYS C 55 9.89 -19.64 -42.83
N TRP C 56 9.03 -20.58 -42.48
CA TRP C 56 7.63 -20.31 -42.19
C TRP C 56 7.42 -20.26 -40.68
N THR C 57 6.68 -19.25 -40.22
CA THR C 57 6.51 -18.99 -38.80
C THR C 57 5.09 -19.32 -38.36
N SER C 58 4.96 -20.20 -37.37
CA SER C 58 3.68 -20.47 -36.74
C SER C 58 3.53 -19.62 -35.48
N THR C 59 2.30 -19.59 -34.96
CA THR C 59 1.99 -18.77 -33.80
C THR C 59 0.79 -19.37 -33.08
N ALA C 60 0.93 -19.65 -31.80
CA ALA C 60 -0.19 -20.00 -30.95
C ALA C 60 -0.18 -19.06 -29.75
N ILE C 61 -1.36 -18.79 -29.21
CA ILE C 61 -1.53 -17.89 -28.08
C ILE C 61 -2.10 -18.68 -26.93
N ILE C 62 -1.37 -18.73 -25.82
CA ILE C 62 -1.78 -19.51 -24.66
C ILE C 62 -2.08 -18.57 -23.50
N THR C 63 -2.84 -19.09 -22.54
CA THR C 63 -3.33 -18.34 -21.39
C THR C 63 -3.48 -19.35 -20.26
N GLN C 64 -3.34 -18.87 -19.00
CA GLN C 64 -3.58 -19.59 -17.75
C GLN C 64 -4.89 -20.36 -17.80
N PRO C 65 -4.95 -21.56 -17.22
CA PRO C 65 -6.10 -22.44 -17.42
C PRO C 65 -7.35 -21.91 -16.73
N ASP C 66 -8.50 -22.46 -17.15
CA ASP C 66 -9.78 -22.03 -16.62
C ASP C 66 -9.93 -22.44 -15.16
N VAL C 67 -10.88 -21.80 -14.48
CA VAL C 67 -11.08 -22.04 -13.07
C VAL C 67 -11.73 -23.40 -12.85
N GLY C 68 -12.50 -23.88 -13.83
CA GLY C 68 -13.10 -25.19 -13.76
C GLY C 68 -12.26 -26.33 -14.32
N GLN C 69 -11.15 -26.03 -14.98
CA GLN C 69 -10.27 -27.09 -15.45
C GLN C 69 -9.38 -27.60 -14.34
N ILE C 70 -8.94 -26.73 -13.45
CA ILE C 70 -8.05 -27.11 -12.36
C ILE C 70 -8.81 -27.27 -11.05
N ALA C 71 -10.14 -27.43 -11.11
CA ALA C 71 -10.93 -27.57 -9.90
C ALA C 71 -10.72 -28.92 -9.21
N GLY C 72 -10.20 -29.90 -9.93
CA GLY C 72 -9.79 -31.14 -9.30
C GLY C 72 -8.47 -30.96 -8.58
N TYR C 73 -7.56 -30.20 -9.21
CA TYR C 73 -6.26 -29.92 -8.59
C TYR C 73 -6.38 -28.90 -7.47
N ASN C 74 -7.32 -27.97 -7.58
CA ASN C 74 -7.51 -26.99 -6.51
C ASN C 74 -8.13 -27.63 -5.27
N ASN C 75 -9.01 -28.60 -5.45
CA ASN C 75 -9.58 -29.32 -4.31
C ASN C 75 -8.55 -30.21 -3.63
N ALA C 76 -7.53 -30.63 -4.37
CA ALA C 76 -6.42 -31.36 -3.76
C ALA C 76 -5.61 -30.46 -2.84
N MET C 77 -5.46 -29.18 -3.20
CA MET C 77 -4.70 -28.25 -2.38
C MET C 77 -5.53 -27.64 -1.24
N ASN C 78 -6.85 -27.78 -1.26
CA ASN C 78 -7.67 -27.34 -0.14
C ASN C 78 -7.84 -28.42 0.93
N VAL C 79 -7.60 -29.67 0.59
CA VAL C 79 -7.69 -30.76 1.56
C VAL C 79 -6.40 -30.90 2.35
N ILE C 80 -5.25 -30.87 1.66
CA ILE C 80 -3.97 -31.10 2.32
C ILE C 80 -3.46 -29.87 3.06
N TYR C 81 -4.04 -28.69 2.82
CA TYR C 81 -3.56 -27.46 3.43
C TYR C 81 -4.61 -26.72 4.25
N GLY C 82 -5.90 -26.97 4.02
CA GLY C 82 -6.95 -26.38 4.83
C GLY C 82 -7.14 -24.89 4.60
N GLN C 83 -6.81 -24.09 5.60
CA GLN C 83 -7.04 -22.65 5.54
C GLN C 83 -5.88 -21.87 4.93
N ALA C 84 -4.68 -22.45 4.91
CA ALA C 84 -3.51 -21.81 4.33
C ALA C 84 -3.33 -22.14 2.86
N ALA C 85 -4.36 -22.68 2.21
CA ALA C 85 -4.29 -23.00 0.80
C ALA C 85 -4.27 -21.72 -0.03
N PRO C 86 -3.58 -21.73 -1.18
CA PRO C 86 -3.62 -20.55 -2.05
C PRO C 86 -4.95 -20.44 -2.76
N LYS C 87 -5.29 -19.20 -3.13
CA LYS C 87 -6.53 -18.94 -3.84
C LYS C 87 -6.47 -19.48 -5.26
N VAL C 88 -7.65 -19.67 -5.86
CA VAL C 88 -7.72 -20.25 -7.19
C VAL C 88 -7.26 -19.25 -8.25
N SER C 89 -7.25 -17.96 -7.94
CA SER C 89 -6.64 -16.96 -8.81
C SER C 89 -5.14 -16.85 -8.60
N ASP C 90 -4.59 -17.55 -7.60
CA ASP C 90 -3.16 -17.65 -7.40
C ASP C 90 -2.62 -19.02 -7.80
N LEU C 91 -3.49 -20.01 -7.93
CA LEU C 91 -3.09 -21.31 -8.46
C LEU C 91 -3.04 -21.30 -9.98
N GLN C 92 -3.51 -20.22 -10.61
CA GLN C 92 -3.42 -20.10 -12.06
C GLN C 92 -2.16 -19.38 -12.50
N GLU C 93 -1.64 -18.47 -11.68
CA GLU C 93 -0.37 -17.83 -12.02
C GLU C 93 0.83 -18.72 -11.74
N THR C 94 0.64 -19.79 -10.96
CA THR C 94 1.69 -20.76 -10.74
C THR C 94 1.75 -21.79 -11.87
N LEU C 95 0.58 -22.29 -12.29
CA LEU C 95 0.54 -23.29 -13.34
C LEU C 95 0.89 -22.72 -14.71
N ILE C 96 0.77 -21.40 -14.90
CA ILE C 96 1.32 -20.78 -16.09
C ILE C 96 2.74 -20.25 -15.83
N GLY C 97 3.14 -20.14 -14.57
CA GLY C 97 4.53 -19.87 -14.26
C GLY C 97 5.39 -21.09 -14.39
N ARG C 98 4.82 -22.28 -14.15
CA ARG C 98 5.53 -23.52 -14.36
C ARG C 98 5.56 -23.94 -15.82
N PHE C 99 4.80 -23.28 -16.68
CA PHE C 99 4.83 -23.55 -18.11
C PHE C 99 5.73 -22.56 -18.85
N SER C 100 5.60 -21.26 -18.55
CA SER C 100 6.39 -20.24 -19.23
C SER C 100 7.87 -20.31 -18.88
N SER C 101 8.23 -20.96 -17.77
CA SER C 101 9.63 -21.17 -17.44
C SER C 101 10.14 -22.54 -17.87
N ALA C 102 9.23 -23.48 -18.17
CA ALA C 102 9.63 -24.76 -18.74
C ALA C 102 9.53 -24.78 -20.27
N PHE C 103 8.83 -23.82 -20.87
CA PHE C 103 8.83 -23.68 -22.31
C PHE C 103 10.02 -22.86 -22.79
N SER C 104 10.44 -21.89 -21.99
CA SER C 104 11.66 -21.16 -22.28
C SER C 104 12.91 -21.93 -21.89
N ALA C 105 12.75 -23.05 -21.17
CA ALA C 105 13.85 -23.97 -20.94
C ALA C 105 13.92 -25.06 -22.00
N LEU C 106 12.87 -25.22 -22.79
CA LEU C 106 12.95 -26.00 -24.02
C LEU C 106 13.50 -25.16 -25.16
N ALA C 107 13.32 -23.83 -25.09
CA ALA C 107 13.85 -22.92 -26.10
C ALA C 107 15.36 -22.87 -26.11
N GLU C 108 16.01 -23.22 -25.00
CA GLU C 108 17.46 -23.15 -24.90
C GLU C 108 18.13 -24.50 -25.02
N THR C 109 17.38 -25.60 -25.02
CA THR C 109 17.92 -26.91 -25.35
C THR C 109 17.64 -27.30 -26.80
N LEU C 110 17.06 -26.38 -27.58
CA LEU C 110 16.96 -26.55 -29.01
C LEU C 110 18.00 -25.76 -29.79
N ASP C 111 18.73 -24.87 -29.10
CA ASP C 111 19.90 -24.23 -29.69
C ASP C 111 21.15 -25.09 -29.51
N ASN C 112 21.11 -26.10 -28.66
CA ASN C 112 22.18 -27.08 -28.52
C ASN C 112 22.03 -28.24 -29.48
N GLN C 113 21.20 -28.11 -30.50
CA GLN C 113 21.21 -29.07 -31.59
C GLN C 113 22.33 -28.73 -32.55
N GLU C 114 22.62 -29.66 -33.46
CA GLU C 114 23.60 -29.38 -34.50
C GLU C 114 23.08 -28.33 -35.47
N GLU C 115 21.79 -28.40 -35.81
CA GLU C 115 21.10 -27.37 -36.58
C GLU C 115 20.04 -26.74 -35.69
N ARG C 116 20.05 -25.41 -35.59
CA ARG C 116 19.24 -24.72 -34.61
C ARG C 116 17.77 -24.72 -35.02
N GLU C 117 16.89 -24.76 -34.02
CA GLU C 117 15.45 -24.63 -34.20
C GLU C 117 14.98 -23.50 -33.29
N LYS C 118 14.65 -22.36 -33.89
CA LYS C 118 14.21 -21.22 -33.11
C LYS C 118 12.79 -21.43 -32.60
N LEU C 119 12.60 -21.20 -31.30
CA LEU C 119 11.29 -21.32 -30.67
C LEU C 119 11.23 -20.32 -29.53
N THR C 120 10.27 -19.40 -29.57
CA THR C 120 10.22 -18.30 -28.63
C THR C 120 8.94 -18.35 -27.80
N ILE C 121 8.90 -17.47 -26.81
CA ILE C 121 7.71 -17.22 -26.00
C ILE C 121 7.79 -15.79 -25.49
N GLU C 122 6.67 -15.08 -25.53
CA GLU C 122 6.64 -13.66 -25.22
C GLU C 122 5.24 -13.28 -24.82
N PRO C 123 5.06 -12.24 -24.01
CA PRO C 123 3.72 -11.70 -23.78
C PRO C 123 3.17 -11.06 -25.05
N SER C 124 1.84 -11.10 -25.18
CA SER C 124 1.20 -10.67 -26.42
C SER C 124 1.24 -9.16 -26.56
N VAL C 125 0.62 -8.44 -25.63
CA VAL C 125 0.73 -6.99 -25.59
C VAL C 125 1.73 -6.62 -24.51
N LYS C 126 2.36 -5.47 -24.67
CA LYS C 126 3.59 -5.15 -23.97
C LYS C 126 3.39 -4.65 -22.54
N ASN C 127 2.17 -4.69 -22.01
CA ASN C 127 1.91 -4.20 -20.65
C ASN C 127 1.56 -5.32 -19.69
N GLN C 128 0.56 -6.13 -20.00
CA GLN C 128 0.13 -7.18 -19.08
C GLN C 128 0.93 -8.45 -19.31
N GLN C 129 0.92 -9.33 -18.30
CA GLN C 129 1.79 -10.49 -18.30
C GLN C 129 1.33 -11.56 -19.28
N LEU C 130 0.05 -11.93 -19.21
CA LEU C 130 -0.54 -12.95 -20.06
C LEU C 130 -1.75 -12.37 -20.77
N PRO C 131 -2.14 -12.91 -21.96
CA PRO C 131 -1.77 -14.09 -22.76
C PRO C 131 -0.35 -14.10 -23.33
N LEU C 132 0.25 -15.29 -23.38
CA LEU C 132 1.57 -15.48 -23.94
C LEU C 132 1.46 -15.88 -25.40
N THR C 133 2.53 -15.61 -26.16
CA THR C 133 2.54 -15.85 -27.61
C THR C 133 3.75 -16.70 -27.96
N VAL C 134 3.53 -18.01 -28.15
CA VAL C 134 4.61 -18.88 -28.56
C VAL C 134 4.77 -18.81 -30.08
N SER C 135 5.92 -19.28 -30.56
CA SER C 135 6.21 -19.27 -31.99
C SER C 135 7.26 -20.33 -32.30
N TYR C 136 7.47 -20.54 -33.60
CA TYR C 136 8.39 -21.54 -34.13
C TYR C 136 8.58 -21.28 -35.60
N VAL C 137 9.82 -21.40 -36.08
CA VAL C 137 10.12 -21.29 -37.51
C VAL C 137 10.51 -22.66 -38.02
N GLY C 138 10.12 -22.96 -39.26
CA GLY C 138 10.36 -24.25 -39.86
C GLY C 138 10.89 -24.12 -41.28
N GLN C 139 10.54 -25.10 -42.09
CA GLN C 139 10.91 -25.11 -43.50
C GLN C 139 9.72 -25.24 -44.44
N THR C 140 8.61 -25.80 -43.97
CA THR C 140 7.38 -25.85 -44.73
C THR C 140 6.26 -25.23 -43.92
N ALA C 141 5.12 -24.99 -44.58
CA ALA C 141 3.96 -24.45 -43.88
C ALA C 141 3.31 -25.49 -43.00
N GLU C 142 3.16 -26.71 -43.51
CA GLU C 142 2.57 -27.79 -42.72
C GLU C 142 3.53 -28.28 -41.64
N GLY C 143 4.81 -28.38 -41.98
CA GLY C 143 5.81 -28.90 -41.06
C GLY C 143 6.27 -27.96 -39.97
N ALA C 144 5.76 -26.72 -39.94
CA ALA C 144 6.05 -25.80 -38.85
C ALA C 144 4.86 -25.59 -37.94
N GLN C 145 3.69 -26.14 -38.27
CA GLN C 145 2.52 -26.17 -37.41
C GLN C 145 2.42 -27.48 -36.65
N MET C 146 2.72 -28.60 -37.31
CA MET C 146 2.80 -29.89 -36.64
C MET C 146 3.92 -29.91 -35.61
N LYS C 147 5.04 -29.25 -35.91
CA LYS C 147 6.16 -29.24 -34.98
C LYS C 147 5.90 -28.34 -33.78
N LEU C 148 5.07 -27.30 -33.95
CA LEU C 148 4.75 -26.45 -32.81
C LEU C 148 3.73 -27.10 -31.89
N ALA C 149 2.71 -27.75 -32.46
CA ALA C 149 1.72 -28.45 -31.64
C ALA C 149 2.28 -29.70 -30.98
N GLN C 150 3.43 -30.19 -31.44
CA GLN C 150 4.14 -31.25 -30.74
C GLN C 150 4.95 -30.69 -29.58
N TYR C 151 5.62 -29.56 -29.79
CA TYR C 151 6.44 -28.96 -28.75
C TYR C 151 5.62 -28.29 -27.66
N ILE C 152 4.35 -27.98 -27.91
CA ILE C 152 3.47 -27.54 -26.83
C ILE C 152 3.07 -28.73 -25.96
N GLN C 153 2.73 -29.85 -26.59
CA GLN C 153 2.36 -31.06 -25.85
C GLN C 153 3.57 -31.71 -25.19
N GLN C 154 4.80 -31.39 -25.63
CA GLN C 154 5.97 -31.97 -25.00
C GLN C 154 6.25 -31.30 -23.65
N VAL C 155 6.11 -29.98 -23.59
CA VAL C 155 6.28 -29.28 -22.31
C VAL C 155 5.08 -29.54 -21.41
N ASP C 156 3.90 -29.75 -22.00
CA ASP C 156 2.71 -30.00 -21.19
C ASP C 156 2.75 -31.38 -20.54
N ASP C 157 3.39 -32.36 -21.19
CA ASP C 157 3.54 -33.67 -20.57
C ASP C 157 4.73 -33.73 -19.62
N LYS C 158 5.55 -32.70 -19.58
CA LYS C 158 6.61 -32.61 -18.58
C LYS C 158 6.15 -31.92 -17.31
N VAL C 159 5.28 -30.92 -17.45
CA VAL C 159 4.72 -30.23 -16.29
C VAL C 159 3.67 -31.10 -15.61
N ASN C 160 2.87 -31.83 -16.39
CA ASN C 160 1.80 -32.66 -15.82
C ASN C 160 2.36 -33.89 -15.11
N GLN C 161 3.55 -34.35 -15.49
CA GLN C 161 4.19 -35.45 -14.78
C GLN C 161 5.08 -34.97 -13.64
N GLU C 162 5.43 -33.69 -13.61
CA GLU C 162 6.14 -33.10 -12.49
C GLU C 162 5.21 -32.55 -11.43
N LEU C 163 3.91 -32.76 -11.57
CA LEU C 163 2.93 -32.36 -10.58
C LEU C 163 2.12 -33.51 -10.01
N GLU C 164 1.86 -34.56 -10.79
CA GLU C 164 1.30 -35.78 -10.22
C GLU C 164 2.34 -36.52 -9.40
N LYS C 165 3.63 -36.39 -9.76
CA LYS C 165 4.69 -36.92 -8.93
C LYS C 165 4.88 -36.06 -7.69
N ASP C 166 4.59 -34.76 -7.78
CA ASP C 166 4.75 -33.88 -6.64
C ASP C 166 3.60 -34.01 -5.66
N LEU C 167 2.39 -34.25 -6.16
CA LEU C 167 1.24 -34.42 -5.27
C LEU C 167 1.28 -35.76 -4.55
N LYS C 168 1.89 -36.78 -5.16
CA LYS C 168 1.98 -38.07 -4.48
C LYS C 168 3.04 -38.05 -3.37
N ASP C 169 4.04 -37.18 -3.47
CA ASP C 169 4.99 -36.98 -2.37
C ASP C 169 4.49 -35.99 -1.34
N ASN C 170 3.38 -35.30 -1.60
CA ASN C 170 2.76 -34.43 -0.62
C ASN C 170 1.61 -35.09 0.11
N ILE C 171 0.88 -35.99 -0.53
CA ILE C 171 -0.21 -36.69 0.12
C ILE C 171 0.33 -37.82 1.00
N ALA C 172 1.27 -38.61 0.49
CA ALA C 172 1.83 -39.71 1.27
C ALA C 172 2.72 -39.23 2.41
N LEU C 173 3.15 -37.98 2.38
CA LEU C 173 3.81 -37.35 3.52
C LEU C 173 2.85 -36.52 4.34
N GLY C 174 1.71 -36.12 3.78
CA GLY C 174 0.73 -35.38 4.54
C GLY C 174 -0.13 -36.25 5.42
N ARG C 175 -0.26 -37.53 5.09
CA ARG C 175 -0.95 -38.48 5.95
C ARG C 175 0.01 -39.18 6.91
N LYS C 176 1.28 -38.77 6.92
CA LYS C 176 2.23 -39.21 7.94
C LYS C 176 2.37 -38.20 9.07
N ASN C 177 2.21 -36.91 8.77
CA ASN C 177 2.14 -35.88 9.80
C ASN C 177 0.73 -35.75 10.39
N LEU C 178 -0.22 -36.56 9.94
CA LEU C 178 -1.52 -36.65 10.58
C LEU C 178 -1.70 -37.94 11.35
N GLN C 179 -1.10 -39.05 10.88
CA GLN C 179 -1.13 -40.27 11.69
C GLN C 179 -0.21 -40.15 12.90
N ASP C 180 0.77 -39.24 12.84
CA ASP C 180 1.55 -38.92 14.03
C ASP C 180 0.77 -37.99 14.95
N SER C 181 0.05 -37.02 14.39
CA SER C 181 -0.71 -36.05 15.17
C SER C 181 -1.99 -36.62 15.75
N LEU C 182 -2.33 -37.87 15.44
CA LEU C 182 -3.37 -38.60 16.18
C LEU C 182 -2.78 -39.52 17.23
N ARG C 183 -1.46 -39.68 17.28
CA ARG C 183 -0.81 -40.47 18.31
C ARG C 183 -0.36 -39.62 19.48
N THR C 184 0.15 -38.42 19.21
CA THR C 184 0.51 -37.49 20.27
C THR C 184 -0.71 -36.80 20.86
N GLN C 185 -1.83 -36.77 20.14
CA GLN C 185 -3.07 -36.22 20.65
C GLN C 185 -3.89 -37.26 21.40
N GLU C 186 -3.50 -38.52 21.34
CA GLU C 186 -4.15 -39.58 22.10
C GLU C 186 -3.45 -39.82 23.43
N VAL C 187 -2.14 -39.59 23.50
CA VAL C 187 -1.43 -39.72 24.77
C VAL C 187 -1.74 -38.54 25.69
N VAL C 188 -2.06 -37.38 25.11
CA VAL C 188 -2.59 -36.27 25.91
C VAL C 188 -3.98 -36.62 26.43
N ALA C 189 -4.78 -37.30 25.62
CA ALA C 189 -6.12 -37.70 26.03
C ALA C 189 -6.13 -38.86 27.02
N GLN C 190 -4.98 -39.46 27.32
CA GLN C 190 -4.89 -40.42 28.40
C GLN C 190 -4.22 -39.83 29.63
N GLU C 191 -3.48 -38.73 29.47
CA GLU C 191 -3.02 -37.98 30.64
C GLU C 191 -4.18 -37.27 31.32
N GLN C 192 -5.22 -36.92 30.55
CA GLN C 192 -6.45 -36.41 31.15
C GLN C 192 -7.27 -37.53 31.77
N LYS C 193 -7.24 -38.72 31.18
CA LYS C 193 -7.98 -39.84 31.75
C LYS C 193 -7.32 -40.35 33.03
N ASP C 194 -5.98 -40.34 33.07
CA ASP C 194 -5.28 -40.76 34.29
C ASP C 194 -5.40 -39.74 35.40
N LEU C 195 -5.76 -38.50 35.08
CA LEU C 195 -6.09 -37.51 36.10
C LEU C 195 -7.53 -37.67 36.57
N ARG C 196 -8.43 -38.09 35.65
CA ARG C 196 -9.82 -38.28 36.04
C ARG C 196 -10.00 -39.50 36.93
N ILE C 197 -9.17 -40.53 36.77
CA ILE C 197 -9.18 -41.66 37.70
C ILE C 197 -8.64 -41.22 39.05
N ARG C 198 -7.66 -40.31 39.05
CA ARG C 198 -7.09 -39.83 40.31
C ARG C 198 -8.06 -38.88 41.01
N GLN C 199 -8.89 -38.15 40.27
CA GLN C 199 -9.93 -37.35 40.90
C GLN C 199 -11.03 -38.22 41.48
N ILE C 200 -11.32 -39.36 40.85
CA ILE C 200 -12.30 -40.29 41.38
C ILE C 200 -11.74 -41.02 42.58
N GLN C 201 -10.44 -41.36 42.55
CA GLN C 201 -9.81 -42.10 43.64
C GLN C 201 -9.71 -41.26 44.91
N GLU C 202 -9.66 -39.93 44.79
CA GLU C 202 -9.72 -39.08 45.96
C GLU C 202 -11.16 -38.89 46.44
N ALA C 203 -12.11 -38.83 45.51
CA ALA C 203 -13.51 -38.64 45.87
C ALA C 203 -14.13 -39.88 46.51
N LEU C 204 -13.46 -41.03 46.46
CA LEU C 204 -13.91 -42.18 47.23
C LEU C 204 -13.61 -41.99 48.71
N GLN C 205 -12.54 -41.25 49.03
CA GLN C 205 -12.20 -41.00 50.42
C GLN C 205 -13.11 -39.96 51.06
N TYR C 206 -13.62 -39.02 50.28
CA TYR C 206 -14.59 -38.07 50.83
C TYR C 206 -15.94 -38.73 51.06
N ALA C 207 -16.36 -39.59 50.14
CA ALA C 207 -17.64 -40.28 50.25
C ALA C 207 -17.60 -41.46 51.22
N ASN C 208 -16.43 -41.82 51.74
CA ASN C 208 -16.34 -42.83 52.77
C ASN C 208 -16.46 -42.27 54.17
N GLN C 209 -16.14 -40.99 54.36
CA GLN C 209 -16.27 -40.34 55.65
C GLN C 209 -17.61 -39.64 55.80
N ALA C 210 -18.12 -39.04 54.73
CA ALA C 210 -19.44 -38.41 54.75
C ALA C 210 -20.57 -39.42 54.66
N GLN C 211 -20.26 -40.69 54.40
CA GLN C 211 -21.21 -41.81 54.32
C GLN C 211 -22.28 -41.56 53.25
N VAL C 212 -21.82 -41.39 52.02
CA VAL C 212 -22.69 -41.27 50.87
C VAL C 212 -22.56 -42.54 50.05
N THR C 213 -23.53 -43.43 50.13
CA THR C 213 -23.47 -44.69 49.40
C THR C 213 -24.29 -44.65 48.11
N LYS C 214 -25.53 -44.37 48.21
CA LYS C 214 -26.35 -44.19 47.02
C LYS C 214 -26.10 -42.81 46.42
N PRO C 215 -26.32 -42.64 45.11
CA PRO C 215 -26.10 -41.32 44.50
C PRO C 215 -27.10 -40.28 45.01
N GLN C 216 -26.58 -39.11 45.35
CA GLN C 216 -27.41 -37.99 45.77
C GLN C 216 -27.60 -36.97 44.66
N ILE C 217 -26.82 -37.07 43.58
CA ILE C 217 -27.01 -36.20 42.42
C ILE C 217 -28.27 -36.61 41.67
N GLN C 218 -29.13 -35.62 41.40
CA GLN C 218 -30.27 -35.84 40.53
C GLN C 218 -29.95 -35.54 39.08
N GLN C 219 -28.96 -34.68 38.83
CA GLN C 219 -28.61 -34.19 37.50
C GLN C 219 -27.30 -33.42 37.61
N THR C 220 -26.69 -33.16 36.45
CA THR C 220 -25.63 -32.15 36.36
C THR C 220 -25.67 -31.55 34.96
N GLY C 221 -25.77 -30.23 34.89
CA GLY C 221 -25.81 -29.52 33.63
C GLY C 221 -24.50 -29.41 32.89
N GLU C 222 -23.39 -29.77 33.53
CA GLU C 222 -22.07 -29.79 32.92
C GLU C 222 -21.39 -31.07 33.39
N ASP C 223 -20.09 -31.17 33.15
CA ASP C 223 -19.31 -32.25 33.75
C ASP C 223 -19.13 -32.00 35.23
N ILE C 224 -19.00 -33.07 36.00
CA ILE C 224 -18.86 -32.96 37.45
C ILE C 224 -17.41 -32.62 37.77
N THR C 225 -17.21 -31.64 38.64
CA THR C 225 -15.87 -31.17 38.96
C THR C 225 -15.27 -32.00 40.09
N GLN C 226 -14.15 -31.54 40.65
CA GLN C 226 -13.44 -32.32 41.65
C GLN C 226 -14.17 -32.31 43.00
N ASP C 227 -14.76 -31.18 43.37
CA ASP C 227 -15.35 -31.04 44.70
C ASP C 227 -16.67 -31.77 44.83
N THR C 228 -17.55 -31.66 43.83
CA THR C 228 -18.87 -32.29 43.88
C THR C 228 -18.89 -33.68 43.27
N LEU C 229 -17.73 -34.32 43.14
CA LEU C 229 -17.65 -35.66 42.57
C LEU C 229 -18.02 -36.74 43.58
N PHE C 230 -17.95 -36.46 44.88
CA PHE C 230 -18.26 -37.45 45.90
C PHE C 230 -19.75 -37.69 46.06
N LEU C 231 -20.60 -36.92 45.39
CA LEU C 231 -22.04 -37.11 45.56
C LEU C 231 -22.57 -38.26 44.71
N LEU C 232 -21.72 -38.86 43.88
CA LEU C 232 -22.14 -40.03 43.11
C LEU C 232 -22.25 -41.26 44.00
N GLY C 233 -21.55 -41.27 45.13
CA GLY C 233 -21.70 -42.33 46.09
C GLY C 233 -20.44 -43.12 46.37
N SER C 234 -20.44 -43.89 47.45
CA SER C 234 -19.31 -44.76 47.73
C SER C 234 -19.33 -46.01 46.87
N GLU C 235 -20.52 -46.48 46.50
CA GLU C 235 -20.65 -47.68 45.71
C GLU C 235 -20.38 -47.43 44.24
N ALA C 236 -20.85 -46.30 43.70
CA ALA C 236 -20.66 -46.02 42.28
C ALA C 236 -19.27 -45.51 41.96
N LEU C 237 -18.52 -45.05 42.95
CA LEU C 237 -17.14 -44.64 42.73
C LEU C 237 -16.15 -45.79 42.93
N GLU C 238 -16.57 -46.87 43.57
CA GLU C 238 -15.72 -48.05 43.66
C GLU C 238 -15.71 -48.85 42.36
N SER C 239 -16.67 -48.61 41.46
CA SER C 239 -16.68 -49.27 40.16
C SER C 239 -16.02 -48.44 39.08
N MET C 240 -15.81 -47.15 39.30
CA MET C 240 -15.03 -46.35 38.37
C MET C 240 -13.53 -46.51 38.59
N ILE C 241 -13.12 -47.18 39.66
CA ILE C 241 -11.73 -47.50 39.90
C ILE C 241 -11.44 -48.96 39.57
N LYS C 242 -12.40 -49.85 39.84
CA LYS C 242 -12.23 -51.26 39.52
C LYS C 242 -12.24 -51.49 38.01
N HIS C 243 -13.14 -50.81 37.30
CA HIS C 243 -13.17 -50.83 35.84
C HIS C 243 -12.48 -49.56 35.34
N GLU C 244 -11.15 -49.55 35.45
CA GLU C 244 -10.35 -48.39 35.08
C GLU C 244 -9.70 -48.52 33.72
N ALA C 245 -9.11 -49.69 33.41
CA ALA C 245 -8.43 -49.88 32.14
C ALA C 245 -9.40 -49.99 30.97
N THR C 246 -10.67 -50.31 31.23
CA THR C 246 -11.67 -50.40 30.18
C THR C 246 -12.52 -49.14 30.08
N ARG C 247 -12.27 -48.14 30.90
CA ARG C 247 -13.02 -46.89 30.83
C ARG C 247 -12.58 -46.11 29.59
N PRO C 248 -13.48 -45.70 28.71
CA PRO C 248 -13.06 -45.14 27.42
C PRO C 248 -12.56 -43.72 27.54
N LEU C 249 -11.61 -43.38 26.67
CA LEU C 249 -11.08 -42.04 26.59
C LEU C 249 -12.14 -41.10 26.00
N VAL C 250 -11.99 -39.82 26.32
CA VAL C 250 -12.81 -38.78 25.70
C VAL C 250 -11.89 -37.92 24.86
N PHE C 251 -12.39 -37.51 23.69
CA PHE C 251 -11.59 -36.81 22.71
C PHE C 251 -12.16 -35.43 22.44
N SER C 252 -11.28 -34.43 22.40
CA SER C 252 -11.66 -33.06 22.14
C SER C 252 -12.14 -32.93 20.69
N PRO C 253 -12.98 -31.92 20.39
CA PRO C 253 -13.44 -31.73 19.01
C PRO C 253 -12.37 -31.26 18.04
N ASN C 254 -11.13 -31.02 18.48
CA ASN C 254 -10.03 -30.84 17.55
C ASN C 254 -9.46 -32.17 17.09
N TYR C 255 -9.65 -33.24 17.88
CA TYR C 255 -9.22 -34.57 17.46
C TYR C 255 -10.08 -35.08 16.30
N TYR C 256 -11.39 -34.94 16.41
CA TYR C 256 -12.28 -35.37 15.34
C TYR C 256 -12.23 -34.47 14.13
N GLN C 257 -11.64 -33.28 14.25
CA GLN C 257 -11.38 -32.46 13.06
C GLN C 257 -10.17 -32.98 12.31
N THR C 258 -9.09 -33.31 13.01
CA THR C 258 -7.90 -33.85 12.36
C THR C 258 -7.99 -35.34 12.12
N ARG C 259 -9.05 -36.00 12.59
CA ARG C 259 -9.37 -37.36 12.15
C ARG C 259 -10.15 -37.32 10.84
N GLN C 260 -11.07 -36.36 10.72
CA GLN C 260 -11.77 -36.15 9.46
C GLN C 260 -10.84 -35.54 8.40
N ASN C 261 -9.76 -34.90 8.81
CA ASN C 261 -8.79 -34.37 7.87
C ASN C 261 -7.83 -35.44 7.36
N LEU C 262 -7.76 -36.59 8.02
CA LEU C 262 -6.97 -37.71 7.56
C LEU C 262 -7.76 -38.60 6.60
N LEU C 263 -9.06 -38.74 6.84
CA LEU C 263 -9.91 -39.47 5.90
C LEU C 263 -10.13 -38.70 4.61
N ASP C 264 -9.97 -37.38 4.62
CA ASP C 264 -10.06 -36.61 3.38
C ASP C 264 -8.76 -36.67 2.59
N ILE C 265 -7.63 -36.92 3.26
CA ILE C 265 -6.35 -37.00 2.57
C ILE C 265 -6.05 -38.43 2.14
N GLU C 266 -6.80 -39.41 2.64
CA GLU C 266 -6.69 -40.78 2.19
C GLU C 266 -7.64 -41.12 1.05
N SER C 267 -8.65 -40.29 0.79
CA SER C 267 -9.70 -40.63 -0.15
C SER C 267 -9.49 -40.04 -1.53
N LEU C 268 -8.76 -38.94 -1.66
CA LEU C 268 -8.58 -38.32 -2.96
C LEU C 268 -7.57 -39.10 -3.79
N LYS C 269 -7.81 -39.12 -5.09
CA LYS C 269 -7.02 -39.90 -6.03
C LYS C 269 -6.33 -38.98 -7.03
N VAL C 270 -5.05 -39.25 -7.30
CA VAL C 270 -4.26 -38.40 -8.17
C VAL C 270 -4.19 -38.98 -9.59
N ASP C 271 -4.51 -40.27 -9.76
CA ASP C 271 -4.45 -40.89 -11.09
C ASP C 271 -5.53 -40.34 -12.01
N ASP C 272 -6.78 -40.28 -11.54
CA ASP C 272 -7.85 -39.71 -12.33
C ASP C 272 -7.96 -38.19 -12.23
N LEU C 273 -7.05 -37.55 -11.51
CA LEU C 273 -7.06 -36.10 -11.40
C LEU C 273 -6.31 -35.50 -12.59
N ASP C 274 -6.97 -34.56 -13.28
CA ASP C 274 -6.45 -33.98 -14.51
C ASP C 274 -5.89 -32.59 -14.20
N ILE C 275 -4.61 -32.39 -14.53
CA ILE C 275 -3.95 -31.10 -14.39
C ILE C 275 -3.65 -30.57 -15.78
N HIS C 276 -4.03 -29.32 -16.04
CA HIS C 276 -3.75 -28.65 -17.29
C HIS C 276 -3.11 -27.31 -16.99
N ALA C 277 -1.90 -27.10 -17.50
CA ALA C 277 -1.10 -25.93 -17.16
C ALA C 277 -1.27 -24.78 -18.14
N TYR C 278 -2.17 -24.91 -19.11
CA TYR C 278 -2.33 -23.93 -20.18
C TYR C 278 -3.69 -24.11 -20.84
N ARG C 279 -4.12 -23.09 -21.56
CA ARG C 279 -5.36 -23.13 -22.31
C ARG C 279 -5.20 -22.41 -23.63
N TYR C 280 -5.56 -23.08 -24.72
CA TYR C 280 -5.55 -22.47 -26.04
C TYR C 280 -6.64 -21.41 -26.15
N VAL C 281 -6.24 -20.15 -26.37
CA VAL C 281 -7.16 -19.16 -26.91
C VAL C 281 -7.00 -19.02 -28.41
N MET C 282 -5.97 -19.64 -29.00
CA MET C 282 -5.79 -19.72 -30.44
C MET C 282 -4.97 -20.95 -30.74
N LYS C 283 -5.53 -21.87 -31.52
CA LYS C 283 -4.81 -23.06 -31.96
C LYS C 283 -3.62 -22.67 -32.82
N PRO C 284 -2.56 -23.47 -32.86
CA PRO C 284 -1.36 -23.11 -33.65
C PRO C 284 -1.66 -23.10 -35.15
N MET C 285 -1.47 -21.93 -35.75
CA MET C 285 -1.83 -21.68 -37.13
C MET C 285 -0.81 -22.29 -38.08
N LEU C 286 -1.21 -22.42 -39.34
CA LEU C 286 -0.26 -22.68 -40.42
C LEU C 286 -0.20 -21.45 -41.30
N PRO C 287 0.99 -20.90 -41.55
CA PRO C 287 1.09 -19.60 -42.20
C PRO C 287 0.90 -19.69 -43.71
N ILE C 288 0.47 -18.56 -44.27
CA ILE C 288 0.31 -18.42 -45.72
C ILE C 288 1.47 -17.68 -46.35
N ARG C 289 1.96 -16.63 -45.68
CA ARG C 289 3.09 -15.86 -46.16
C ARG C 289 4.33 -16.26 -45.37
N ARG C 290 5.39 -16.66 -46.07
CA ARG C 290 6.64 -17.00 -45.42
C ARG C 290 7.38 -15.74 -44.99
N ASP C 291 8.43 -15.93 -44.20
CA ASP C 291 9.17 -14.82 -43.63
C ASP C 291 10.44 -14.48 -44.41
N SER C 292 11.10 -15.49 -44.99
CA SER C 292 12.30 -15.32 -45.80
C SER C 292 12.42 -16.53 -46.69
N PRO C 293 12.92 -16.38 -47.94
CA PRO C 293 13.26 -15.13 -48.62
C PRO C 293 12.05 -14.50 -49.31
N LYS C 294 11.98 -13.17 -49.25
CA LYS C 294 10.90 -12.43 -49.90
C LYS C 294 11.33 -12.06 -51.31
N LYS C 295 10.50 -12.39 -52.30
CA LYS C 295 10.86 -12.19 -53.70
C LYS C 295 10.89 -10.72 -54.10
N ALA C 296 10.20 -9.85 -53.37
CA ALA C 296 10.13 -8.44 -53.76
C ALA C 296 11.39 -7.67 -53.43
N ILE C 297 11.83 -7.74 -52.17
CA ILE C 297 12.95 -6.91 -51.73
C ILE C 297 14.29 -7.48 -52.21
N THR C 298 14.33 -8.78 -52.53
CA THR C 298 15.56 -9.43 -52.94
C THR C 298 15.95 -9.06 -54.36
N LEU C 299 15.05 -8.42 -55.13
CA LEU C 299 15.38 -7.95 -56.47
C LEU C 299 15.53 -6.44 -56.53
N ILE C 300 14.80 -5.70 -55.69
CA ILE C 300 15.03 -4.26 -55.56
C ILE C 300 16.41 -4.00 -54.97
N LEU C 301 16.82 -4.83 -54.01
CA LEU C 301 18.17 -4.76 -53.47
C LEU C 301 19.20 -5.51 -54.32
N ALA C 302 18.80 -5.99 -55.49
CA ALA C 302 19.73 -6.57 -56.47
C ALA C 302 19.98 -5.64 -57.66
N VAL C 303 18.93 -4.94 -58.11
CA VAL C 303 19.11 -3.92 -59.14
C VAL C 303 19.90 -2.73 -58.63
N LEU C 304 19.60 -2.29 -57.40
CA LEU C 304 20.32 -1.17 -56.80
C LEU C 304 21.73 -1.57 -56.36
N LEU C 305 21.94 -2.86 -56.11
CA LEU C 305 23.28 -3.34 -55.82
C LEU C 305 24.05 -3.51 -57.13
N GLY C 306 23.37 -4.02 -58.16
CA GLY C 306 24.00 -4.21 -59.46
C GLY C 306 24.31 -2.92 -60.19
N GLY C 307 23.61 -1.83 -59.85
CA GLY C 307 23.89 -0.54 -60.45
C GLY C 307 25.06 0.16 -59.80
N MET C 308 25.19 0.04 -58.47
CA MET C 308 26.26 0.71 -57.77
C MET C 308 27.60 0.01 -58.00
N VAL C 309 27.60 -1.29 -58.25
CA VAL C 309 28.85 -1.95 -58.63
C VAL C 309 29.17 -1.66 -60.08
N GLY C 310 28.15 -1.38 -60.91
CA GLY C 310 28.40 -0.98 -62.28
C GLY C 310 28.84 0.46 -62.41
N ALA C 311 28.38 1.33 -61.51
CA ALA C 311 28.81 2.73 -61.53
C ALA C 311 30.27 2.87 -61.13
N GLY C 312 30.78 1.94 -60.30
CA GLY C 312 32.20 1.94 -60.01
C GLY C 312 33.05 1.46 -61.17
N ILE C 313 32.47 0.67 -62.08
CA ILE C 313 33.20 0.19 -63.24
C ILE C 313 33.28 1.28 -64.31
N VAL C 314 32.16 1.95 -64.60
CA VAL C 314 32.15 2.97 -65.62
C VAL C 314 32.90 4.23 -65.16
N LEU C 315 32.99 4.46 -63.86
CA LEU C 315 33.87 5.50 -63.34
C LEU C 315 35.30 5.02 -63.17
N GLY C 316 35.50 3.73 -62.95
CA GLY C 316 36.84 3.20 -62.77
C GLY C 316 37.61 3.10 -64.07
N ARG C 317 36.94 2.79 -65.17
CA ARG C 317 37.58 2.73 -66.48
C ARG C 317 37.70 4.08 -67.15
N ASN C 318 37.24 5.15 -66.50
CA ASN C 318 37.37 6.50 -67.03
C ASN C 318 38.30 7.36 -66.21
N ALA C 319 38.20 7.32 -64.87
CA ALA C 319 39.09 8.12 -64.03
C ALA C 319 40.52 7.59 -64.05
N LEU C 320 40.70 6.28 -64.19
CA LEU C 320 42.04 5.72 -64.36
C LEU C 320 42.60 6.08 -65.74
N ARG C 321 41.73 6.20 -66.74
CA ARG C 321 42.17 6.70 -68.04
C ARG C 321 42.47 8.19 -67.98
N ASN C 322 41.79 8.93 -67.11
CA ASN C 322 42.10 10.35 -66.92
C ASN C 322 43.39 10.51 -66.11
N TYR C 323 43.69 9.55 -65.22
CA TYR C 323 44.87 9.66 -64.39
C TYR C 323 46.15 9.25 -65.12
N ASN C 324 46.08 8.24 -65.97
CA ASN C 324 47.26 7.78 -66.70
C ASN C 324 47.54 8.73 -67.85
N ALA C 325 48.78 9.23 -67.92
CA ALA C 325 49.33 10.05 -69.00
C ALA C 325 48.53 11.35 -69.18
N LYS C 326 48.61 12.19 -68.14
CA LYS C 326 48.08 13.55 -68.22
C LYS C 326 48.76 14.37 -69.33
N ASP D 19 18.46 32.37 -53.66
CA ASP D 19 18.99 32.33 -55.02
C ASP D 19 18.24 33.40 -55.83
N LEU D 20 18.88 33.91 -56.90
CA LEU D 20 18.34 35.03 -57.64
C LEU D 20 17.29 34.55 -58.64
N ILE D 21 16.85 35.47 -59.52
CA ILE D 21 15.82 35.17 -60.51
C ILE D 21 16.40 34.74 -61.85
N ASP D 22 17.68 34.35 -61.87
CA ASP D 22 18.36 33.98 -63.12
C ASP D 22 17.79 32.72 -63.76
N LEU D 23 17.19 31.82 -62.99
CA LEU D 23 16.60 30.61 -63.55
C LEU D 23 15.07 30.64 -63.58
N LEU D 24 14.44 31.63 -62.97
CA LEU D 24 12.98 31.76 -63.00
C LEU D 24 12.46 32.40 -64.28
N VAL D 25 13.29 32.38 -65.31
CA VAL D 25 12.87 32.85 -66.65
C VAL D 25 12.65 31.67 -67.61
N GLN D 26 13.46 30.62 -67.45
CA GLN D 26 13.32 29.41 -68.31
C GLN D 26 12.02 28.66 -67.99
N LEU D 27 11.58 28.74 -66.73
CA LEU D 27 10.32 28.06 -66.35
C LEU D 27 9.30 28.76 -67.24
N TRP D 28 9.32 30.08 -67.27
CA TRP D 28 8.38 30.80 -68.16
C TRP D 28 8.71 30.46 -69.61
N ARG D 29 10.02 30.38 -69.92
CA ARG D 29 10.48 30.10 -71.31
C ARG D 29 9.91 28.75 -71.73
N GLY D 30 9.99 27.76 -70.84
CA GLY D 30 9.39 26.43 -71.09
C GLY D 30 7.98 26.36 -70.53
N LYS D 31 7.06 27.17 -71.07
CA LYS D 31 5.65 27.19 -70.57
C LYS D 31 4.81 25.95 -70.91
N MET D 32 4.76 25.55 -72.18
CA MET D 32 3.97 24.36 -72.58
C MET D 32 4.54 23.08 -71.95
N THR D 33 5.88 22.98 -71.81
CA THR D 33 6.48 21.76 -71.31
C THR D 33 6.15 21.54 -69.84
N ILE D 34 5.66 22.56 -69.14
CA ILE D 34 5.22 22.38 -67.76
C ILE D 34 3.77 21.95 -67.72
N ILE D 35 2.92 22.56 -68.56
CA ILE D 35 1.50 22.23 -68.60
C ILE D 35 1.29 20.82 -69.13
N ILE D 36 2.12 20.39 -70.08
CA ILE D 36 2.00 19.05 -70.61
C ILE D 36 2.55 18.01 -69.64
N SER D 37 3.32 18.44 -68.64
CA SER D 37 3.78 17.53 -67.59
C SER D 37 2.89 17.53 -66.37
N VAL D 38 1.91 18.44 -66.30
CA VAL D 38 0.94 18.47 -65.22
C VAL D 38 -0.34 17.75 -65.61
N ILE D 39 -0.79 17.95 -66.86
CA ILE D 39 -1.98 17.27 -67.37
C ILE D 39 -1.74 15.75 -67.46
N VAL D 40 -0.50 15.34 -67.77
CA VAL D 40 -0.18 13.93 -67.77
C VAL D 40 -0.14 13.35 -66.35
N ALA D 41 0.04 14.20 -65.33
CA ALA D 41 -0.03 13.72 -63.95
C ALA D 41 -1.47 13.57 -63.50
N ILE D 42 -2.36 14.47 -63.91
CA ILE D 42 -3.77 14.33 -63.60
C ILE D 42 -4.36 13.17 -64.39
N ALA D 43 -3.80 12.87 -65.56
CA ALA D 43 -4.27 11.72 -66.35
C ALA D 43 -3.92 10.39 -65.72
N LEU D 44 -2.89 10.33 -64.87
CA LEU D 44 -2.64 9.15 -64.06
C LEU D 44 -3.26 9.25 -62.67
N ALA D 45 -3.49 10.47 -62.16
CA ALA D 45 -4.14 10.60 -60.86
C ALA D 45 -5.61 10.22 -60.93
N ILE D 46 -6.32 10.72 -61.94
CA ILE D 46 -7.72 10.37 -62.10
C ILE D 46 -7.86 8.91 -62.52
N GLY D 47 -6.91 8.42 -63.33
CA GLY D 47 -6.87 7.01 -63.66
C GLY D 47 -6.56 6.11 -62.48
N TYR D 48 -5.90 6.65 -61.45
CA TYR D 48 -5.69 5.88 -60.22
C TYR D 48 -6.98 5.80 -59.40
N LEU D 49 -7.87 6.79 -59.56
CA LEU D 49 -9.14 6.82 -58.84
C LEU D 49 -10.27 6.09 -59.57
N ALA D 50 -9.93 5.11 -60.41
CA ALA D 50 -10.92 4.23 -61.01
C ALA D 50 -10.55 2.77 -60.85
N VAL D 51 -9.38 2.48 -60.27
CA VAL D 51 -8.93 1.11 -60.08
C VAL D 51 -8.63 0.86 -58.61
N ALA D 52 -8.42 1.92 -57.84
CA ALA D 52 -8.09 1.80 -56.43
C ALA D 52 -9.33 1.42 -55.63
N LYS D 53 -9.24 0.33 -54.88
CA LYS D 53 -10.34 -0.07 -54.03
C LYS D 53 -10.37 0.77 -52.76
N GLU D 54 -11.57 1.06 -52.29
CA GLU D 54 -11.76 1.97 -51.18
C GLU D 54 -11.87 1.21 -49.85
N LYS D 55 -11.78 1.96 -48.76
CA LYS D 55 -11.64 1.37 -47.42
C LYS D 55 -12.49 2.17 -46.44
N TRP D 56 -13.63 1.62 -46.06
CA TRP D 56 -14.54 2.24 -45.11
C TRP D 56 -14.34 1.61 -43.73
N THR D 57 -14.27 2.45 -42.70
CA THR D 57 -13.94 2.01 -41.35
C THR D 57 -15.17 2.10 -40.46
N SER D 58 -15.54 0.98 -39.84
CA SER D 58 -16.58 0.96 -38.82
C SER D 58 -15.95 1.05 -37.43
N THR D 59 -16.80 1.30 -36.44
CA THR D 59 -16.33 1.48 -35.07
C THR D 59 -17.48 1.14 -34.12
N ALA D 60 -17.23 0.23 -33.19
CA ALA D 60 -18.13 -0.02 -32.08
C ALA D 60 -17.34 0.11 -30.79
N ILE D 61 -18.02 0.52 -29.73
CA ILE D 61 -17.39 0.72 -28.42
C ILE D 61 -18.04 -0.24 -27.44
N ILE D 62 -17.23 -1.11 -26.85
CA ILE D 62 -17.73 -2.14 -25.94
C ILE D 62 -17.20 -1.86 -24.54
N THR D 63 -17.88 -2.44 -23.56
CA THR D 63 -17.60 -2.23 -22.15
C THR D 63 -18.02 -3.52 -21.44
N GLN D 64 -17.36 -3.83 -20.30
CA GLN D 64 -17.68 -4.91 -19.37
C GLN D 64 -19.17 -4.97 -19.07
N PRO D 65 -19.75 -6.17 -18.93
CA PRO D 65 -21.20 -6.28 -18.84
C PRO D 65 -21.77 -5.73 -17.54
N ASP D 66 -23.08 -5.49 -17.55
CA ASP D 66 -23.75 -4.92 -16.41
C ASP D 66 -23.77 -5.90 -15.24
N VAL D 67 -24.03 -5.36 -14.04
CA VAL D 67 -24.01 -6.17 -12.84
C VAL D 67 -25.23 -7.07 -12.80
N GLY D 68 -26.33 -6.66 -13.42
CA GLY D 68 -27.52 -7.47 -13.50
C GLY D 68 -27.61 -8.39 -14.69
N GLN D 69 -26.70 -8.27 -15.65
CA GLN D 69 -26.69 -9.20 -16.77
C GLN D 69 -26.01 -10.51 -16.41
N ILE D 70 -24.97 -10.45 -15.57
CA ILE D 70 -24.23 -11.63 -15.18
C ILE D 70 -24.63 -12.11 -13.79
N ALA D 71 -25.79 -11.68 -13.29
CA ALA D 71 -26.24 -12.07 -11.97
C ALA D 71 -26.66 -13.54 -11.90
N GLY D 72 -26.95 -14.16 -13.05
CA GLY D 72 -27.16 -15.59 -13.08
C GLY D 72 -25.84 -16.33 -13.01
N TYR D 73 -24.83 -15.78 -13.71
CA TYR D 73 -23.51 -16.38 -13.69
C TYR D 73 -22.79 -16.11 -12.38
N ASN D 74 -23.05 -14.96 -11.76
CA ASN D 74 -22.42 -14.66 -10.47
C ASN D 74 -22.99 -15.53 -9.35
N ASN D 75 -24.28 -15.84 -9.42
CA ASN D 75 -24.88 -16.73 -8.43
C ASN D 75 -24.40 -18.16 -8.59
N ALA D 76 -23.97 -18.52 -9.81
CA ALA D 76 -23.35 -19.83 -10.01
C ALA D 76 -22.00 -19.92 -9.33
N MET D 77 -21.25 -18.81 -9.29
CA MET D 77 -19.95 -18.80 -8.66
C MET D 77 -20.01 -18.57 -7.15
N ASN D 78 -21.16 -18.14 -6.61
CA ASN D 78 -21.32 -18.03 -5.17
C ASN D 78 -21.81 -19.33 -4.53
N VAL D 79 -22.39 -20.23 -5.32
CA VAL D 79 -22.84 -21.51 -4.79
C VAL D 79 -21.71 -22.52 -4.75
N ILE D 80 -20.93 -22.61 -5.83
CA ILE D 80 -19.88 -23.61 -5.92
C ILE D 80 -18.63 -23.23 -5.15
N TYR D 81 -18.49 -21.97 -4.73
CA TYR D 81 -17.29 -21.52 -4.04
C TYR D 81 -17.55 -20.94 -2.66
N GLY D 82 -18.77 -20.51 -2.35
CA GLY D 82 -19.09 -20.04 -1.03
C GLY D 82 -18.49 -18.70 -0.67
N GLN D 83 -17.55 -18.71 0.27
CA GLN D 83 -16.96 -17.48 0.77
C GLN D 83 -15.72 -17.04 -0.02
N ALA D 84 -15.08 -17.94 -0.76
CA ALA D 84 -13.92 -17.61 -1.56
C ALA D 84 -14.29 -17.22 -2.99
N ALA D 85 -15.57 -16.90 -3.23
CA ALA D 85 -15.99 -16.48 -4.55
C ALA D 85 -15.47 -15.08 -4.86
N PRO D 86 -15.16 -14.80 -6.13
CA PRO D 86 -14.74 -13.44 -6.48
C PRO D 86 -15.90 -12.47 -6.43
N LYS D 87 -15.58 -11.20 -6.22
CA LYS D 87 -16.59 -10.15 -6.18
C LYS D 87 -17.15 -9.90 -7.57
N VAL D 88 -18.34 -9.28 -7.60
CA VAL D 88 -19.01 -9.03 -8.86
C VAL D 88 -18.33 -7.91 -9.65
N SER D 89 -17.53 -7.07 -8.98
CA SER D 89 -16.69 -6.11 -9.68
C SER D 89 -15.38 -6.72 -10.15
N ASP D 90 -15.10 -7.98 -9.77
CA ASP D 90 -13.96 -8.72 -10.28
C ASP D 90 -14.38 -9.79 -11.27
N LEU D 91 -15.65 -10.15 -11.29
CA LEU D 91 -16.17 -11.05 -12.32
C LEU D 91 -16.46 -10.30 -13.62
N GLN D 92 -16.38 -8.98 -13.61
CA GLN D 92 -16.56 -8.20 -14.82
C GLN D 92 -15.25 -7.92 -15.53
N GLU D 93 -14.14 -7.83 -14.80
CA GLU D 93 -12.84 -7.67 -15.44
C GLU D 93 -12.32 -8.97 -16.03
N THR D 94 -12.88 -10.10 -15.63
CA THR D 94 -12.53 -11.39 -16.21
C THR D 94 -13.31 -11.63 -17.49
N LEU D 95 -14.61 -11.35 -17.49
CA LEU D 95 -15.44 -11.59 -18.66
C LEU D 95 -15.13 -10.61 -19.79
N ILE D 96 -14.56 -9.45 -19.49
CA ILE D 96 -14.03 -8.59 -20.54
C ILE D 96 -12.55 -8.87 -20.79
N GLY D 97 -11.88 -9.57 -19.87
CA GLY D 97 -10.54 -10.06 -20.15
C GLY D 97 -10.55 -11.29 -21.02
N ARG D 98 -11.63 -12.10 -20.94
CA ARG D 98 -11.79 -13.24 -21.82
C ARG D 98 -12.32 -12.85 -23.19
N PHE D 99 -12.76 -11.61 -23.36
CA PHE D 99 -13.20 -11.11 -24.66
C PHE D 99 -12.10 -10.34 -25.37
N SER D 100 -11.42 -9.44 -24.67
CA SER D 100 -10.37 -8.63 -25.27
C SER D 100 -9.14 -9.44 -25.66
N SER D 101 -8.96 -10.63 -25.10
CA SER D 101 -7.88 -11.52 -25.51
C SER D 101 -8.33 -12.56 -26.52
N ALA D 102 -9.63 -12.77 -26.66
CA ALA D 102 -10.16 -13.63 -27.71
C ALA D 102 -10.59 -12.85 -28.95
N PHE D 103 -10.76 -11.54 -28.84
CA PHE D 103 -11.01 -10.72 -30.02
C PHE D 103 -9.71 -10.32 -30.69
N SER D 104 -8.65 -10.12 -29.90
CA SER D 104 -7.33 -9.90 -30.47
C SER D 104 -6.67 -11.19 -30.94
N ALA D 105 -7.25 -12.34 -30.62
CA ALA D 105 -6.82 -13.60 -31.20
C ALA D 105 -7.61 -13.95 -32.45
N LEU D 106 -8.73 -13.26 -32.69
CA LEU D 106 -9.36 -13.29 -34.01
C LEU D 106 -8.71 -12.29 -34.94
N ALA D 107 -8.11 -11.23 -34.40
CA ALA D 107 -7.41 -10.23 -35.20
C ALA D 107 -6.17 -10.79 -35.87
N GLU D 108 -5.58 -11.86 -35.33
CA GLU D 108 -4.36 -12.43 -35.88
C GLU D 108 -4.60 -13.68 -36.70
N THR D 109 -5.82 -14.23 -36.70
CA THR D 109 -6.18 -15.30 -37.63
C THR D 109 -6.94 -14.76 -38.84
N LEU D 110 -7.06 -13.44 -38.95
CA LEU D 110 -7.57 -12.82 -40.17
C LEU D 110 -6.46 -12.23 -41.02
N ASP D 111 -5.23 -12.17 -40.50
CA ASP D 111 -4.07 -11.86 -41.32
C ASP D 111 -3.50 -13.09 -42.00
N ASN D 112 -3.91 -14.28 -41.57
CA ASN D 112 -3.55 -15.53 -42.24
C ASN D 112 -4.53 -15.91 -43.34
N GLN D 113 -5.35 -14.96 -43.79
CA GLN D 113 -6.11 -15.17 -45.00
C GLN D 113 -5.25 -14.87 -46.21
N GLU D 114 -5.74 -15.25 -47.39
CA GLU D 114 -5.02 -14.89 -48.61
C GLU D 114 -5.08 -13.40 -48.87
N GLU D 115 -6.23 -12.78 -48.60
CA GLU D 115 -6.38 -11.34 -48.62
C GLU D 115 -6.69 -10.87 -47.20
N ARG D 116 -5.92 -9.89 -46.71
CA ARG D 116 -5.97 -9.53 -45.30
C ARG D 116 -7.24 -8.74 -44.99
N GLU D 117 -7.74 -8.92 -43.77
CA GLU D 117 -8.87 -8.17 -43.24
C GLU D 117 -8.42 -7.56 -41.92
N LYS D 118 -8.19 -6.24 -41.92
CA LYS D 118 -7.73 -5.57 -40.71
C LYS D 118 -8.87 -5.43 -39.72
N LEU D 119 -8.61 -5.82 -38.48
CA LEU D 119 -9.59 -5.72 -37.40
C LEU D 119 -8.83 -5.48 -36.09
N THR D 120 -9.10 -4.37 -35.42
CA THR D 120 -8.32 -3.97 -34.26
C THR D 120 -9.18 -3.92 -33.01
N ILE D 121 -8.51 -3.71 -31.89
CA ILE D 121 -9.14 -3.44 -30.60
C ILE D 121 -8.18 -2.63 -29.77
N GLU D 122 -8.70 -1.62 -29.08
CA GLU D 122 -7.86 -0.66 -28.36
C GLU D 122 -8.69 -0.01 -27.29
N PRO D 123 -8.07 0.46 -26.20
CA PRO D 123 -8.80 1.30 -25.24
C PRO D 123 -9.17 2.63 -25.86
N SER D 124 -10.29 3.19 -25.39
CA SER D 124 -10.84 4.40 -26.01
C SER D 124 -10.00 5.62 -25.68
N VAL D 125 -9.88 5.95 -24.40
CA VAL D 125 -8.99 7.01 -23.96
C VAL D 125 -7.74 6.36 -23.39
N LYS D 126 -6.64 7.08 -23.44
CA LYS D 126 -5.31 6.50 -23.31
C LYS D 126 -4.89 6.26 -21.87
N ASN D 127 -5.76 6.45 -20.88
CA ASN D 127 -5.40 6.25 -19.48
C ASN D 127 -6.08 5.05 -18.87
N GLN D 128 -7.41 4.97 -18.93
CA GLN D 128 -8.14 3.87 -18.30
C GLN D 128 -8.25 2.68 -19.24
N GLN D 129 -8.51 1.52 -18.65
CA GLN D 129 -8.46 0.26 -19.41
C GLN D 129 -9.64 0.12 -20.35
N LEU D 130 -10.85 0.30 -19.84
CA LEU D 130 -12.08 0.16 -20.60
C LEU D 130 -12.90 1.44 -20.48
N PRO D 131 -13.76 1.77 -21.47
CA PRO D 131 -14.30 1.10 -22.67
C PRO D 131 -13.30 0.82 -23.80
N LEU D 132 -13.49 -0.30 -24.47
CA LEU D 132 -12.65 -0.70 -25.59
C LEU D 132 -13.28 -0.23 -26.89
N THR D 133 -12.45 -0.08 -27.92
CA THR D 133 -12.89 0.45 -29.21
C THR D 133 -12.48 -0.51 -30.32
N VAL D 134 -13.41 -1.34 -30.77
CA VAL D 134 -13.13 -2.23 -31.88
C VAL D 134 -13.30 -1.49 -33.20
N SER D 135 -12.74 -2.07 -34.27
CA SER D 135 -12.82 -1.46 -35.59
C SER D 135 -12.64 -2.54 -36.65
N TYR D 136 -12.88 -2.15 -37.90
CA TYR D 136 -12.80 -3.02 -39.06
C TYR D 136 -12.85 -2.16 -40.31
N VAL D 137 -12.02 -2.51 -41.30
CA VAL D 137 -12.04 -1.83 -42.60
C VAL D 137 -12.59 -2.80 -43.63
N GLY D 138 -13.35 -2.25 -44.59
CA GLY D 138 -14.00 -3.05 -45.60
C GLY D 138 -13.83 -2.44 -46.98
N GLN D 139 -14.83 -2.67 -47.81
CA GLN D 139 -14.85 -2.13 -49.16
C GLN D 139 -16.08 -1.30 -49.46
N THR D 140 -17.18 -1.51 -48.74
CA THR D 140 -18.38 -0.69 -48.85
C THR D 140 -18.74 -0.17 -47.46
N ALA D 141 -19.67 0.79 -47.44
CA ALA D 141 -20.14 1.33 -46.18
C ALA D 141 -21.05 0.34 -45.46
N GLU D 142 -21.96 -0.30 -46.20
CA GLU D 142 -22.85 -1.28 -45.60
C GLU D 142 -22.12 -2.58 -45.28
N GLY D 143 -21.22 -2.99 -46.17
CA GLY D 143 -20.50 -4.24 -46.01
C GLY D 143 -19.36 -4.23 -45.02
N ALA D 144 -19.08 -3.10 -44.38
CA ALA D 144 -18.11 -3.04 -43.30
C ALA D 144 -18.74 -2.86 -41.94
N GLN D 145 -20.06 -2.66 -41.87
CA GLN D 145 -20.81 -2.65 -40.63
C GLN D 145 -21.45 -4.00 -40.35
N MET D 146 -21.97 -4.65 -41.39
CA MET D 146 -22.48 -6.01 -41.26
C MET D 146 -21.36 -6.99 -40.89
N LYS D 147 -20.16 -6.77 -41.46
CA LYS D 147 -19.04 -7.66 -41.18
C LYS D 147 -18.50 -7.46 -39.77
N LEU D 148 -18.62 -6.26 -39.21
CA LEU D 148 -18.15 -6.03 -37.85
C LEU D 148 -19.12 -6.59 -36.82
N ALA D 149 -20.43 -6.41 -37.05
CA ALA D 149 -21.43 -6.96 -36.14
C ALA D 149 -21.52 -8.48 -36.23
N GLN D 150 -20.97 -9.08 -37.28
CA GLN D 150 -20.84 -10.53 -37.33
C GLN D 150 -19.62 -11.00 -36.55
N TYR D 151 -18.51 -10.27 -36.67
CA TYR D 151 -17.28 -10.66 -35.98
C TYR D 151 -17.32 -10.35 -34.49
N ILE D 152 -18.23 -9.48 -34.04
CA ILE D 152 -18.45 -9.34 -32.61
C ILE D 152 -19.23 -10.53 -32.07
N GLN D 153 -20.27 -10.95 -32.78
CA GLN D 153 -21.06 -12.10 -32.38
C GLN D 153 -20.31 -13.42 -32.57
N GLN D 154 -19.25 -13.43 -33.38
CA GLN D 154 -18.48 -14.66 -33.55
C GLN D 154 -17.58 -14.92 -32.35
N VAL D 155 -16.95 -13.88 -31.82
CA VAL D 155 -16.15 -14.04 -30.61
C VAL D 155 -17.05 -14.20 -29.39
N ASP D 156 -18.25 -13.61 -29.43
CA ASP D 156 -19.16 -13.75 -28.30
C ASP D 156 -19.75 -15.14 -28.19
N ASP D 157 -19.92 -15.83 -29.33
CA ASP D 157 -20.39 -17.21 -29.28
C ASP D 157 -19.26 -18.20 -29.04
N LYS D 158 -18.01 -17.75 -29.04
CA LYS D 158 -16.89 -18.59 -28.66
C LYS D 158 -16.60 -18.50 -27.17
N VAL D 159 -16.78 -17.32 -26.59
CA VAL D 159 -16.58 -17.14 -25.16
C VAL D 159 -17.76 -17.74 -24.38
N ASN D 160 -18.98 -17.60 -24.90
CA ASN D 160 -20.16 -18.10 -24.21
C ASN D 160 -20.23 -19.63 -24.24
N GLN D 161 -19.62 -20.26 -25.24
CA GLN D 161 -19.56 -21.72 -25.26
C GLN D 161 -18.33 -22.26 -24.56
N GLU D 162 -17.33 -21.42 -24.30
CA GLU D 162 -16.18 -21.82 -23.49
C GLU D 162 -16.39 -21.54 -22.01
N LEU D 163 -17.59 -21.13 -21.62
CA LEU D 163 -17.92 -20.91 -20.22
C LEU D 163 -19.08 -21.77 -19.74
N GLU D 164 -20.04 -22.09 -20.60
CA GLU D 164 -21.04 -23.09 -20.25
C GLU D 164 -20.44 -24.49 -20.27
N LYS D 165 -19.41 -24.71 -21.10
CA LYS D 165 -18.66 -25.95 -21.04
C LYS D 165 -17.75 -25.99 -19.83
N ASP D 166 -17.29 -24.81 -19.37
CA ASP D 166 -16.42 -24.77 -18.21
C ASP D 166 -17.19 -24.91 -16.91
N LEU D 167 -18.42 -24.36 -16.86
CA LEU D 167 -19.23 -24.48 -15.65
C LEU D 167 -19.78 -25.89 -15.48
N LYS D 168 -20.00 -26.61 -16.58
CA LYS D 168 -20.48 -27.99 -16.45
C LYS D 168 -19.38 -28.93 -15.99
N ASP D 169 -18.11 -28.61 -16.25
CA ASP D 169 -16.99 -29.37 -15.70
C ASP D 169 -16.62 -28.92 -14.29
N ASN D 170 -17.19 -27.83 -13.81
CA ASN D 170 -16.98 -27.39 -12.44
C ASN D 170 -18.10 -27.82 -11.51
N ILE D 171 -19.34 -27.91 -12.01
CA ILE D 171 -20.45 -28.34 -11.19
C ILE D 171 -20.45 -29.86 -11.04
N ALA D 172 -20.25 -30.59 -12.13
CA ALA D 172 -20.23 -32.05 -12.08
C ALA D 172 -19.00 -32.59 -11.37
N LEU D 173 -17.96 -31.78 -11.19
CA LEU D 173 -16.84 -32.12 -10.34
C LEU D 173 -16.96 -31.51 -8.95
N GLY D 174 -17.78 -30.46 -8.81
CA GLY D 174 -17.99 -29.87 -7.49
C GLY D 174 -18.96 -30.65 -6.64
N ARG D 175 -19.85 -31.44 -7.26
CA ARG D 175 -20.73 -32.32 -6.52
C ARG D 175 -20.13 -33.71 -6.35
N LYS D 176 -18.88 -33.91 -6.79
CA LYS D 176 -18.14 -35.13 -6.49
C LYS D 176 -17.23 -34.96 -5.30
N ASN D 177 -16.71 -33.76 -5.08
CA ASN D 177 -15.96 -33.44 -3.87
C ASN D 177 -16.88 -33.09 -2.70
N LEU D 178 -18.20 -33.10 -2.91
CA LEU D 178 -19.14 -32.98 -1.82
C LEU D 178 -19.84 -34.29 -1.49
N GLN D 179 -20.07 -35.15 -2.49
CA GLN D 179 -20.58 -36.48 -2.19
C GLN D 179 -19.52 -37.35 -1.54
N ASP D 180 -18.24 -37.00 -1.75
CA ASP D 180 -17.17 -37.65 -1.00
C ASP D 180 -17.07 -37.09 0.41
N SER D 181 -17.23 -35.78 0.56
CA SER D 181 -17.13 -35.12 1.86
C SER D 181 -18.36 -35.33 2.74
N LEU D 182 -19.38 -36.02 2.26
CA LEU D 182 -20.45 -36.54 3.10
C LEU D 182 -20.26 -38.01 3.44
N ARG D 183 -19.28 -38.67 2.84
CA ARG D 183 -18.97 -40.05 3.17
C ARG D 183 -17.87 -40.15 4.21
N THR D 184 -16.86 -39.29 4.12
CA THR D 184 -15.82 -39.25 5.15
C THR D 184 -16.28 -38.52 6.40
N GLN D 185 -17.33 -37.70 6.30
CA GLN D 185 -17.91 -37.03 7.46
C GLN D 185 -18.97 -37.89 8.14
N GLU D 186 -19.38 -38.99 7.51
CA GLU D 186 -20.30 -39.93 8.12
C GLU D 186 -19.58 -41.05 8.85
N VAL D 187 -18.38 -41.41 8.39
CA VAL D 187 -17.61 -42.44 9.09
C VAL D 187 -17.00 -41.85 10.37
N VAL D 188 -16.74 -40.54 10.40
CA VAL D 188 -16.38 -39.88 11.64
C VAL D 188 -17.56 -39.86 12.60
N ALA D 189 -18.77 -39.66 12.06
CA ALA D 189 -19.98 -39.64 12.88
C ALA D 189 -20.40 -41.02 13.35
N GLN D 190 -19.75 -42.09 12.90
CA GLN D 190 -19.96 -43.41 13.47
C GLN D 190 -18.82 -43.82 14.39
N GLU D 191 -17.65 -43.19 14.26
CA GLU D 191 -16.61 -43.38 15.27
C GLU D 191 -17.00 -42.70 16.58
N GLN D 192 -17.81 -41.64 16.51
CA GLN D 192 -18.38 -41.05 17.72
C GLN D 192 -19.51 -41.90 18.26
N LYS D 193 -20.28 -42.56 17.38
CA LYS D 193 -21.37 -43.41 17.84
C LYS D 193 -20.84 -44.69 18.46
N ASP D 194 -19.76 -45.24 17.90
CA ASP D 194 -19.15 -46.43 18.48
C ASP D 194 -18.43 -46.15 19.78
N LEU D 195 -18.10 -44.89 20.06
CA LEU D 195 -17.60 -44.51 21.37
C LEU D 195 -18.74 -44.28 22.35
N ARG D 196 -19.89 -43.82 21.86
CA ARG D 196 -21.03 -43.60 22.74
C ARG D 196 -21.65 -44.91 23.20
N ILE D 197 -21.59 -45.95 22.37
CA ILE D 197 -22.02 -47.28 22.81
C ILE D 197 -21.04 -47.83 23.83
N ARG D 198 -19.75 -47.52 23.68
CA ARG D 198 -18.75 -47.99 24.63
C ARG D 198 -18.84 -47.24 25.95
N GLN D 199 -19.26 -45.97 25.92
CA GLN D 199 -19.52 -45.25 27.16
C GLN D 199 -20.75 -45.78 27.87
N ILE D 200 -21.76 -46.22 27.12
CA ILE D 200 -22.95 -46.82 27.71
C ILE D 200 -22.62 -48.21 28.24
N GLN D 201 -21.77 -48.96 27.53
CA GLN D 201 -21.44 -50.32 27.94
C GLN D 201 -20.61 -50.34 29.22
N GLU D 202 -19.86 -49.28 29.50
CA GLU D 202 -19.17 -49.18 30.79
C GLU D 202 -20.11 -48.70 31.88
N ALA D 203 -21.06 -47.82 31.55
CA ALA D 203 -21.99 -47.31 32.53
C ALA D 203 -23.04 -48.33 32.96
N LEU D 204 -23.15 -49.46 32.26
CA LEU D 204 -23.97 -50.55 32.76
C LEU D 204 -23.29 -51.27 33.92
N GLN D 205 -21.96 -51.26 33.94
CA GLN D 205 -21.23 -51.90 35.03
C GLN D 205 -21.24 -51.06 36.30
N TYR D 206 -21.30 -49.74 36.17
CA TYR D 206 -21.44 -48.89 37.35
C TYR D 206 -22.83 -49.00 37.94
N ALA D 207 -23.86 -49.03 37.09
CA ALA D 207 -25.23 -49.12 37.55
C ALA D 207 -25.63 -50.52 37.98
N ASN D 208 -24.79 -51.52 37.78
CA ASN D 208 -25.05 -52.86 38.28
C ASN D 208 -24.51 -53.07 39.69
N GLN D 209 -23.51 -52.30 40.10
CA GLN D 209 -22.97 -52.38 41.45
C GLN D 209 -23.63 -51.38 42.39
N ALA D 210 -23.94 -50.18 41.91
CA ALA D 210 -24.65 -49.19 42.70
C ALA D 210 -26.13 -49.47 42.83
N GLN D 211 -26.64 -50.45 42.07
CA GLN D 211 -28.04 -50.90 42.08
C GLN D 211 -29.00 -49.76 41.75
N VAL D 212 -28.81 -49.19 40.56
CA VAL D 212 -29.70 -48.19 40.02
C VAL D 212 -30.48 -48.82 38.87
N THR D 213 -31.74 -49.16 39.11
CA THR D 213 -32.55 -49.79 38.08
C THR D 213 -33.47 -48.81 37.37
N LYS D 214 -34.29 -48.14 38.10
CA LYS D 214 -35.11 -47.09 37.53
C LYS D 214 -34.29 -45.82 37.33
N PRO D 215 -34.65 -44.95 36.39
CA PRO D 215 -33.88 -43.71 36.19
C PRO D 215 -34.00 -42.77 37.37
N GLN D 216 -32.86 -42.25 37.80
CA GLN D 216 -32.80 -41.26 38.87
C GLN D 216 -32.64 -39.84 38.34
N ILE D 217 -32.32 -39.68 37.06
CA ILE D 217 -32.25 -38.37 36.44
C ILE D 217 -33.65 -37.81 36.25
N GLN D 218 -33.86 -36.58 36.70
CA GLN D 218 -35.09 -35.85 36.42
C GLN D 218 -34.99 -35.03 35.15
N GLN D 219 -33.77 -34.64 34.76
CA GLN D 219 -33.52 -33.74 33.65
C GLN D 219 -32.02 -33.72 33.39
N THR D 220 -31.63 -33.19 32.23
CA THR D 220 -30.25 -32.78 31.99
C THR D 220 -30.26 -31.61 31.02
N GLY D 221 -29.62 -30.51 31.42
CA GLY D 221 -29.55 -29.31 30.60
C GLY D 221 -28.59 -29.38 29.42
N GLU D 222 -27.77 -30.42 29.36
CA GLU D 222 -26.86 -30.65 28.24
C GLU D 222 -26.92 -32.14 27.94
N ASP D 223 -25.97 -32.61 27.13
CA ASP D 223 -25.82 -34.05 26.95
C ASP D 223 -25.20 -34.66 28.19
N ILE D 224 -25.52 -35.93 28.44
CA ILE D 224 -25.03 -36.61 29.63
C ILE D 224 -23.60 -37.09 29.35
N THR D 225 -22.70 -36.84 30.30
CA THR D 225 -21.29 -37.16 30.12
C THR D 225 -21.02 -38.61 30.53
N GLN D 226 -19.74 -38.96 30.64
CA GLN D 226 -19.37 -40.35 30.93
C GLN D 226 -19.66 -40.72 32.38
N ASP D 227 -19.43 -39.80 33.31
CA ASP D 227 -19.53 -40.12 34.72
C ASP D 227 -20.96 -40.23 35.20
N THR D 228 -21.82 -39.29 34.81
CA THR D 228 -23.22 -39.28 35.24
C THR D 228 -24.14 -40.05 34.30
N LEU D 229 -23.60 -40.95 33.47
CA LEU D 229 -24.40 -41.72 32.55
C LEU D 229 -25.08 -42.92 33.22
N PHE D 230 -24.57 -43.37 34.36
CA PHE D 230 -25.13 -44.52 35.05
C PHE D 230 -26.44 -44.20 35.78
N LEU D 231 -26.84 -42.93 35.84
CA LEU D 231 -28.05 -42.58 36.56
C LEU D 231 -29.31 -42.85 35.72
N LEU D 232 -29.15 -43.24 34.46
CA LEU D 232 -30.31 -43.59 33.65
C LEU D 232 -30.88 -44.94 34.06
N GLY D 233 -30.07 -45.78 34.69
CA GLY D 233 -30.56 -47.03 35.23
C GLY D 233 -29.92 -48.27 34.67
N SER D 234 -30.11 -49.40 35.33
CA SER D 234 -29.61 -50.66 34.80
C SER D 234 -30.52 -51.19 33.69
N GLU D 235 -31.82 -50.90 33.78
CA GLU D 235 -32.77 -51.39 32.79
C GLU D 235 -32.74 -50.57 31.51
N ALA D 236 -32.61 -49.25 31.63
CA ALA D 236 -32.62 -48.40 30.44
C ALA D 236 -31.29 -48.39 29.70
N LEU D 237 -30.21 -48.83 30.34
CA LEU D 237 -28.93 -48.95 29.66
C LEU D 237 -28.73 -50.31 29.02
N GLU D 238 -29.51 -51.31 29.42
CA GLU D 238 -29.48 -52.61 28.75
C GLU D 238 -30.19 -52.57 27.40
N SER D 239 -31.02 -51.57 27.16
CA SER D 239 -31.70 -51.43 25.87
C SER D 239 -30.95 -50.52 24.91
N MET D 240 -30.02 -49.70 25.42
CA MET D 240 -29.15 -48.93 24.54
C MET D 240 -28.00 -49.76 23.99
N ILE D 241 -27.80 -50.96 24.51
CA ILE D 241 -26.80 -51.89 23.98
C ILE D 241 -27.45 -52.97 23.13
N LYS D 242 -28.65 -53.41 23.51
CA LYS D 242 -29.36 -54.41 22.73
C LYS D 242 -29.85 -53.83 21.39
N HIS D 243 -30.35 -52.60 21.40
CA HIS D 243 -30.71 -51.88 20.19
C HIS D 243 -29.57 -50.92 19.86
N GLU D 244 -28.47 -51.49 19.36
CA GLU D 244 -27.26 -50.72 19.05
C GLU D 244 -27.12 -50.41 17.57
N ALA D 245 -27.35 -51.40 16.69
CA ALA D 245 -27.20 -51.18 15.26
C ALA D 245 -28.30 -50.30 14.68
N THR D 246 -29.44 -50.18 15.37
CA THR D 246 -30.52 -49.33 14.91
C THR D 246 -30.54 -47.96 15.58
N ARG D 247 -29.60 -47.69 16.47
CA ARG D 247 -29.52 -46.39 17.14
C ARG D 247 -29.01 -45.36 16.15
N PRO D 248 -29.71 -44.25 15.93
CA PRO D 248 -29.35 -43.34 14.84
C PRO D 248 -28.13 -42.50 15.16
N LEU D 249 -27.38 -42.19 14.11
CA LEU D 249 -26.23 -41.31 14.22
C LEU D 249 -26.69 -39.89 14.49
N VAL D 250 -25.79 -39.10 15.09
CA VAL D 250 -26.01 -37.68 15.26
C VAL D 250 -24.98 -36.95 14.41
N PHE D 251 -25.42 -35.86 13.78
CA PHE D 251 -24.60 -35.15 12.82
C PHE D 251 -24.36 -33.72 13.27
N SER D 252 -23.11 -33.28 13.15
CA SER D 252 -22.72 -31.94 13.53
C SER D 252 -23.35 -30.92 12.57
N PRO D 253 -23.53 -29.67 13.01
CA PRO D 253 -24.10 -28.65 12.12
C PRO D 253 -23.20 -28.23 10.96
N ASN D 254 -21.98 -28.75 10.86
CA ASN D 254 -21.20 -28.59 9.64
C ASN D 254 -21.59 -29.61 8.59
N TYR D 255 -22.16 -30.75 9.00
CA TYR D 255 -22.63 -31.74 8.04
C TYR D 255 -23.86 -31.23 7.30
N TYR D 256 -24.82 -30.66 8.03
CA TYR D 256 -26.01 -30.11 7.39
C TYR D 256 -25.74 -28.82 6.63
N GLN D 257 -24.58 -28.20 6.83
CA GLN D 257 -24.18 -27.08 5.98
C GLN D 257 -23.67 -27.58 4.64
N THR D 258 -22.82 -28.61 4.65
CA THR D 258 -22.31 -29.18 3.40
C THR D 258 -23.27 -30.18 2.78
N ARG D 259 -24.38 -30.49 3.44
CA ARG D 259 -25.48 -31.20 2.79
C ARG D 259 -26.38 -30.22 2.06
N GLN D 260 -26.62 -29.06 2.66
CA GLN D 260 -27.34 -27.99 1.98
C GLN D 260 -26.51 -27.36 0.87
N ASN D 261 -25.18 -27.49 0.94
CA ASN D 261 -24.32 -27.00 -0.13
C ASN D 261 -24.25 -27.95 -1.31
N LEU D 262 -24.68 -29.20 -1.15
CA LEU D 262 -24.78 -30.15 -2.24
C LEU D 262 -26.12 -30.04 -2.96
N LEU D 263 -27.20 -29.75 -2.23
CA LEU D 263 -28.48 -29.52 -2.86
C LEU D 263 -28.52 -28.19 -3.61
N ASP D 264 -27.66 -27.25 -3.26
CA ASP D 264 -27.59 -26.00 -4.02
C ASP D 264 -26.75 -26.17 -5.28
N ILE D 265 -25.83 -27.13 -5.30
CA ILE D 265 -25.00 -27.36 -6.48
C ILE D 265 -25.65 -28.37 -7.42
N GLU D 266 -26.68 -29.08 -6.96
CA GLU D 266 -27.45 -29.97 -7.83
C GLU D 266 -28.66 -29.29 -8.46
N SER D 267 -29.05 -28.12 -7.96
CA SER D 267 -30.30 -27.50 -8.39
C SER D 267 -30.12 -26.45 -9.46
N LEU D 268 -28.95 -25.82 -9.55
CA LEU D 268 -28.75 -24.76 -10.53
C LEU D 268 -28.56 -25.35 -11.92
N LYS D 269 -29.05 -24.62 -12.91
CA LYS D 269 -29.06 -25.08 -14.30
C LYS D 269 -28.22 -24.14 -15.15
N VAL D 270 -27.42 -24.71 -16.04
CA VAL D 270 -26.49 -23.95 -16.86
C VAL D 270 -27.08 -23.71 -18.27
N ASP D 271 -28.09 -24.49 -18.66
CA ASP D 271 -28.67 -24.34 -19.99
C ASP D 271 -29.45 -23.03 -20.11
N ASP D 272 -30.31 -22.72 -19.14
CA ASP D 272 -31.04 -21.46 -19.15
C ASP D 272 -30.26 -20.30 -18.54
N LEU D 273 -29.00 -20.53 -18.15
CA LEU D 273 -28.19 -19.45 -17.60
C LEU D 273 -27.52 -18.69 -18.75
N ASP D 274 -27.69 -17.37 -18.75
CA ASP D 274 -27.22 -16.52 -19.83
C ASP D 274 -25.94 -15.81 -19.39
N ILE D 275 -24.88 -16.00 -20.17
CA ILE D 275 -23.60 -15.33 -19.95
C ILE D 275 -23.38 -14.35 -21.08
N HIS D 276 -23.04 -13.11 -20.75
CA HIS D 276 -22.73 -12.07 -21.72
C HIS D 276 -21.40 -11.44 -21.33
N ALA D 277 -20.43 -11.50 -22.23
CA ALA D 277 -19.07 -11.08 -21.94
C ALA D 277 -18.79 -9.64 -22.34
N TYR D 278 -19.80 -8.90 -22.78
CA TYR D 278 -19.61 -7.56 -23.31
C TYR D 278 -20.95 -6.84 -23.32
N ARG D 279 -20.89 -5.51 -23.40
CA ARG D 279 -22.09 -4.68 -23.49
C ARG D 279 -21.85 -3.54 -24.44
N TYR D 280 -22.76 -3.37 -25.41
CA TYR D 280 -22.71 -2.24 -26.33
C TYR D 280 -23.01 -0.94 -25.61
N VAL D 281 -22.04 -0.02 -25.58
CA VAL D 281 -22.36 1.38 -25.32
C VAL D 281 -22.49 2.17 -26.60
N MET D 282 -22.12 1.57 -27.74
CA MET D 282 -22.36 2.17 -29.06
C MET D 282 -22.45 1.03 -30.06
N LYS D 283 -23.58 0.93 -30.75
CA LYS D 283 -23.76 -0.05 -31.80
C LYS D 283 -22.78 0.21 -32.94
N PRO D 284 -22.38 -0.82 -33.70
CA PRO D 284 -21.40 -0.62 -34.79
C PRO D 284 -21.96 0.26 -35.90
N MET D 285 -21.29 1.38 -36.14
CA MET D 285 -21.75 2.40 -37.05
C MET D 285 -21.49 2.00 -38.50
N LEU D 286 -22.17 2.68 -39.42
CA LEU D 286 -21.78 2.64 -40.81
C LEU D 286 -21.25 4.01 -41.21
N PRO D 287 -20.05 4.07 -41.79
CA PRO D 287 -19.39 5.37 -41.97
C PRO D 287 -19.93 6.13 -43.17
N ILE D 288 -19.77 7.44 -43.11
CA ILE D 288 -20.15 8.34 -44.20
C ILE D 288 -18.95 8.76 -45.03
N ARG D 289 -17.83 9.05 -44.36
CA ARG D 289 -16.60 9.43 -45.03
C ARG D 289 -15.65 8.25 -45.04
N ARG D 290 -15.18 7.87 -46.22
CA ARG D 290 -14.21 6.79 -46.35
C ARG D 290 -12.83 7.25 -45.93
N ASP D 291 -11.91 6.30 -45.79
CA ASP D 291 -10.57 6.58 -45.30
C ASP D 291 -9.55 6.73 -46.42
N SER D 292 -9.71 5.98 -47.51
CA SER D 292 -8.83 6.04 -48.67
C SER D 292 -9.60 5.49 -49.85
N PRO D 293 -9.40 6.03 -51.07
CA PRO D 293 -8.58 7.21 -51.41
C PRO D 293 -9.36 8.52 -51.25
N LYS D 294 -8.67 9.55 -50.76
CA LYS D 294 -9.27 10.86 -50.59
C LYS D 294 -9.03 11.68 -51.85
N LYS D 295 -10.11 12.24 -52.42
CA LYS D 295 -10.02 12.95 -53.69
C LYS D 295 -9.27 14.27 -53.58
N ALA D 296 -9.18 14.85 -52.39
CA ALA D 296 -8.55 16.17 -52.25
C ALA D 296 -7.03 16.09 -52.30
N ILE D 297 -6.43 15.24 -51.46
CA ILE D 297 -4.98 15.22 -51.33
C ILE D 297 -4.33 14.49 -52.52
N THR D 298 -5.09 13.63 -53.19
CA THR D 298 -4.54 12.85 -54.29
C THR D 298 -4.35 13.69 -55.54
N LEU D 299 -4.88 14.91 -55.60
CA LEU D 299 -4.67 15.82 -56.71
C LEU D 299 -3.72 16.96 -56.37
N ILE D 300 -3.71 17.39 -55.11
CA ILE D 300 -2.70 18.36 -54.66
C ILE D 300 -1.32 17.72 -54.70
N LEU D 301 -1.23 16.44 -54.34
CA LEU D 301 0.01 15.69 -54.46
C LEU D 301 0.23 15.13 -55.86
N ALA D 302 -0.61 15.48 -56.82
CA ALA D 302 -0.41 15.17 -58.23
C ALA D 302 0.05 16.37 -59.05
N VAL D 303 -0.51 17.55 -58.75
CA VAL D 303 -0.03 18.78 -59.38
C VAL D 303 1.37 19.13 -58.93
N LEU D 304 1.66 18.98 -57.63
CA LEU D 304 2.98 19.27 -57.10
C LEU D 304 3.99 18.18 -57.49
N LEU D 305 3.50 16.97 -57.78
CA LEU D 305 4.38 15.93 -58.28
C LEU D 305 4.60 16.15 -59.77
N GLY D 306 3.55 16.54 -60.49
CA GLY D 306 3.66 16.79 -61.91
C GLY D 306 4.46 18.03 -62.27
N GLY D 307 4.58 18.97 -61.34
CA GLY D 307 5.38 20.15 -61.57
C GLY D 307 6.85 19.91 -61.33
N MET D 308 7.17 19.12 -60.31
CA MET D 308 8.57 18.85 -59.99
C MET D 308 9.21 17.90 -61.00
N VAL D 309 8.43 17.01 -61.62
CA VAL D 309 8.98 16.20 -62.69
C VAL D 309 9.08 17.02 -63.97
N GLY D 310 8.24 18.04 -64.11
CA GLY D 310 8.35 18.94 -65.25
C GLY D 310 9.46 19.94 -65.11
N ALA D 311 9.78 20.36 -63.88
CA ALA D 311 10.89 21.27 -63.66
C ALA D 311 12.24 20.60 -63.93
N GLY D 312 12.31 19.27 -63.76
CA GLY D 312 13.52 18.56 -64.15
C GLY D 312 13.68 18.44 -65.65
N ILE D 313 12.57 18.52 -66.39
CA ILE D 313 12.63 18.42 -67.84
C ILE D 313 13.06 19.76 -68.44
N VAL D 314 12.47 20.86 -67.97
CA VAL D 314 12.80 22.17 -68.51
C VAL D 314 14.19 22.62 -68.07
N LEU D 315 14.69 22.11 -66.94
CA LEU D 315 16.09 22.33 -66.58
C LEU D 315 17.01 21.30 -67.22
N GLY D 316 16.50 20.11 -67.53
CA GLY D 316 17.32 19.08 -68.15
C GLY D 316 17.59 19.34 -69.61
N ARG D 317 16.63 19.92 -70.33
CA ARG D 317 16.83 20.26 -71.73
C ARG D 317 17.52 21.60 -71.93
N ASN D 318 17.88 22.28 -70.85
CA ASN D 318 18.62 23.54 -70.93
C ASN D 318 20.03 23.42 -70.39
N ALA D 319 20.23 22.77 -69.24
CA ALA D 319 21.57 22.62 -68.69
C ALA D 319 22.42 21.66 -69.50
N LEU D 320 21.81 20.64 -70.11
CA LEU D 320 22.53 19.77 -71.03
C LEU D 320 22.88 20.50 -72.32
N ARG D 321 22.02 21.44 -72.73
CA ARG D 321 22.36 22.30 -73.86
C ARG D 321 23.44 23.31 -73.48
N ASN D 322 23.49 23.72 -72.22
CA ASN D 322 24.58 24.58 -71.76
C ASN D 322 25.88 23.80 -71.61
N TYR D 323 25.78 22.51 -71.30
CA TYR D 323 26.99 21.71 -71.09
C TYR D 323 27.61 21.25 -72.40
N ASN D 324 26.81 20.91 -73.40
CA ASN D 324 27.34 20.47 -74.68
C ASN D 324 27.83 21.66 -75.47
N ALA D 325 29.09 21.57 -75.94
CA ALA D 325 29.74 22.53 -76.84
C ALA D 325 29.79 23.94 -76.22
N LYS D 326 30.55 24.05 -75.13
CA LYS D 326 30.86 25.34 -74.53
C LYS D 326 31.61 26.25 -75.51
N ASP E 19 20.76 44.36 -43.23
CA ASP E 19 20.86 44.80 -44.62
C ASP E 19 20.67 46.32 -44.64
N LEU E 20 21.23 46.99 -45.66
CA LEU E 20 21.24 48.45 -45.69
C LEU E 20 19.91 48.99 -46.21
N ILE E 21 19.88 50.30 -46.46
CA ILE E 21 18.66 50.98 -46.93
C ILE E 21 18.59 51.07 -48.44
N ASP E 22 19.40 50.28 -49.15
CA ASP E 22 19.45 50.34 -50.61
C ASP E 22 18.16 49.91 -51.30
N LEU E 23 17.35 49.08 -50.65
CA LEU E 23 16.09 48.65 -51.23
C LEU E 23 14.87 49.29 -50.57
N LEU E 24 15.05 50.01 -49.46
CA LEU E 24 13.93 50.69 -48.80
C LEU E 24 13.59 52.03 -49.44
N VAL E 25 14.02 52.20 -50.69
CA VAL E 25 13.63 53.40 -51.48
C VAL E 25 12.60 53.05 -52.55
N GLN E 26 12.69 51.84 -53.11
CA GLN E 26 11.73 51.38 -54.14
C GLN E 26 10.34 51.15 -53.52
N LEU E 27 10.32 50.76 -52.25
CA LEU E 27 9.01 50.55 -51.57
C LEU E 27 8.38 51.94 -51.64
N TRP E 28 9.12 52.96 -51.26
CA TRP E 28 8.57 54.33 -51.36
C TRP E 28 8.32 54.66 -52.84
N ARG E 29 9.25 54.24 -53.71
CA ARG E 29 9.16 54.53 -55.17
C ARG E 29 7.86 53.92 -55.69
N GLY E 30 7.58 52.68 -55.28
CA GLY E 30 6.31 52.01 -55.63
C GLY E 30 5.26 52.24 -54.56
N LYS E 31 4.86 53.49 -54.34
CA LYS E 31 3.84 53.82 -53.29
C LYS E 31 2.40 53.36 -53.59
N MET E 32 1.85 53.71 -54.76
CA MET E 32 0.47 53.29 -55.11
C MET E 32 0.37 51.76 -55.23
N THR E 33 1.42 51.09 -55.74
CA THR E 33 1.33 49.66 -55.98
C THR E 33 1.28 48.89 -54.66
N ILE E 34 1.60 49.53 -53.53
CA ILE E 34 1.46 48.86 -52.24
C ILE E 34 0.06 49.09 -51.68
N ILE E 35 -0.46 50.31 -51.82
CA ILE E 35 -1.80 50.65 -51.32
C ILE E 35 -2.87 49.90 -52.11
N ILE E 36 -2.64 49.71 -53.42
CA ILE E 36 -3.61 48.98 -54.23
C ILE E 36 -3.53 47.48 -53.98
N SER E 37 -2.44 47.02 -53.35
CA SER E 37 -2.34 45.61 -52.96
C SER E 37 -2.78 45.36 -51.52
N VAL E 38 -3.05 46.41 -50.76
CA VAL E 38 -3.57 46.27 -49.40
C VAL E 38 -5.08 46.42 -49.38
N ILE E 39 -5.62 47.37 -50.17
CA ILE E 39 -7.06 47.57 -50.28
C ILE E 39 -7.72 46.36 -50.92
N VAL E 40 -7.03 45.70 -51.85
CA VAL E 40 -7.56 44.48 -52.45
C VAL E 40 -7.52 43.31 -51.45
N ALA E 41 -6.68 43.39 -50.42
CA ALA E 41 -6.69 42.37 -49.38
C ALA E 41 -7.82 42.59 -48.39
N ILE E 42 -8.14 43.85 -48.07
CA ILE E 42 -9.29 44.14 -47.23
C ILE E 42 -10.58 43.87 -47.98
N ALA E 43 -10.55 43.99 -49.31
CA ALA E 43 -11.74 43.69 -50.11
C ALA E 43 -12.06 42.20 -50.15
N LEU E 44 -11.08 41.34 -49.93
CA LEU E 44 -11.35 39.92 -49.72
C LEU E 44 -11.47 39.54 -48.25
N ALA E 45 -10.88 40.33 -47.34
CA ALA E 45 -11.03 40.04 -45.92
C ALA E 45 -12.43 40.37 -45.42
N ILE E 46 -12.96 41.53 -45.81
CA ILE E 46 -14.32 41.90 -45.42
C ILE E 46 -15.33 41.03 -46.17
N GLY E 47 -15.02 40.67 -47.42
CA GLY E 47 -15.84 39.73 -48.16
C GLY E 47 -15.82 38.33 -47.59
N TYR E 48 -14.76 37.97 -46.85
CA TYR E 48 -14.75 36.70 -46.15
C TYR E 48 -15.63 36.74 -44.90
N LEU E 49 -15.85 37.92 -44.34
CA LEU E 49 -16.69 38.09 -43.16
C LEU E 49 -18.15 38.33 -43.49
N ALA E 50 -18.61 37.86 -44.64
CA ALA E 50 -20.03 37.88 -44.97
C ALA E 50 -20.51 36.52 -45.47
N VAL E 51 -19.60 35.55 -45.60
CA VAL E 51 -19.96 34.21 -46.06
C VAL E 51 -19.53 33.17 -45.03
N ALA E 52 -18.60 33.53 -44.16
CA ALA E 52 -18.09 32.59 -43.17
C ALA E 52 -19.11 32.40 -42.05
N LYS E 53 -19.48 31.15 -41.80
CA LYS E 53 -20.40 30.85 -40.72
C LYS E 53 -19.66 30.89 -39.39
N GLU E 54 -20.37 31.34 -38.35
CA GLU E 54 -19.77 31.58 -37.06
C GLU E 54 -19.97 30.38 -36.14
N LYS E 55 -19.24 30.38 -35.03
CA LYS E 55 -19.16 29.20 -34.15
C LYS E 55 -19.18 29.67 -32.70
N TRP E 56 -20.31 29.50 -32.04
CA TRP E 56 -20.48 29.86 -30.65
C TRP E 56 -20.37 28.62 -29.77
N THR E 57 -19.62 28.73 -28.68
CA THR E 57 -19.30 27.59 -27.83
C THR E 57 -20.03 27.70 -26.50
N SER E 58 -20.81 26.67 -26.17
CA SER E 58 -21.42 26.56 -24.85
C SER E 58 -20.57 25.70 -23.94
N THR E 59 -20.88 25.73 -22.65
CA THR E 59 -20.11 25.01 -21.65
C THR E 59 -21.01 24.73 -20.45
N ALA E 60 -21.10 23.46 -20.07
CA ALA E 60 -21.71 23.07 -18.81
C ALA E 60 -20.72 22.22 -18.04
N ILE E 61 -20.80 22.28 -16.71
CA ILE E 61 -19.90 21.54 -15.84
C ILE E 61 -20.73 20.56 -15.03
N ILE E 62 -20.43 19.28 -15.17
CA ILE E 62 -21.19 18.23 -14.50
C ILE E 62 -20.31 17.53 -13.48
N THR E 63 -20.96 16.87 -12.53
CA THR E 63 -20.30 16.22 -11.40
C THR E 63 -21.19 15.05 -11.01
N GLN E 64 -20.58 13.98 -10.45
CA GLN E 64 -21.22 12.80 -9.86
C GLN E 64 -22.38 13.20 -8.96
N PRO E 65 -23.48 12.43 -8.95
CA PRO E 65 -24.70 12.88 -8.26
C PRO E 65 -24.54 12.88 -6.76
N ASP E 66 -25.47 13.59 -6.11
CA ASP E 66 -25.44 13.72 -4.66
C ASP E 66 -25.73 12.40 -3.98
N VAL E 67 -25.38 12.32 -2.70
CA VAL E 67 -25.54 11.09 -1.95
C VAL E 67 -27.02 10.85 -1.64
N GLY E 68 -27.81 11.92 -1.55
CA GLY E 68 -29.23 11.81 -1.33
C GLY E 68 -30.08 11.71 -2.58
N GLN E 69 -29.49 11.93 -3.75
CA GLN E 69 -30.25 11.75 -4.99
C GLN E 69 -30.34 10.29 -5.38
N ILE E 70 -29.30 9.51 -5.14
CA ILE E 70 -29.26 8.11 -5.50
C ILE E 70 -29.54 7.22 -4.31
N ALA E 71 -30.12 7.76 -3.23
CA ALA E 71 -30.41 6.98 -2.05
C ALA E 71 -31.55 5.98 -2.26
N GLY E 72 -32.37 6.18 -3.28
CA GLY E 72 -33.34 5.18 -3.65
C GLY E 72 -32.67 4.06 -4.42
N TYR E 73 -31.72 4.42 -5.28
CA TYR E 73 -30.99 3.42 -6.04
C TYR E 73 -29.96 2.69 -5.19
N ASN E 74 -29.40 3.38 -4.18
CA ASN E 74 -28.44 2.73 -3.30
C ASN E 74 -29.13 1.73 -2.38
N ASN E 75 -30.35 2.02 -1.95
CA ASN E 75 -31.10 1.08 -1.13
C ASN E 75 -31.54 -0.14 -1.93
N ALA E 76 -31.68 0.02 -3.25
CA ALA E 76 -31.95 -1.13 -4.11
C ALA E 76 -30.75 -2.07 -4.16
N MET E 77 -29.53 -1.53 -4.13
CA MET E 77 -28.34 -2.36 -4.17
C MET E 77 -27.93 -2.90 -2.80
N ASN E 78 -28.49 -2.38 -1.71
CA ASN E 78 -28.24 -2.95 -0.39
C ASN E 78 -29.21 -4.07 -0.04
N VAL E 79 -30.34 -4.15 -0.72
CA VAL E 79 -31.30 -5.22 -0.47
C VAL E 79 -30.94 -6.47 -1.26
N ILE E 80 -30.61 -6.31 -2.54
CA ILE E 80 -30.34 -7.46 -3.40
C ILE E 80 -28.95 -8.04 -3.19
N TYR E 81 -28.05 -7.33 -2.51
CA TYR E 81 -26.69 -7.79 -2.33
C TYR E 81 -26.26 -7.93 -0.87
N GLY E 82 -26.94 -7.28 0.06
CA GLY E 82 -26.64 -7.43 1.46
C GLY E 82 -25.33 -6.82 1.91
N GLN E 83 -24.38 -7.66 2.28
CA GLN E 83 -23.10 -7.19 2.81
C GLN E 83 -22.05 -6.95 1.74
N ALA E 84 -22.20 -7.53 0.55
CA ALA E 84 -21.26 -7.34 -0.54
C ALA E 84 -21.66 -6.18 -1.45
N ALA E 85 -22.56 -5.31 -0.99
CA ALA E 85 -22.97 -4.16 -1.77
C ALA E 85 -21.83 -3.14 -1.83
N PRO E 86 -21.72 -2.41 -2.95
CA PRO E 86 -20.71 -1.35 -3.01
C PRO E 86 -21.10 -0.15 -2.15
N LYS E 87 -20.08 0.59 -1.72
CA LYS E 87 -20.30 1.77 -0.91
C LYS E 87 -20.92 2.88 -1.74
N VAL E 88 -21.54 3.85 -1.05
CA VAL E 88 -22.23 4.93 -1.73
C VAL E 88 -21.24 5.91 -2.35
N SER E 89 -19.99 5.92 -1.90
CA SER E 89 -18.93 6.67 -2.55
C SER E 89 -18.32 5.91 -3.71
N ASP E 90 -18.72 4.65 -3.92
CA ASP E 90 -18.32 3.87 -5.08
C ASP E 90 -19.47 3.70 -6.06
N LEU E 91 -20.69 3.94 -5.62
CA LEU E 91 -21.83 3.96 -6.53
C LEU E 91 -21.94 5.30 -7.26
N GLN E 92 -21.15 6.29 -6.87
CA GLN E 92 -21.14 7.57 -7.57
C GLN E 92 -20.09 7.62 -8.67
N GLU E 93 -18.98 6.88 -8.52
CA GLU E 93 -18.00 6.82 -9.59
C GLU E 93 -18.42 5.90 -10.71
N THR E 94 -19.42 5.04 -10.47
CA THR E 94 -19.97 4.20 -11.52
C THR E 94 -21.02 4.95 -12.33
N LEU E 95 -21.91 5.67 -11.65
CA LEU E 95 -22.97 6.41 -12.34
C LEU E 95 -22.43 7.60 -13.12
N ILE E 96 -21.25 8.11 -12.76
CA ILE E 96 -20.59 9.10 -13.62
C ILE E 96 -19.61 8.42 -14.57
N GLY E 97 -19.26 7.16 -14.32
CA GLY E 97 -18.53 6.39 -15.30
C GLY E 97 -19.41 5.88 -16.42
N ARG E 98 -20.69 5.64 -16.11
CA ARG E 98 -21.65 5.25 -17.14
C ARG E 98 -22.17 6.45 -17.93
N PHE E 99 -21.87 7.66 -17.49
CA PHE E 99 -22.24 8.87 -18.23
C PHE E 99 -21.09 9.38 -19.08
N SER E 100 -19.89 9.46 -18.51
CA SER E 100 -18.73 9.97 -19.24
C SER E 100 -18.28 9.06 -20.37
N SER E 101 -18.67 7.79 -20.34
CA SER E 101 -18.38 6.88 -21.44
C SER E 101 -19.55 6.75 -22.41
N ALA E 102 -20.75 7.17 -22.02
CA ALA E 102 -21.88 7.23 -22.92
C ALA E 102 -22.07 8.62 -23.54
N PHE E 103 -21.46 9.65 -22.96
CA PHE E 103 -21.45 10.97 -23.58
C PHE E 103 -20.34 11.10 -24.60
N SER E 104 -19.21 10.43 -24.36
CA SER E 104 -18.15 10.37 -25.35
C SER E 104 -18.44 9.35 -26.44
N ALA E 105 -19.47 8.52 -26.28
CA ALA E 105 -19.96 7.67 -27.34
C ALA E 105 -21.06 8.33 -28.15
N LEU E 106 -21.63 9.42 -27.64
CA LEU E 106 -22.45 10.31 -28.47
C LEU E 106 -21.59 11.29 -29.23
N ALA E 107 -20.40 11.61 -28.71
CA ALA E 107 -19.45 12.49 -29.38
C ALA E 107 -18.92 11.90 -30.68
N GLU E 108 -18.93 10.58 -30.83
CA GLU E 108 -18.38 9.93 -32.00
C GLU E 108 -19.45 9.46 -32.97
N THR E 109 -20.73 9.52 -32.60
CA THR E 109 -21.81 9.30 -33.55
C THR E 109 -22.40 10.61 -34.06
N LEU E 110 -21.80 11.74 -33.69
CA LEU E 110 -22.13 13.03 -34.28
C LEU E 110 -21.11 13.46 -35.33
N ASP E 111 -19.97 12.77 -35.41
CA ASP E 111 -19.05 12.96 -36.53
C ASP E 111 -19.43 12.11 -37.73
N ASN E 112 -20.32 11.14 -37.56
CA ASN E 112 -20.87 10.37 -38.67
C ASN E 112 -22.11 11.02 -39.26
N GLN E 113 -22.34 12.29 -38.98
CA GLN E 113 -23.34 13.04 -39.71
C GLN E 113 -22.75 13.52 -41.03
N GLU E 114 -23.62 14.01 -41.92
CA GLU E 114 -23.12 14.60 -43.15
C GLU E 114 -22.40 15.91 -42.88
N GLU E 115 -22.91 16.71 -41.94
CA GLU E 115 -22.24 17.89 -41.44
C GLU E 115 -21.91 17.67 -39.97
N ARG E 116 -20.65 17.88 -39.61
CA ARG E 116 -20.17 17.49 -38.29
C ARG E 116 -20.68 18.44 -37.22
N GLU E 117 -20.91 17.89 -36.02
CA GLU E 117 -21.28 18.66 -34.84
C GLU E 117 -20.29 18.30 -33.74
N LYS E 118 -19.38 19.21 -33.44
CA LYS E 118 -18.37 18.96 -32.42
C LYS E 118 -18.99 19.03 -31.03
N LEU E 119 -18.71 18.01 -30.22
CA LEU E 119 -19.19 17.94 -28.85
C LEU E 119 -18.17 17.17 -28.03
N THR E 120 -17.63 17.81 -27.00
CA THR E 120 -16.51 17.23 -26.25
C THR E 120 -16.90 16.99 -24.80
N ILE E 121 -15.99 16.32 -24.09
CA ILE E 121 -16.07 16.14 -22.65
C ILE E 121 -14.65 15.97 -22.13
N GLU E 122 -14.35 16.62 -21.00
CA GLU E 122 -13.00 16.67 -20.49
C GLU E 122 -13.06 16.97 -19.00
N PRO E 123 -12.07 16.55 -18.22
CA PRO E 123 -11.97 17.01 -16.84
C PRO E 123 -11.67 18.50 -16.77
N SER E 124 -12.15 19.14 -15.71
CA SER E 124 -12.07 20.59 -15.61
C SER E 124 -10.64 21.04 -15.33
N VAL E 125 -10.08 20.62 -14.20
CA VAL E 125 -8.68 20.87 -13.90
C VAL E 125 -7.91 19.59 -14.18
N LYS E 126 -6.63 19.74 -14.50
CA LYS E 126 -5.86 18.69 -15.16
C LYS E 126 -5.33 17.62 -14.22
N ASN E 127 -5.71 17.63 -12.94
CA ASN E 127 -5.22 16.64 -11.98
C ASN E 127 -6.30 15.67 -11.54
N GLN E 128 -7.41 16.16 -11.02
CA GLN E 128 -8.47 15.29 -10.51
C GLN E 128 -9.43 14.89 -11.62
N GLN E 129 -10.15 13.80 -11.37
CA GLN E 129 -10.96 13.18 -12.41
C GLN E 129 -12.20 14.00 -12.72
N LEU E 130 -12.97 14.37 -11.70
CA LEU E 130 -14.20 15.13 -11.83
C LEU E 130 -14.11 16.37 -10.97
N PRO E 131 -14.86 17.45 -11.30
CA PRO E 131 -15.92 17.76 -12.28
C PRO E 131 -15.52 17.70 -13.76
N LEU E 132 -16.44 17.24 -14.58
CA LEU E 132 -16.24 17.16 -16.02
C LEU E 132 -16.79 18.41 -16.69
N THR E 133 -16.26 18.71 -17.88
CA THR E 133 -16.62 19.94 -18.59
C THR E 133 -17.05 19.58 -20.01
N VAL E 134 -18.37 19.55 -20.23
CA VAL E 134 -18.88 19.28 -21.57
C VAL E 134 -18.90 20.58 -22.37
N SER E 135 -19.02 20.44 -23.69
CA SER E 135 -19.04 21.60 -24.58
C SER E 135 -19.72 21.22 -25.87
N TYR E 136 -19.98 22.25 -26.70
CA TYR E 136 -20.66 22.11 -27.98
C TYR E 136 -20.49 23.41 -28.74
N VAL E 137 -20.25 23.32 -30.05
CA VAL E 137 -20.17 24.48 -30.91
C VAL E 137 -21.38 24.47 -31.83
N GLY E 138 -21.90 25.66 -32.13
CA GLY E 138 -23.09 25.81 -32.93
C GLY E 138 -22.93 26.89 -33.99
N GLN E 139 -24.04 27.53 -34.30
CA GLN E 139 -24.06 28.63 -35.25
C GLN E 139 -24.66 29.91 -34.70
N THR E 140 -25.50 29.82 -33.67
CA THR E 140 -26.02 30.97 -32.97
C THR E 140 -25.72 30.84 -31.48
N ALA E 141 -25.93 31.94 -30.75
CA ALA E 141 -25.73 31.90 -29.31
C ALA E 141 -26.84 31.15 -28.61
N GLU E 142 -28.09 31.38 -29.03
CA GLU E 142 -29.22 30.68 -28.43
C GLU E 142 -29.28 29.23 -28.89
N GLY E 143 -28.98 28.98 -30.17
CA GLY E 143 -29.06 27.66 -30.75
C GLY E 143 -27.93 26.72 -30.42
N ALA E 144 -26.93 27.17 -29.65
CA ALA E 144 -25.88 26.30 -29.18
C ALA E 144 -25.98 26.01 -27.69
N GLN E 145 -26.91 26.66 -26.98
CA GLN E 145 -27.23 26.34 -25.60
C GLN E 145 -28.43 25.41 -25.50
N MET E 146 -29.44 25.64 -26.34
CA MET E 146 -30.57 24.71 -26.43
C MET E 146 -30.13 23.34 -26.92
N LYS E 147 -29.17 23.31 -27.86
CA LYS E 147 -28.71 22.03 -28.40
C LYS E 147 -27.84 21.28 -27.40
N LEU E 148 -27.15 21.99 -26.51
CA LEU E 148 -26.35 21.30 -25.50
C LEU E 148 -27.21 20.74 -24.38
N ALA E 149 -28.20 21.52 -23.94
CA ALA E 149 -29.11 21.03 -22.89
C ALA E 149 -30.04 19.93 -23.39
N GLN E 150 -30.17 19.77 -24.71
CA GLN E 150 -30.87 18.63 -25.26
C GLN E 150 -29.98 17.39 -25.30
N TYR E 151 -28.71 17.58 -25.67
CA TYR E 151 -27.79 16.45 -25.76
C TYR E 151 -27.32 15.96 -24.39
N ILE E 152 -27.47 16.76 -23.35
CA ILE E 152 -27.25 16.25 -22.00
C ILE E 152 -28.41 15.38 -21.56
N GLN E 153 -29.64 15.82 -21.83
CA GLN E 153 -30.82 15.04 -21.50
C GLN E 153 -30.99 13.81 -22.40
N GLN E 154 -30.32 13.80 -23.56
CA GLN E 154 -30.43 12.63 -24.43
C GLN E 154 -29.58 11.47 -23.90
N VAL E 155 -28.38 11.77 -23.41
CA VAL E 155 -27.55 10.73 -22.80
C VAL E 155 -28.10 10.35 -21.44
N ASP E 156 -28.74 11.29 -20.75
CA ASP E 156 -29.29 10.99 -19.43
C ASP E 156 -30.51 10.09 -19.51
N ASP E 157 -31.29 10.19 -20.60
CA ASP E 157 -32.42 9.29 -20.78
C ASP E 157 -32.00 7.95 -21.40
N LYS E 158 -30.76 7.82 -21.82
CA LYS E 158 -30.24 6.53 -22.26
C LYS E 158 -29.62 5.74 -21.11
N VAL E 159 -28.97 6.45 -20.17
CA VAL E 159 -28.40 5.78 -19.00
C VAL E 159 -29.51 5.41 -18.01
N ASN E 160 -30.52 6.26 -17.85
CA ASN E 160 -31.60 5.99 -16.91
C ASN E 160 -32.50 4.86 -17.37
N GLN E 161 -32.58 4.62 -18.68
CA GLN E 161 -33.35 3.49 -19.18
C GLN E 161 -32.50 2.22 -19.31
N GLU E 162 -31.18 2.35 -19.27
CA GLU E 162 -30.30 1.19 -19.24
C GLU E 162 -29.98 0.75 -17.82
N LEU E 163 -30.62 1.35 -16.82
CA LEU E 163 -30.46 0.96 -15.43
C LEU E 163 -31.76 0.51 -14.78
N GLU E 164 -32.91 1.08 -15.17
CA GLU E 164 -34.18 0.52 -14.74
C GLU E 164 -34.47 -0.80 -15.45
N LYS E 165 -33.96 -0.95 -16.68
CA LYS E 165 -34.03 -2.24 -17.35
C LYS E 165 -33.05 -3.23 -16.75
N ASP E 166 -31.93 -2.73 -16.21
CA ASP E 166 -30.94 -3.62 -15.61
C ASP E 166 -31.35 -4.06 -14.22
N LEU E 167 -32.02 -3.18 -13.46
CA LEU E 167 -32.47 -3.55 -12.12
C LEU E 167 -33.65 -4.51 -12.16
N LYS E 168 -34.47 -4.44 -13.22
CA LYS E 168 -35.59 -5.37 -13.32
C LYS E 168 -35.13 -6.78 -13.72
N ASP E 169 -33.99 -6.89 -14.41
CA ASP E 169 -33.39 -8.19 -14.68
C ASP E 169 -32.53 -8.69 -13.52
N ASN E 170 -32.27 -7.86 -12.52
CA ASN E 170 -31.55 -8.28 -11.33
C ASN E 170 -32.49 -8.63 -10.19
N ILE E 171 -33.64 -7.97 -10.08
CA ILE E 171 -34.59 -8.27 -9.03
C ILE E 171 -35.39 -9.52 -9.37
N ALA E 172 -35.88 -9.62 -10.61
CA ALA E 172 -36.66 -10.78 -11.03
C ALA E 172 -35.82 -12.04 -11.14
N LEU E 173 -34.50 -11.91 -11.21
CA LEU E 173 -33.59 -13.05 -11.11
C LEU E 173 -33.05 -13.20 -9.70
N GLY E 174 -33.09 -12.15 -8.89
CA GLY E 174 -32.64 -12.26 -7.51
C GLY E 174 -33.66 -12.91 -6.60
N ARG E 175 -34.94 -12.85 -6.96
CA ARG E 175 -35.98 -13.55 -6.23
C ARG E 175 -36.23 -14.95 -6.79
N LYS E 176 -35.44 -15.38 -7.77
CA LYS E 176 -35.45 -16.76 -8.23
C LYS E 176 -34.35 -17.59 -7.59
N ASN E 177 -33.22 -16.97 -7.26
CA ASN E 177 -32.18 -17.62 -6.48
C ASN E 177 -32.46 -17.56 -4.98
N LEU E 178 -33.57 -16.96 -4.57
CA LEU E 178 -34.02 -17.02 -3.19
C LEU E 178 -35.23 -17.93 -3.01
N GLN E 179 -36.11 -18.00 -4.00
CA GLN E 179 -37.19 -18.98 -3.95
C GLN E 179 -36.67 -20.40 -4.15
N ASP E 180 -35.50 -20.53 -4.79
CA ASP E 180 -34.84 -21.83 -4.84
C ASP E 180 -34.13 -22.13 -3.52
N SER E 181 -33.50 -21.12 -2.92
CA SER E 181 -32.77 -21.30 -1.67
C SER E 181 -33.67 -21.42 -0.44
N LEU E 182 -34.99 -21.30 -0.61
CA LEU E 182 -35.93 -21.70 0.42
C LEU E 182 -36.52 -23.08 0.17
N ARG E 183 -36.24 -23.68 -0.99
CA ARG E 183 -36.68 -25.04 -1.28
C ARG E 183 -35.62 -26.07 -0.93
N THR E 184 -34.35 -25.75 -1.19
CA THR E 184 -33.27 -26.64 -0.77
C THR E 184 -32.95 -26.51 0.72
N GLN E 185 -33.36 -25.42 1.35
CA GLN E 185 -33.20 -25.25 2.78
C GLN E 185 -34.37 -25.83 3.56
N GLU E 186 -35.45 -26.21 2.88
CA GLU E 186 -36.58 -26.87 3.51
C GLU E 186 -36.45 -28.39 3.45
N VAL E 187 -35.80 -28.92 2.41
CA VAL E 187 -35.59 -30.36 2.34
C VAL E 187 -34.49 -30.78 3.32
N VAL E 188 -33.55 -29.89 3.63
CA VAL E 188 -32.61 -30.13 4.72
C VAL E 188 -33.34 -30.12 6.06
N ALA E 189 -34.32 -29.22 6.21
CA ALA E 189 -35.09 -29.14 7.44
C ALA E 189 -36.09 -30.28 7.61
N GLN E 190 -36.26 -31.14 6.60
CA GLN E 190 -37.04 -32.36 6.77
C GLN E 190 -36.15 -33.59 6.89
N GLU E 191 -34.88 -33.50 6.47
CA GLU E 191 -33.93 -34.54 6.79
C GLU E 191 -33.58 -34.52 8.27
N GLN E 192 -33.65 -33.34 8.90
CA GLN E 192 -33.52 -33.27 10.35
C GLN E 192 -34.77 -33.74 11.05
N LYS E 193 -35.94 -33.51 10.46
CA LYS E 193 -37.19 -33.96 11.06
C LYS E 193 -37.33 -35.48 10.95
N ASP E 194 -36.89 -36.05 9.82
CA ASP E 194 -36.94 -37.50 9.66
C ASP E 194 -35.91 -38.22 10.53
N LEU E 195 -34.90 -37.51 11.00
CA LEU E 195 -33.99 -38.06 11.99
C LEU E 195 -34.56 -37.93 13.39
N ARG E 196 -35.34 -36.87 13.64
CA ARG E 196 -35.93 -36.68 14.97
C ARG E 196 -37.05 -37.68 15.22
N ILE E 197 -37.76 -38.10 14.17
CA ILE E 197 -38.75 -39.17 14.32
C ILE E 197 -38.03 -40.49 14.56
N ARG E 198 -36.86 -40.68 13.96
CA ARG E 198 -36.10 -41.92 14.16
C ARG E 198 -35.47 -41.95 15.55
N GLN E 199 -35.11 -40.79 16.10
CA GLN E 199 -34.64 -40.75 17.48
C GLN E 199 -35.76 -41.02 18.47
N ILE E 200 -36.98 -40.59 18.14
CA ILE E 200 -38.13 -40.88 18.98
C ILE E 200 -38.53 -42.35 18.86
N GLN E 201 -38.42 -42.91 17.65
CA GLN E 201 -38.81 -44.30 17.42
C GLN E 201 -37.88 -45.28 18.11
N GLU E 202 -36.63 -44.89 18.35
CA GLU E 202 -35.74 -45.72 19.15
C GLU E 202 -35.98 -45.52 20.64
N ALA E 203 -36.32 -44.30 21.05
CA ALA E 203 -36.56 -44.02 22.46
C ALA E 203 -37.88 -44.62 22.97
N LEU E 204 -38.75 -45.10 22.08
CA LEU E 204 -39.90 -45.87 22.53
C LEU E 204 -39.49 -47.26 22.96
N GLN E 205 -38.41 -47.80 22.39
CA GLN E 205 -37.95 -49.12 22.78
C GLN E 205 -37.21 -49.09 24.12
N TYR E 206 -36.56 -47.98 24.44
CA TYR E 206 -35.92 -47.86 25.76
C TYR E 206 -36.97 -47.68 26.85
N ALA E 207 -38.00 -46.89 26.58
CA ALA E 207 -39.05 -46.64 27.55
C ALA E 207 -40.06 -47.77 27.65
N ASN E 208 -39.97 -48.79 26.80
CA ASN E 208 -40.80 -49.96 26.93
C ASN E 208 -40.18 -51.03 27.81
N GLN E 209 -38.86 -51.03 27.94
CA GLN E 209 -38.17 -51.99 28.80
C GLN E 209 -37.94 -51.43 30.19
N ALA E 210 -37.63 -50.13 30.30
CA ALA E 210 -37.47 -49.48 31.59
C ALA E 210 -38.79 -49.18 32.27
N GLN E 211 -39.91 -49.36 31.56
CA GLN E 211 -41.28 -49.16 32.06
C GLN E 211 -41.49 -47.73 32.56
N VAL E 212 -41.29 -46.78 31.66
CA VAL E 212 -41.57 -45.38 31.91
C VAL E 212 -42.80 -44.99 31.11
N THR E 213 -43.95 -44.88 31.76
CA THR E 213 -45.19 -44.53 31.05
C THR E 213 -45.52 -43.06 31.18
N LYS E 214 -45.65 -42.57 32.37
CA LYS E 214 -45.87 -41.15 32.58
C LYS E 214 -44.54 -40.41 32.44
N PRO E 215 -44.56 -39.12 32.08
CA PRO E 215 -43.31 -38.37 31.95
C PRO E 215 -42.61 -38.18 33.29
N GLN E 216 -41.31 -38.44 33.30
CA GLN E 216 -40.48 -38.23 34.48
C GLN E 216 -39.68 -36.93 34.41
N ILE E 217 -39.62 -36.30 33.23
CA ILE E 217 -38.97 -35.01 33.09
C ILE E 217 -39.84 -33.93 33.73
N GLN E 218 -39.22 -33.12 34.59
CA GLN E 218 -39.87 -31.93 35.13
C GLN E 218 -39.62 -30.71 34.27
N GLN E 219 -38.51 -30.70 33.52
CA GLN E 219 -38.06 -29.54 32.75
C GLN E 219 -36.90 -29.99 31.87
N THR E 220 -36.55 -29.15 30.90
CA THR E 220 -35.28 -29.27 30.19
C THR E 220 -34.85 -27.87 29.76
N GLY E 221 -33.64 -27.47 30.14
CA GLY E 221 -33.11 -26.17 29.79
C GLY E 221 -32.64 -26.02 28.36
N GLU E 222 -32.56 -27.11 27.62
CA GLU E 222 -32.21 -27.10 26.20
C GLU E 222 -33.15 -28.08 25.52
N ASP E 223 -32.84 -28.41 24.26
CA ASP E 223 -33.55 -29.49 23.59
C ASP E 223 -33.11 -30.83 24.17
N ILE E 224 -34.01 -31.80 24.13
CA ILE E 224 -33.73 -33.12 24.69
C ILE E 224 -32.91 -33.91 23.68
N THR E 225 -31.85 -34.54 24.14
CA THR E 225 -30.93 -35.26 23.26
C THR E 225 -31.42 -36.69 23.04
N GLN E 226 -30.56 -37.53 22.45
CA GLN E 226 -30.98 -38.88 22.10
C GLN E 226 -31.09 -39.78 23.33
N ASP E 227 -30.18 -39.62 24.29
CA ASP E 227 -30.12 -40.54 25.42
C ASP E 227 -31.22 -40.29 26.44
N THR E 228 -31.50 -39.03 26.77
CA THR E 228 -32.51 -38.68 27.76
C THR E 228 -33.89 -38.44 27.15
N LEU E 229 -34.12 -38.94 25.94
CA LEU E 229 -35.41 -38.77 25.28
C LEU E 229 -36.46 -39.76 25.78
N PHE E 230 -36.05 -40.87 26.37
CA PHE E 230 -36.99 -41.88 26.84
C PHE E 230 -37.69 -41.48 28.13
N LEU E 231 -37.30 -40.37 28.76
CA LEU E 231 -37.92 -39.98 30.01
C LEU E 231 -39.26 -39.28 29.80
N LEU E 232 -39.63 -39.01 28.54
CA LEU E 232 -40.94 -38.42 28.26
C LEU E 232 -42.05 -39.45 28.44
N GLY E 233 -41.71 -40.74 28.35
CA GLY E 233 -42.68 -41.77 28.65
C GLY E 233 -42.99 -42.70 27.49
N SER E 234 -43.62 -43.83 27.78
CA SER E 234 -44.04 -44.73 26.72
C SER E 234 -45.30 -44.24 26.04
N GLU E 235 -46.17 -43.54 26.78
CA GLU E 235 -47.42 -43.05 26.22
C GLU E 235 -47.22 -41.80 25.39
N ALA E 236 -46.36 -40.88 25.84
CA ALA E 236 -46.16 -39.63 25.11
C ALA E 236 -45.26 -39.79 23.91
N LEU E 237 -44.50 -40.87 23.82
CA LEU E 237 -43.68 -41.13 22.64
C LEU E 237 -44.42 -41.95 21.59
N GLU E 238 -45.52 -42.60 21.97
CA GLU E 238 -46.35 -43.29 20.98
C GLU E 238 -47.21 -42.32 20.18
N SER E 239 -47.37 -41.09 20.67
CA SER E 239 -48.12 -40.08 19.93
C SER E 239 -47.23 -39.19 19.08
N MET E 240 -45.93 -39.18 19.33
CA MET E 240 -44.99 -38.49 18.45
C MET E 240 -44.65 -39.31 17.22
N ILE E 241 -45.04 -40.58 17.18
CA ILE E 241 -44.87 -41.42 16.01
C ILE E 241 -46.18 -41.59 15.25
N LYS E 242 -47.31 -41.63 15.97
CA LYS E 242 -48.61 -41.73 15.32
C LYS E 242 -48.96 -40.44 14.60
N HIS E 243 -48.69 -39.29 15.22
CA HIS E 243 -48.85 -37.99 14.58
C HIS E 243 -47.48 -37.54 14.09
N GLU E 244 -47.02 -38.16 13.00
CA GLU E 244 -45.70 -37.89 12.44
C GLU E 244 -45.74 -36.97 11.23
N ALA E 245 -46.67 -37.20 10.30
CA ALA E 245 -46.74 -36.39 9.10
C ALA E 245 -47.27 -34.98 9.37
N THR E 246 -47.97 -34.78 10.49
CA THR E 246 -48.47 -33.46 10.86
C THR E 246 -47.57 -32.74 11.85
N ARG E 247 -46.47 -33.35 12.26
CA ARG E 247 -45.54 -32.70 13.19
C ARG E 247 -44.78 -31.62 12.45
N PRO E 248 -44.77 -30.38 12.94
CA PRO E 248 -44.22 -29.28 12.13
C PRO E 248 -42.71 -29.26 12.12
N LEU E 249 -42.17 -28.80 11.00
CA LEU E 249 -40.74 -28.63 10.85
C LEU E 249 -40.25 -27.48 11.73
N VAL E 250 -38.97 -27.53 12.07
CA VAL E 250 -38.32 -26.42 12.75
C VAL E 250 -37.28 -25.84 11.80
N PHE E 251 -37.16 -24.52 11.81
CA PHE E 251 -36.33 -23.81 10.84
C PHE E 251 -35.25 -23.03 11.57
N SER E 252 -34.03 -23.12 11.05
CA SER E 252 -32.88 -22.42 11.61
C SER E 252 -33.05 -20.91 11.40
N PRO E 253 -32.40 -20.09 12.24
CA PRO E 253 -32.49 -18.63 12.05
C PRO E 253 -31.79 -18.10 10.82
N ASN E 254 -31.12 -18.93 10.03
CA ASN E 254 -30.68 -18.51 8.70
C ASN E 254 -31.80 -18.62 7.67
N TYR E 255 -32.79 -19.49 7.92
CA TYR E 255 -33.94 -19.59 7.02
C TYR E 255 -34.80 -18.33 7.11
N TYR E 256 -35.09 -17.87 8.33
CA TYR E 256 -35.88 -16.66 8.49
C TYR E 256 -35.12 -15.40 8.14
N GLN E 257 -33.80 -15.47 7.99
CA GLN E 257 -33.06 -14.34 7.44
C GLN E 257 -33.22 -14.28 5.93
N THR E 258 -33.11 -15.41 5.24
CA THR E 258 -33.29 -15.42 3.79
C THR E 258 -34.75 -15.51 3.38
N ARG E 259 -35.67 -15.65 4.33
CA ARG E 259 -37.09 -15.43 4.06
C ARG E 259 -37.44 -13.95 4.15
N GLN E 260 -36.85 -13.26 5.13
CA GLN E 260 -36.98 -11.81 5.21
C GLN E 260 -36.21 -11.11 4.10
N ASN E 261 -35.21 -11.77 3.52
CA ASN E 261 -34.49 -11.19 2.39
C ASN E 261 -35.22 -11.37 1.07
N LEU E 262 -36.22 -12.24 1.03
CA LEU E 262 -37.07 -12.40 -0.15
C LEU E 262 -38.25 -11.43 -0.12
N LEU E 263 -38.78 -11.15 1.07
CA LEU E 263 -39.83 -10.15 1.18
C LEU E 263 -39.29 -8.73 0.98
N ASP E 264 -38.00 -8.51 1.18
CA ASP E 264 -37.42 -7.20 0.90
C ASP E 264 -37.13 -7.04 -0.58
N ILE E 265 -36.93 -8.14 -1.31
CA ILE E 265 -36.65 -8.05 -2.74
C ILE E 265 -37.94 -8.12 -3.55
N GLU E 266 -39.06 -8.48 -2.93
CA GLU E 266 -40.36 -8.44 -3.59
C GLU E 266 -41.09 -7.11 -3.36
N SER E 267 -40.65 -6.30 -2.40
CA SER E 267 -41.41 -5.12 -2.01
C SER E 267 -40.92 -3.84 -2.66
N LEU E 268 -39.65 -3.77 -3.07
CA LEU E 268 -39.12 -2.55 -3.65
C LEU E 268 -39.60 -2.39 -5.08
N LYS E 269 -39.82 -1.15 -5.48
CA LYS E 269 -40.39 -0.80 -6.77
C LYS E 269 -39.38 0.02 -7.58
N VAL E 270 -39.25 -0.31 -8.86
CA VAL E 270 -38.28 0.34 -9.72
C VAL E 270 -38.92 1.43 -10.57
N ASP E 271 -40.25 1.43 -10.69
CA ASP E 271 -40.94 2.44 -11.49
C ASP E 271 -40.86 3.82 -10.85
N ASP E 272 -41.17 3.91 -9.55
CA ASP E 272 -41.05 5.18 -8.84
C ASP E 272 -39.65 5.46 -8.32
N LEU E 273 -38.69 4.61 -8.61
CA LEU E 273 -37.32 4.84 -8.20
C LEU E 273 -36.61 5.74 -9.21
N ASP E 274 -36.01 6.83 -8.73
CA ASP E 274 -35.40 7.83 -9.58
C ASP E 274 -33.89 7.65 -9.57
N ILE E 275 -33.31 7.48 -10.75
CA ILE E 275 -31.87 7.38 -10.94
C ILE E 275 -31.40 8.61 -11.68
N HIS E 276 -30.37 9.27 -11.16
CA HIS E 276 -29.77 10.43 -11.80
C HIS E 276 -28.28 10.20 -11.87
N ALA E 277 -27.72 10.22 -13.08
CA ALA E 277 -26.33 9.86 -13.32
C ALA E 277 -25.40 11.06 -13.33
N TYR E 278 -25.89 12.25 -13.01
CA TYR E 278 -25.12 13.48 -13.13
C TYR E 278 -25.80 14.57 -12.31
N ARG E 279 -25.04 15.61 -12.00
CA ARG E 279 -25.56 16.77 -11.27
C ARG E 279 -24.94 18.04 -11.83
N TYR E 280 -25.79 19.00 -12.18
CA TYR E 280 -25.33 20.31 -12.62
C TYR E 280 -24.70 21.09 -11.48
N VAL E 281 -23.40 21.39 -11.60
CA VAL E 281 -22.83 22.47 -10.81
C VAL E 281 -22.78 23.77 -11.59
N MET E 282 -23.08 23.73 -12.88
CA MET E 282 -23.22 24.93 -13.70
C MET E 282 -24.15 24.59 -14.86
N LYS E 283 -25.27 25.30 -14.96
CA LYS E 283 -26.19 25.14 -16.07
C LYS E 283 -25.51 25.51 -17.39
N PRO E 284 -25.92 24.94 -18.52
CA PRO E 284 -25.28 25.24 -19.80
C PRO E 284 -25.50 26.70 -20.22
N MET E 285 -24.39 27.42 -20.36
CA MET E 285 -24.40 28.85 -20.62
C MET E 285 -24.72 29.14 -22.07
N LEU E 286 -25.10 30.40 -22.32
CA LEU E 286 -25.12 30.92 -23.68
C LEU E 286 -24.02 31.95 -23.83
N PRO E 287 -23.14 31.81 -24.82
CA PRO E 287 -21.95 32.64 -24.87
C PRO E 287 -22.23 34.04 -25.41
N ILE E 288 -21.37 34.97 -25.01
CA ILE E 288 -21.42 36.35 -25.48
C ILE E 288 -20.40 36.61 -26.58
N ARG E 289 -19.20 36.07 -26.43
CA ARG E 289 -18.15 36.21 -27.43
C ARG E 289 -18.04 34.91 -28.23
N ARG E 290 -18.14 35.03 -29.54
CA ARG E 290 -17.99 33.87 -30.41
C ARG E 290 -16.52 33.48 -30.53
N ASP E 291 -16.29 32.31 -31.13
CA ASP E 291 -14.95 31.76 -31.23
C ASP E 291 -14.30 32.02 -32.58
N SER E 292 -15.08 32.05 -33.65
CA SER E 292 -14.60 32.32 -35.00
C SER E 292 -15.78 32.78 -35.82
N PRO E 293 -15.60 33.73 -36.77
CA PRO E 293 -14.37 34.48 -37.05
C PRO E 293 -14.23 35.72 -36.17
N LYS E 294 -13.00 36.00 -35.74
CA LYS E 294 -12.71 37.17 -34.93
C LYS E 294 -12.35 38.34 -35.83
N LYS E 295 -13.02 39.47 -35.65
CA LYS E 295 -12.85 40.62 -36.54
C LYS E 295 -11.49 41.29 -36.37
N ALA E 296 -10.83 41.12 -35.23
CA ALA E 296 -9.58 41.81 -34.99
C ALA E 296 -8.40 41.18 -35.73
N ILE E 297 -8.20 39.87 -35.56
CA ILE E 297 -7.02 39.21 -36.12
C ILE E 297 -7.16 38.99 -37.62
N THR E 298 -8.41 38.96 -38.11
CA THR E 298 -8.64 38.68 -39.53
C THR E 298 -8.31 39.88 -40.41
N LEU E 299 -8.07 41.05 -39.82
CA LEU E 299 -7.64 42.22 -40.59
C LEU E 299 -6.18 42.56 -40.36
N ILE E 300 -5.64 42.27 -39.18
CA ILE E 300 -4.21 42.39 -38.96
C ILE E 300 -3.45 41.37 -39.80
N LEU E 301 -4.01 40.17 -39.93
CA LEU E 301 -3.46 39.16 -40.83
C LEU E 301 -3.90 39.34 -42.27
N ALA E 302 -4.59 40.43 -42.58
CA ALA E 302 -4.92 40.79 -43.96
C ALA E 302 -4.08 41.95 -44.47
N VAL E 303 -3.81 42.94 -43.62
CA VAL E 303 -2.88 44.01 -43.96
C VAL E 303 -1.45 43.50 -44.11
N LEU E 304 -1.02 42.62 -43.20
CA LEU E 304 0.32 42.06 -43.26
C LEU E 304 0.44 41.02 -44.37
N LEU E 305 -0.69 40.42 -44.77
CA LEU E 305 -0.67 39.51 -45.91
C LEU E 305 -0.70 40.33 -47.18
N GLY E 306 -1.50 41.41 -47.20
CA GLY E 306 -1.58 42.27 -48.37
C GLY E 306 -0.33 43.08 -48.64
N GLY E 307 0.49 43.30 -47.62
CA GLY E 307 1.74 44.02 -47.80
C GLY E 307 2.84 43.13 -48.33
N MET E 308 2.88 41.88 -47.87
CA MET E 308 3.93 40.96 -48.32
C MET E 308 3.69 40.47 -49.74
N VAL E 309 2.43 40.42 -50.18
CA VAL E 309 2.19 40.09 -51.57
C VAL E 309 2.44 41.33 -52.44
N GLY E 310 2.29 42.52 -51.87
CA GLY E 310 2.62 43.74 -52.59
C GLY E 310 4.10 44.00 -52.67
N ALA E 311 4.86 43.58 -51.65
CA ALA E 311 6.30 43.73 -51.68
C ALA E 311 6.96 42.82 -52.71
N GLY E 312 6.33 41.68 -53.01
CA GLY E 312 6.81 40.85 -54.10
C GLY E 312 6.53 41.44 -55.47
N ILE E 313 5.52 42.30 -55.57
CA ILE E 313 5.20 42.92 -56.85
C ILE E 313 6.14 44.09 -57.13
N VAL E 314 6.39 44.94 -56.13
CA VAL E 314 7.26 46.09 -56.32
C VAL E 314 8.72 45.67 -56.43
N LEU E 315 9.10 44.52 -55.87
CA LEU E 315 10.41 43.95 -56.12
C LEU E 315 10.44 43.11 -57.39
N GLY E 316 9.30 42.55 -57.79
CA GLY E 316 9.25 41.74 -59.00
C GLY E 316 9.29 42.55 -60.27
N ARG E 317 8.69 43.74 -60.26
CA ARG E 317 8.71 44.62 -61.41
C ARG E 317 9.97 45.47 -61.47
N ASN E 318 10.88 45.33 -60.52
CA ASN E 318 12.14 46.04 -60.53
C ASN E 318 13.34 45.13 -60.74
N ALA E 319 13.39 43.98 -60.07
CA ALA E 319 14.51 43.06 -60.24
C ALA E 319 14.47 42.38 -61.62
N LEU E 320 13.28 42.14 -62.16
CA LEU E 320 13.17 41.64 -63.53
C LEU E 320 13.57 42.71 -64.53
N ARG E 321 13.31 43.98 -64.21
CA ARG E 321 13.81 45.06 -65.05
C ARG E 321 15.31 45.23 -64.90
N ASN E 322 15.86 44.89 -63.73
CA ASN E 322 17.32 44.91 -63.57
C ASN E 322 17.96 43.72 -64.26
N TYR E 323 17.23 42.60 -64.36
CA TYR E 323 17.81 41.40 -64.97
C TYR E 323 17.77 41.45 -66.49
N ASN E 324 16.71 42.01 -67.07
CA ASN E 324 16.61 42.09 -68.53
C ASN E 324 17.48 43.21 -69.04
N ALA E 325 18.34 42.88 -70.03
CA ALA E 325 19.20 43.81 -70.76
C ALA E 325 20.15 44.58 -69.84
N LYS E 326 21.05 43.81 -69.23
CA LYS E 326 22.16 44.39 -68.47
C LYS E 326 23.05 45.29 -69.34
N ASP F 19 31.57 47.55 -31.79
CA ASP F 19 31.58 48.54 -32.86
C ASP F 19 32.26 49.80 -32.32
N LEU F 20 32.85 50.60 -33.21
CA LEU F 20 33.67 51.74 -32.80
C LEU F 20 32.78 52.95 -32.48
N ILE F 21 33.42 54.09 -32.26
CA ILE F 21 32.72 55.32 -31.91
C ILE F 21 32.36 56.18 -33.11
N ASP F 22 32.41 55.61 -34.32
CA ASP F 22 32.18 56.35 -35.55
C ASP F 22 30.75 56.88 -35.67
N LEU F 23 29.78 56.22 -35.03
CA LEU F 23 28.40 56.69 -35.08
C LEU F 23 27.92 57.33 -33.79
N LEU F 24 28.71 57.26 -32.70
CA LEU F 24 28.35 57.90 -31.44
C LEU F 24 28.67 59.40 -31.41
N VAL F 25 28.82 59.97 -32.60
CA VAL F 25 29.01 61.44 -32.72
C VAL F 25 27.75 62.12 -33.26
N GLN F 26 27.02 61.42 -34.15
CA GLN F 26 25.77 61.97 -34.73
C GLN F 26 24.66 62.03 -33.66
N LEU F 27 24.71 61.10 -32.69
CA LEU F 27 23.69 61.12 -31.61
C LEU F 27 23.93 62.48 -30.97
N TRP F 28 25.20 62.78 -30.66
CA TRP F 28 25.49 64.11 -30.07
C TRP F 28 25.14 65.19 -31.10
N ARG F 29 25.46 64.94 -32.37
CA ARG F 29 25.22 65.91 -33.47
C ARG F 29 23.72 66.23 -33.51
N GLY F 30 22.89 65.18 -33.43
CA GLY F 30 21.43 65.33 -33.36
C GLY F 30 20.95 65.39 -31.92
N LYS F 31 21.37 66.41 -31.17
CA LYS F 31 20.97 66.54 -29.73
C LYS F 31 19.49 66.90 -29.48
N MET F 32 18.99 67.95 -30.10
CA MET F 32 17.57 68.37 -29.92
C MET F 32 16.62 67.28 -30.45
N THR F 33 16.98 66.61 -31.54
CA THR F 33 16.06 65.64 -32.14
C THR F 33 15.89 64.42 -31.26
N ILE F 34 16.75 64.22 -30.26
CA ILE F 34 16.56 63.13 -29.31
C ILE F 34 15.69 63.58 -28.15
N ILE F 35 15.91 64.80 -27.66
CA ILE F 35 15.14 65.33 -26.54
C ILE F 35 13.69 65.58 -26.96
N ILE F 36 13.47 65.99 -28.21
CA ILE F 36 12.11 66.21 -28.68
C ILE F 36 11.41 64.90 -28.98
N SER F 37 12.16 63.79 -29.08
CA SER F 37 11.55 62.47 -29.23
C SER F 37 11.37 61.74 -27.91
N VAL F 38 11.91 62.28 -26.82
CA VAL F 38 11.72 61.71 -25.49
C VAL F 38 10.59 62.41 -24.75
N ILE F 39 10.52 63.74 -24.88
CA ILE F 39 9.44 64.52 -24.27
C ILE F 39 8.10 64.16 -24.89
N VAL F 40 8.08 63.84 -26.19
CA VAL F 40 6.85 63.40 -26.83
C VAL F 40 6.46 61.99 -26.37
N ALA F 41 7.40 61.22 -25.85
CA ALA F 41 7.06 59.90 -25.29
C ALA F 41 6.48 60.04 -23.88
N ILE F 42 7.01 60.97 -23.09
CA ILE F 42 6.45 61.23 -21.77
C ILE F 42 5.08 61.91 -21.91
N ALA F 43 4.87 62.66 -23.00
CA ALA F 43 3.58 63.28 -23.24
C ALA F 43 2.49 62.28 -23.58
N LEU F 44 2.84 61.11 -24.10
CA LEU F 44 1.89 60.02 -24.25
C LEU F 44 1.92 59.06 -23.08
N ALA F 45 3.02 58.97 -22.33
CA ALA F 45 3.06 58.10 -21.17
C ALA F 45 2.23 58.67 -20.03
N ILE F 46 2.37 59.96 -19.75
CA ILE F 46 1.56 60.59 -18.71
C ILE F 46 0.10 60.69 -19.15
N GLY F 47 -0.11 60.91 -20.45
CA GLY F 47 -1.46 60.88 -20.99
C GLY F 47 -2.10 59.50 -20.96
N TYR F 48 -1.29 58.44 -20.92
CA TYR F 48 -1.83 57.09 -20.73
C TYR F 48 -2.24 56.87 -19.29
N LEU F 49 -1.62 57.58 -18.34
CA LEU F 49 -1.94 57.46 -16.92
C LEU F 49 -3.06 58.40 -16.47
N ALA F 50 -3.95 58.79 -17.38
CA ALA F 50 -5.15 59.51 -17.02
C ALA F 50 -6.39 58.90 -17.65
N VAL F 51 -6.24 57.86 -18.46
CA VAL F 51 -7.36 57.20 -19.10
C VAL F 51 -7.37 55.72 -18.75
N ALA F 52 -6.22 55.19 -18.33
CA ALA F 52 -6.11 53.77 -18.01
C ALA F 52 -6.78 53.47 -16.68
N LYS F 53 -7.72 52.53 -16.69
CA LYS F 53 -8.38 52.12 -15.46
C LYS F 53 -7.47 51.20 -14.67
N GLU F 54 -7.56 51.32 -13.35
CA GLU F 54 -6.65 50.61 -12.45
C GLU F 54 -7.29 49.31 -11.96
N LYS F 55 -6.44 48.47 -11.35
CA LYS F 55 -6.83 47.09 -11.02
C LYS F 55 -6.27 46.74 -9.65
N TRP F 56 -7.14 46.73 -8.64
CA TRP F 56 -6.75 46.39 -7.27
C TRP F 56 -7.15 44.95 -6.99
N THR F 57 -6.24 44.20 -6.38
CA THR F 57 -6.43 42.77 -6.16
C THR F 57 -6.66 42.49 -4.68
N SER F 58 -7.77 41.83 -4.37
CA SER F 58 -8.04 41.34 -3.02
C SER F 58 -7.62 39.87 -2.92
N THR F 59 -7.57 39.39 -1.68
CA THR F 59 -7.12 38.02 -1.41
C THR F 59 -7.73 37.56 -0.09
N ALA F 60 -8.42 36.43 -0.12
CA ALA F 60 -8.85 35.75 1.09
C ALA F 60 -8.36 34.31 1.03
N ILE F 61 -8.09 33.74 2.19
CA ILE F 61 -7.58 32.38 2.29
C ILE F 61 -8.61 31.55 3.04
N ILE F 62 -9.11 30.50 2.39
CA ILE F 62 -10.15 29.66 2.97
C ILE F 62 -9.60 28.27 3.22
N THR F 63 -10.28 27.54 4.09
CA THR F 63 -9.86 26.21 4.54
C THR F 63 -11.13 25.48 4.90
N GLN F 64 -11.11 24.12 4.77
CA GLN F 64 -12.14 23.18 5.19
C GLN F 64 -12.66 23.50 6.59
N PRO F 65 -13.96 23.34 6.85
CA PRO F 65 -14.54 23.82 8.10
C PRO F 65 -14.08 23.01 9.30
N ASP F 66 -14.28 23.60 10.48
CA ASP F 66 -13.86 22.97 11.73
C ASP F 66 -14.68 21.73 12.02
N VAL F 67 -14.14 20.89 12.91
CA VAL F 67 -14.79 19.63 13.23
C VAL F 67 -16.04 19.88 14.07
N GLY F 68 -16.06 20.97 14.83
CA GLY F 68 -17.21 21.33 15.62
C GLY F 68 -18.23 22.22 14.93
N GLN F 69 -17.90 22.74 13.75
CA GLN F 69 -18.88 23.51 12.99
C GLN F 69 -19.86 22.62 12.25
N ILE F 70 -19.38 21.48 11.74
CA ILE F 70 -20.22 20.57 10.99
C ILE F 70 -20.67 19.39 11.84
N ALA F 71 -20.60 19.52 13.17
CA ALA F 71 -21.00 18.42 14.05
C ALA F 71 -22.51 18.21 14.07
N GLY F 72 -23.29 19.20 13.64
CA GLY F 72 -24.71 18.99 13.45
C GLY F 72 -24.96 18.24 12.16
N TYR F 73 -24.19 18.57 11.12
CA TYR F 73 -24.32 17.89 9.85
C TYR F 73 -23.71 16.50 9.88
N ASN F 74 -22.66 16.31 10.69
CA ASN F 74 -22.06 14.98 10.80
C ASN F 74 -22.95 14.03 11.57
N ASN F 75 -23.68 14.53 12.57
CA ASN F 75 -24.61 13.68 13.29
C ASN F 75 -25.82 13.32 12.45
N ALA F 76 -26.13 14.13 11.44
CA ALA F 76 -27.17 13.79 10.49
C ALA F 76 -26.75 12.62 9.62
N MET F 77 -25.47 12.54 9.27
CA MET F 77 -24.97 11.45 8.45
C MET F 77 -24.64 10.19 9.24
N ASN F 78 -24.56 10.27 10.57
CA ASN F 78 -24.39 9.08 11.38
C ASN F 78 -25.70 8.41 11.77
N VAL F 79 -26.81 9.14 11.68
CA VAL F 79 -28.11 8.57 11.98
C VAL F 79 -28.69 7.85 10.77
N ILE F 80 -28.62 8.48 9.60
CA ILE F 80 -29.24 7.91 8.40
C ILE F 80 -28.40 6.81 7.77
N TYR F 81 -27.13 6.66 8.17
CA TYR F 81 -26.24 5.68 7.56
C TYR F 81 -25.66 4.68 8.55
N GLY F 82 -25.63 4.99 9.84
CA GLY F 82 -25.17 4.05 10.84
C GLY F 82 -23.68 3.79 10.81
N GLN F 83 -23.30 2.58 10.43
CA GLN F 83 -21.90 2.18 10.45
C GLN F 83 -21.15 2.48 9.16
N ALA F 84 -21.86 2.68 8.05
CA ALA F 84 -21.25 3.01 6.78
C ALA F 84 -21.14 4.51 6.55
N ALA F 85 -21.27 5.30 7.61
CA ALA F 85 -21.13 6.74 7.49
C ALA F 85 -19.67 7.12 7.25
N PRO F 86 -19.42 8.19 6.49
CA PRO F 86 -18.04 8.64 6.32
C PRO F 86 -17.50 9.29 7.58
N LYS F 87 -16.17 9.24 7.72
CA LYS F 87 -15.52 9.85 8.87
C LYS F 87 -15.59 11.36 8.79
N VAL F 88 -15.40 12.00 9.96
CA VAL F 88 -15.50 13.45 10.02
C VAL F 88 -14.29 14.13 9.36
N SER F 89 -13.19 13.41 9.19
CA SER F 89 -12.06 13.90 8.40
C SER F 89 -12.26 13.66 6.91
N ASP F 90 -13.32 12.93 6.53
CA ASP F 90 -13.69 12.75 5.13
C ASP F 90 -14.93 13.56 4.76
N LEU F 91 -15.69 14.01 5.76
CA LEU F 91 -16.78 14.94 5.52
C LEU F 91 -16.29 16.37 5.36
N GLN F 92 -15.02 16.63 5.65
CA GLN F 92 -14.46 17.96 5.45
C GLN F 92 -13.84 18.13 4.07
N GLU F 93 -13.32 17.05 3.48
CA GLU F 93 -12.81 17.14 2.12
C GLU F 93 -13.91 17.16 1.08
N THR F 94 -15.13 16.77 1.46
CA THR F 94 -16.27 16.86 0.57
C THR F 94 -16.89 18.25 0.58
N LEU F 95 -17.05 18.83 1.78
CA LEU F 95 -17.64 20.16 1.90
C LEU F 95 -16.73 21.26 1.39
N ILE F 96 -15.41 21.01 1.31
CA ILE F 96 -14.53 21.93 0.61
C ILE F 96 -14.33 21.50 -0.84
N GLY F 97 -14.68 20.26 -1.18
CA GLY F 97 -14.74 19.86 -2.57
C GLY F 97 -15.99 20.37 -3.27
N ARG F 98 -17.08 20.53 -2.52
CA ARG F 98 -18.29 21.13 -3.07
C ARG F 98 -18.22 22.64 -3.13
N PHE F 99 -17.22 23.25 -2.51
CA PHE F 99 -17.01 24.69 -2.59
C PHE F 99 -15.99 25.06 -3.67
N SER F 100 -14.86 24.36 -3.70
CA SER F 100 -13.80 24.66 -4.67
C SER F 100 -14.20 24.34 -6.10
N SER F 101 -15.22 23.49 -6.30
CA SER F 101 -15.73 23.23 -7.64
C SER F 101 -16.95 24.07 -7.97
N ALA F 102 -17.60 24.67 -6.96
CA ALA F 102 -18.67 25.62 -7.21
C ALA F 102 -18.19 27.07 -7.20
N PHE F 103 -17.00 27.34 -6.67
CA PHE F 103 -16.42 28.66 -6.78
C PHE F 103 -15.67 28.83 -8.10
N SER F 104 -15.07 27.75 -8.60
CA SER F 104 -14.49 27.77 -9.94
C SER F 104 -15.53 27.64 -11.04
N ALA F 105 -16.78 27.33 -10.68
CA ALA F 105 -17.88 27.39 -11.63
C ALA F 105 -18.57 28.74 -11.61
N LEU F 106 -18.32 29.56 -10.59
CA LEU F 106 -18.66 30.97 -10.65
C LEU F 106 -17.59 31.77 -11.37
N ALA F 107 -16.35 31.28 -11.37
CA ALA F 107 -15.26 31.93 -12.08
C ALA F 107 -15.44 31.91 -13.58
N GLU F 108 -16.20 30.96 -14.11
CA GLU F 108 -16.40 30.83 -15.55
C GLU F 108 -17.74 31.37 -16.03
N THR F 109 -18.64 31.73 -15.13
CA THR F 109 -19.84 32.46 -15.50
C THR F 109 -19.70 33.95 -15.26
N LEU F 110 -18.51 34.41 -14.87
CA LEU F 110 -18.20 35.83 -14.83
C LEU F 110 -17.37 36.28 -16.02
N ASP F 111 -16.86 35.34 -16.81
CA ASP F 111 -16.27 35.68 -18.10
C ASP F 111 -17.31 35.76 -19.21
N ASN F 112 -18.52 35.29 -18.97
CA ASN F 112 -19.64 35.46 -19.89
C ASN F 112 -20.41 36.74 -19.63
N GLN F 113 -19.83 37.68 -18.89
CA GLN F 113 -20.39 39.01 -18.83
C GLN F 113 -19.93 39.81 -20.05
N GLU F 114 -20.55 40.97 -20.26
CA GLU F 114 -20.11 41.85 -21.33
C GLU F 114 -18.73 42.43 -21.02
N GLU F 115 -18.50 42.79 -19.76
CA GLU F 115 -17.19 43.19 -19.27
C GLU F 115 -16.72 42.17 -18.25
N ARG F 116 -15.51 41.65 -18.44
CA ARG F 116 -15.06 40.50 -17.68
C ARG F 116 -14.69 40.90 -16.25
N GLU F 117 -14.92 39.98 -15.32
CA GLU F 117 -14.52 40.13 -13.92
C GLU F 117 -13.68 38.91 -13.56
N LYS F 118 -12.37 39.12 -13.42
CA LYS F 118 -11.49 38.00 -13.11
C LYS F 118 -11.63 37.61 -11.65
N LEU F 119 -11.79 36.32 -11.40
CA LEU F 119 -11.92 35.78 -10.06
C LEU F 119 -11.34 34.37 -10.06
N THR F 120 -10.33 34.13 -9.24
CA THR F 120 -9.58 32.88 -9.29
C THR F 120 -9.69 32.12 -7.97
N ILE F 121 -9.17 30.90 -7.99
CA ILE F 121 -9.02 30.08 -6.81
C ILE F 121 -7.85 29.12 -7.05
N GLU F 122 -7.01 28.95 -6.04
CA GLU F 122 -5.78 28.19 -6.20
C GLU F 122 -5.33 27.71 -4.83
N PRO F 123 -4.59 26.61 -4.76
CA PRO F 123 -3.95 26.24 -3.49
C PRO F 123 -2.87 27.24 -3.11
N SER F 124 -2.67 27.39 -1.80
CA SER F 124 -1.77 28.43 -1.30
C SER F 124 -0.31 28.07 -1.57
N VAL F 125 0.15 26.97 -1.01
CA VAL F 125 1.47 26.46 -1.30
C VAL F 125 1.33 25.30 -2.28
N LYS F 126 2.37 25.08 -3.07
CA LYS F 126 2.26 24.30 -4.30
C LYS F 126 2.30 22.79 -4.08
N ASN F 127 2.27 22.31 -2.83
CA ASN F 127 2.34 20.87 -2.56
C ASN F 127 1.03 20.33 -2.00
N GLN F 128 0.53 20.89 -0.92
CA GLN F 128 -0.68 20.38 -0.29
C GLN F 128 -1.91 21.00 -0.92
N GLN F 129 -3.05 20.33 -0.72
CA GLN F 129 -4.29 20.68 -1.42
C GLN F 129 -4.89 21.96 -0.87
N LEU F 130 -5.06 22.04 0.45
CA LEU F 130 -5.66 23.18 1.12
C LEU F 130 -4.71 23.68 2.20
N PRO F 131 -4.79 24.98 2.58
CA PRO F 131 -5.69 26.11 2.32
C PRO F 131 -5.72 26.65 0.89
N LEU F 132 -6.91 27.07 0.47
CA LEU F 132 -7.11 27.64 -0.86
C LEU F 132 -7.01 29.15 -0.79
N THR F 133 -6.68 29.77 -1.92
CA THR F 133 -6.45 31.21 -1.98
C THR F 133 -7.31 31.81 -3.09
N VAL F 134 -8.44 32.41 -2.69
CA VAL F 134 -9.30 33.08 -3.67
C VAL F 134 -8.77 34.49 -3.92
N SER F 135 -9.23 35.08 -5.03
CA SER F 135 -8.80 36.43 -5.40
C SER F 135 -9.85 37.05 -6.30
N TYR F 136 -9.68 38.34 -6.57
CA TYR F 136 -10.59 39.14 -7.37
C TYR F 136 -9.90 40.47 -7.68
N VAL F 137 -10.05 40.94 -8.92
CA VAL F 137 -9.54 42.24 -9.32
C VAL F 137 -10.72 43.17 -9.55
N GLY F 138 -10.54 44.44 -9.20
CA GLY F 138 -11.59 45.43 -9.28
C GLY F 138 -11.10 46.71 -9.91
N GLN F 139 -11.70 47.81 -9.48
CA GLN F 139 -11.33 49.14 -9.94
C GLN F 139 -10.97 50.08 -8.80
N THR F 140 -11.47 49.84 -7.60
CA THR F 140 -11.10 50.59 -6.42
C THR F 140 -10.60 49.64 -5.34
N ALA F 141 -10.00 50.21 -4.30
CA ALA F 141 -9.53 49.38 -3.18
C ALA F 141 -10.69 48.89 -2.34
N GLU F 142 -11.65 49.76 -2.05
CA GLU F 142 -12.81 49.37 -1.27
C GLU F 142 -13.77 48.51 -2.08
N GLY F 143 -13.95 48.84 -3.36
CA GLY F 143 -14.87 48.12 -4.21
C GLY F 143 -14.41 46.79 -4.74
N ALA F 144 -13.19 46.37 -4.40
CA ALA F 144 -12.72 45.04 -4.74
C ALA F 144 -12.63 44.11 -3.54
N GLN F 145 -12.86 44.63 -2.33
CA GLN F 145 -12.98 43.82 -1.13
C GLN F 145 -14.44 43.52 -0.79
N MET F 146 -15.32 44.51 -0.97
CA MET F 146 -16.75 44.31 -0.83
C MET F 146 -17.27 43.31 -1.87
N LYS F 147 -16.72 43.38 -3.09
CA LYS F 147 -17.17 42.47 -4.14
C LYS F 147 -16.68 41.06 -3.93
N LEU F 148 -15.54 40.89 -3.27
CA LEU F 148 -15.04 39.53 -3.01
C LEU F 148 -15.80 38.89 -1.85
N ALA F 149 -16.07 39.65 -0.78
CA ALA F 149 -16.83 39.12 0.34
C ALA F 149 -18.29 38.89 -0.01
N GLN F 150 -18.78 39.47 -1.10
CA GLN F 150 -20.10 39.14 -1.61
C GLN F 150 -20.07 37.85 -2.42
N TYR F 151 -19.04 37.67 -3.25
CA TYR F 151 -18.95 36.48 -4.07
C TYR F 151 -18.54 35.24 -3.29
N ILE F 152 -17.99 35.40 -2.09
CA ILE F 152 -17.78 34.25 -1.22
C ILE F 152 -19.10 33.82 -0.61
N GLN F 153 -19.90 34.78 -0.15
CA GLN F 153 -21.21 34.47 0.41
C GLN F 153 -22.22 34.05 -0.64
N GLN F 154 -21.96 34.34 -1.92
CA GLN F 154 -22.87 33.91 -2.96
C GLN F 154 -22.72 32.43 -3.26
N VAL F 155 -21.49 31.93 -3.30
CA VAL F 155 -21.26 30.50 -3.48
C VAL F 155 -21.61 29.75 -2.21
N ASP F 156 -21.44 30.39 -1.04
CA ASP F 156 -21.75 29.72 0.21
C ASP F 156 -23.25 29.55 0.41
N ASP F 157 -24.06 30.47 -0.12
CA ASP F 157 -25.51 30.31 -0.06
C ASP F 157 -26.05 29.42 -1.16
N LYS F 158 -25.23 29.02 -2.13
CA LYS F 158 -25.62 28.05 -3.12
C LYS F 158 -25.30 26.63 -2.67
N VAL F 159 -24.19 26.45 -1.96
CA VAL F 159 -23.83 25.13 -1.44
C VAL F 159 -24.71 24.78 -0.24
N ASN F 160 -25.02 25.77 0.61
CA ASN F 160 -25.82 25.51 1.80
C ASN F 160 -27.27 25.22 1.47
N GLN F 161 -27.76 25.72 0.33
CA GLN F 161 -29.11 25.39 -0.09
C GLN F 161 -29.16 24.15 -0.97
N GLU F 162 -28.02 23.70 -1.50
CA GLU F 162 -27.95 22.45 -2.22
C GLU F 162 -27.61 21.27 -1.30
N LEU F 163 -27.58 21.50 0.00
CA LEU F 163 -27.36 20.44 0.98
C LEU F 163 -28.51 20.28 1.97
N GLU F 164 -29.19 21.37 2.33
CA GLU F 164 -30.43 21.23 3.08
C GLU F 164 -31.55 20.68 2.21
N LYS F 165 -31.50 20.96 0.90
CA LYS F 165 -32.42 20.33 -0.03
C LYS F 165 -32.05 18.87 -0.27
N ASP F 166 -30.76 18.55 -0.16
CA ASP F 166 -30.32 17.18 -0.38
C ASP F 166 -30.59 16.31 0.83
N LEU F 167 -30.45 16.88 2.04
CA LEU F 167 -30.72 16.10 3.25
C LEU F 167 -32.22 15.86 3.45
N LYS F 168 -33.07 16.75 2.95
CA LYS F 168 -34.51 16.52 3.07
C LYS F 168 -35.00 15.46 2.10
N ASP F 169 -34.31 15.26 0.98
CA ASP F 169 -34.61 14.15 0.09
C ASP F 169 -33.94 12.85 0.50
N ASN F 170 -33.04 12.90 1.49
CA ASN F 170 -32.44 11.69 2.04
C ASN F 170 -33.12 11.22 3.31
N ILE F 171 -33.66 12.14 4.11
CA ILE F 171 -34.34 11.76 5.33
C ILE F 171 -35.76 11.28 5.01
N ALA F 172 -36.49 12.01 4.16
CA ALA F 172 -37.85 11.62 3.80
C ALA F 172 -37.90 10.38 2.93
N LEU F 173 -36.78 9.99 2.33
CA LEU F 173 -36.65 8.70 1.66
C LEU F 173 -35.99 7.67 2.54
N GLY F 174 -35.26 8.10 3.58
CA GLY F 174 -34.67 7.14 4.49
C GLY F 174 -35.63 6.59 5.51
N ARG F 175 -36.71 7.33 5.80
CA ARG F 175 -37.77 6.84 6.66
C ARG F 175 -38.86 6.13 5.88
N LYS F 176 -38.68 5.97 4.56
CA LYS F 176 -39.55 5.14 3.75
C LYS F 176 -39.00 3.75 3.54
N ASN F 177 -37.67 3.61 3.50
CA ASN F 177 -37.02 2.31 3.49
C ASN F 177 -36.88 1.72 4.90
N LEU F 178 -37.34 2.42 5.92
CA LEU F 178 -37.43 1.87 7.26
C LEU F 178 -38.86 1.56 7.67
N GLN F 179 -39.84 2.35 7.20
CA GLN F 179 -41.23 1.98 7.44
C GLN F 179 -41.64 0.79 6.60
N ASP F 180 -40.93 0.53 5.50
CA ASP F 180 -41.12 -0.70 4.75
C ASP F 180 -40.43 -1.87 5.44
N SER F 181 -39.23 -1.64 5.99
CA SER F 181 -38.46 -2.69 6.65
C SER F 181 -38.98 -3.03 8.04
N LEU F 182 -40.00 -2.34 8.53
CA LEU F 182 -40.76 -2.78 9.70
C LEU F 182 -42.05 -3.49 9.31
N ARG F 183 -42.41 -3.49 8.03
CA ARG F 183 -43.58 -4.22 7.57
C ARG F 183 -43.22 -5.61 7.07
N THR F 184 -42.09 -5.75 6.38
CA THR F 184 -41.61 -7.06 5.96
C THR F 184 -40.96 -7.83 7.11
N GLN F 185 -40.54 -7.13 8.17
CA GLN F 185 -40.00 -7.78 9.35
C GLN F 185 -41.09 -8.15 10.35
N GLU F 186 -42.31 -7.68 10.14
CA GLU F 186 -43.44 -8.06 10.96
C GLU F 186 -44.20 -9.25 10.39
N VAL F 187 -44.19 -9.41 9.06
CA VAL F 187 -44.84 -10.56 8.47
C VAL F 187 -43.98 -11.82 8.66
N VAL F 188 -42.65 -11.65 8.78
CA VAL F 188 -41.79 -12.75 9.20
C VAL F 188 -42.07 -13.12 10.65
N ALA F 189 -42.33 -12.11 11.49
CA ALA F 189 -42.64 -12.35 12.90
C ALA F 189 -44.03 -12.91 13.13
N GLN F 190 -44.86 -13.02 12.09
CA GLN F 190 -46.12 -13.73 12.20
C GLN F 190 -46.05 -15.10 11.53
N GLU F 191 -45.10 -15.31 10.63
CA GLU F 191 -44.83 -16.66 10.16
C GLU F 191 -44.21 -17.52 11.25
N GLN F 192 -43.48 -16.89 12.17
CA GLN F 192 -43.01 -17.61 13.35
C GLN F 192 -44.11 -17.83 14.35
N LYS F 193 -45.06 -16.88 14.46
CA LYS F 193 -46.18 -17.04 15.38
C LYS F 193 -47.15 -18.10 14.87
N ASP F 194 -47.37 -18.17 13.56
CA ASP F 194 -48.25 -19.19 13.00
C ASP F 194 -47.62 -20.57 13.04
N LEU F 195 -46.31 -20.67 13.20
CA LEU F 195 -45.66 -21.94 13.46
C LEU F 195 -45.73 -22.31 14.93
N ARG F 196 -45.71 -21.31 15.82
CA ARG F 196 -45.80 -21.58 17.25
C ARG F 196 -47.19 -22.04 17.65
N ILE F 197 -48.23 -21.56 16.95
CA ILE F 197 -49.58 -22.08 17.19
C ILE F 197 -49.68 -23.50 16.66
N ARG F 198 -48.99 -23.81 15.57
CA ARG F 198 -49.02 -25.16 15.02
C ARG F 198 -48.21 -26.13 15.89
N GLN F 199 -47.16 -25.65 16.56
CA GLN F 199 -46.45 -26.48 17.52
C GLN F 199 -47.29 -26.74 18.76
N ILE F 200 -48.10 -25.77 19.16
CA ILE F 200 -49.00 -25.95 20.29
C ILE F 200 -50.15 -26.87 19.92
N GLN F 201 -50.64 -26.75 18.67
CA GLN F 201 -51.78 -27.55 18.23
C GLN F 201 -51.42 -29.02 18.09
N GLU F 202 -50.15 -29.34 17.85
CA GLU F 202 -49.71 -30.72 17.87
C GLU F 202 -49.46 -31.21 19.28
N ALA F 203 -48.97 -30.34 20.17
CA ALA F 203 -48.70 -30.73 21.54
C ALA F 203 -49.97 -30.92 22.37
N LEU F 204 -51.13 -30.50 21.86
CA LEU F 204 -52.38 -30.87 22.51
C LEU F 204 -52.72 -32.33 22.27
N GLN F 205 -52.29 -32.89 21.14
CA GLN F 205 -52.55 -34.28 20.85
C GLN F 205 -51.65 -35.22 21.64
N TYR F 206 -50.43 -34.78 21.97
CA TYR F 206 -49.57 -35.59 22.83
C TYR F 206 -50.08 -35.58 24.26
N ALA F 207 -50.52 -34.42 24.75
CA ALA F 207 -51.00 -34.29 26.12
C ALA F 207 -52.41 -34.83 26.30
N ASN F 208 -53.10 -35.22 25.23
CA ASN F 208 -54.40 -35.86 25.34
C ASN F 208 -54.29 -37.37 25.47
N GLN F 209 -53.20 -37.95 24.98
CA GLN F 209 -52.98 -39.40 25.11
C GLN F 209 -52.18 -39.75 26.34
N ALA F 210 -51.18 -38.92 26.70
CA ALA F 210 -50.41 -39.13 27.91
C ALA F 210 -51.14 -38.70 29.17
N GLN F 211 -52.30 -38.05 29.01
CA GLN F 211 -53.19 -37.60 30.10
C GLN F 211 -52.45 -36.66 31.06
N VAL F 212 -51.97 -35.56 30.51
CA VAL F 212 -51.36 -34.49 31.29
C VAL F 212 -52.31 -33.30 31.28
N THR F 213 -53.02 -33.08 32.38
CA THR F 213 -53.97 -31.99 32.44
C THR F 213 -53.41 -30.77 33.16
N LYS F 214 -52.97 -30.93 34.37
CA LYS F 214 -52.31 -29.86 35.08
C LYS F 214 -50.87 -29.74 34.60
N PRO F 215 -50.25 -28.55 34.71
CA PRO F 215 -48.86 -28.41 34.27
C PRO F 215 -47.90 -29.20 35.14
N GLN F 216 -46.99 -29.92 34.49
CA GLN F 216 -45.95 -30.67 35.18
C GLN F 216 -44.61 -29.94 35.16
N ILE F 217 -44.47 -28.90 34.35
CA ILE F 217 -43.27 -28.08 34.33
C ILE F 217 -43.21 -27.23 35.60
N GLN F 218 -42.08 -27.27 36.28
CA GLN F 218 -41.83 -26.37 37.40
C GLN F 218 -41.14 -25.09 36.95
N GLN F 219 -40.41 -25.15 35.82
CA GLN F 219 -39.58 -24.05 35.34
C GLN F 219 -39.10 -24.43 33.94
N THR F 220 -38.58 -23.43 33.22
CA THR F 220 -37.77 -23.67 32.03
C THR F 220 -36.75 -22.54 31.91
N GLY F 221 -35.48 -22.90 31.81
CA GLY F 221 -34.40 -21.94 31.68
C GLY F 221 -34.27 -21.29 30.32
N GLU F 222 -34.98 -21.80 29.32
CA GLU F 222 -35.00 -21.22 27.98
C GLU F 222 -36.45 -21.26 27.52
N ASP F 223 -36.66 -21.03 26.23
CA ASP F 223 -37.98 -21.25 25.65
C ASP F 223 -38.25 -22.74 25.52
N ILE F 224 -39.51 -23.12 25.59
CA ILE F 224 -39.89 -24.53 25.53
C ILE F 224 -39.90 -24.96 24.06
N THR F 225 -39.28 -26.11 23.78
CA THR F 225 -39.15 -26.58 22.41
C THR F 225 -40.38 -27.38 22.00
N GLN F 226 -40.29 -28.07 20.86
CA GLN F 226 -41.45 -28.79 20.33
C GLN F 226 -41.76 -30.04 21.14
N ASP F 227 -40.73 -30.76 21.59
CA ASP F 227 -40.94 -32.05 22.22
C ASP F 227 -41.46 -31.92 23.65
N THR F 228 -40.90 -31.01 24.44
CA THR F 228 -41.30 -30.84 25.83
C THR F 228 -42.41 -29.80 26.01
N LEU F 229 -43.15 -29.49 24.94
CA LEU F 229 -44.24 -28.52 25.01
C LEU F 229 -45.51 -29.12 25.59
N PHE F 230 -45.67 -30.44 25.56
CA PHE F 230 -46.87 -31.08 26.07
C PHE F 230 -46.93 -31.14 27.58
N LEU F 231 -45.86 -30.74 28.28
CA LEU F 231 -45.86 -30.81 29.74
C LEU F 231 -46.59 -29.63 30.37
N LEU F 232 -47.03 -28.66 29.56
CA LEU F 232 -47.81 -27.55 30.10
C LEU F 232 -49.23 -28.00 30.43
N GLY F 233 -49.70 -29.07 29.80
CA GLY F 233 -50.98 -29.63 30.17
C GLY F 233 -51.99 -29.66 29.05
N SER F 234 -53.06 -30.44 29.22
CA SER F 234 -54.15 -30.44 28.23
C SER F 234 -55.03 -29.22 28.38
N GLU F 235 -55.16 -28.70 29.61
CA GLU F 235 -56.03 -27.56 29.85
C GLU F 235 -55.36 -26.25 29.46
N ALA F 236 -54.07 -26.11 29.73
CA ALA F 236 -53.37 -24.85 29.42
C ALA F 236 -53.01 -24.74 27.95
N LEU F 237 -53.01 -25.84 27.20
CA LEU F 237 -52.77 -25.77 25.78
C LEU F 237 -54.05 -25.59 24.96
N GLU F 238 -55.21 -25.85 25.56
CA GLU F 238 -56.47 -25.56 24.91
C GLU F 238 -56.79 -24.07 24.92
N SER F 239 -56.15 -23.30 25.78
CA SER F 239 -56.35 -21.86 25.81
C SER F 239 -55.34 -21.10 24.97
N MET F 240 -54.22 -21.74 24.60
CA MET F 240 -53.29 -21.12 23.66
C MET F 240 -53.75 -21.29 22.22
N ILE F 241 -54.77 -22.10 21.97
CA ILE F 241 -55.36 -22.24 20.65
C ILE F 241 -56.67 -21.47 20.55
N LYS F 242 -57.44 -21.42 21.64
CA LYS F 242 -58.69 -20.65 21.64
C LYS F 242 -58.42 -19.16 21.61
N HIS F 243 -57.42 -18.68 22.35
CA HIS F 243 -56.98 -17.30 22.29
C HIS F 243 -55.73 -17.25 21.40
N GLU F 244 -55.96 -17.37 20.10
CA GLU F 244 -54.87 -17.40 19.12
C GLU F 244 -54.66 -16.08 18.41
N ALA F 245 -55.74 -15.43 17.97
CA ALA F 245 -55.62 -14.17 17.25
C ALA F 245 -55.21 -13.01 18.15
N THR F 246 -55.39 -13.14 19.47
CA THR F 246 -54.99 -12.11 20.41
C THR F 246 -53.66 -12.40 21.07
N ARG F 247 -53.01 -13.51 20.72
CA ARG F 247 -51.71 -13.83 21.29
C ARG F 247 -50.66 -12.93 20.66
N PRO F 248 -49.86 -12.21 21.45
CA PRO F 248 -48.98 -11.18 20.88
C PRO F 248 -47.77 -11.76 20.19
N LEU F 249 -47.33 -11.05 19.15
CA LEU F 249 -46.11 -11.42 18.44
C LEU F 249 -44.90 -11.15 19.32
N VAL F 250 -43.81 -11.87 19.02
CA VAL F 250 -42.53 -11.61 19.64
C VAL F 250 -41.59 -11.10 18.56
N PHE F 251 -40.76 -10.13 18.92
CA PHE F 251 -39.92 -9.43 17.97
C PHE F 251 -38.45 -9.62 18.32
N SER F 252 -37.64 -9.91 17.32
CA SER F 252 -36.21 -10.09 17.49
C SER F 252 -35.55 -8.76 17.86
N PRO F 253 -34.38 -8.80 18.52
CA PRO F 253 -33.69 -7.55 18.86
C PRO F 253 -33.12 -6.80 17.68
N ASN F 254 -33.22 -7.32 16.46
CA ASN F 254 -32.93 -6.50 15.28
C ASN F 254 -34.11 -5.65 14.88
N TYR F 255 -35.33 -6.04 15.26
CA TYR F 255 -36.51 -5.21 15.00
C TYR F 255 -36.49 -3.95 15.85
N TYR F 256 -36.19 -4.08 17.13
CA TYR F 256 -36.12 -2.92 18.00
C TYR F 256 -34.90 -2.06 17.76
N GLN F 257 -33.91 -2.56 17.02
CA GLN F 257 -32.81 -1.71 16.57
C GLN F 257 -33.24 -0.85 15.40
N THR F 258 -33.94 -1.42 14.41
CA THR F 258 -34.41 -0.65 13.28
C THR F 258 -35.73 0.07 13.56
N ARG F 259 -36.32 -0.15 14.74
CA ARG F 259 -37.40 0.71 15.21
C ARG F 259 -36.84 1.94 15.89
N GLN F 260 -35.76 1.77 16.67
CA GLN F 260 -35.05 2.89 17.25
C GLN F 260 -34.30 3.69 16.19
N ASN F 261 -33.97 3.07 15.06
CA ASN F 261 -33.33 3.79 13.96
C ASN F 261 -34.32 4.59 13.12
N LEU F 262 -35.62 4.34 13.26
CA LEU F 262 -36.64 5.14 12.61
C LEU F 262 -37.05 6.34 13.46
N LEU F 263 -37.06 6.17 14.78
CA LEU F 263 -37.31 7.31 15.66
C LEU F 263 -36.14 8.29 15.69
N ASP F 264 -34.94 7.85 15.35
CA ASP F 264 -33.81 8.77 15.25
C ASP F 264 -33.82 9.52 13.94
N ILE F 265 -34.43 8.96 12.89
CA ILE F 265 -34.47 9.62 11.60
C ILE F 265 -35.73 10.48 11.47
N GLU F 266 -36.69 10.34 12.38
CA GLU F 266 -37.85 11.21 12.43
C GLU F 266 -37.66 12.40 13.34
N SER F 267 -36.64 12.38 14.21
CA SER F 267 -36.51 13.41 15.24
C SER F 267 -35.55 14.52 14.87
N LEU F 268 -34.59 14.27 13.98
CA LEU F 268 -33.61 15.30 13.64
C LEU F 268 -34.24 16.33 12.71
N LYS F 269 -33.80 17.57 12.87
CA LYS F 269 -34.36 18.70 12.13
C LYS F 269 -33.28 19.34 11.27
N VAL F 270 -33.65 19.67 10.04
CA VAL F 270 -32.70 20.21 9.06
C VAL F 270 -32.80 21.74 8.99
N ASP F 271 -33.90 22.32 9.48
CA ASP F 271 -34.07 23.77 9.42
C ASP F 271 -33.10 24.48 10.36
N ASP F 272 -33.00 24.02 11.61
CA ASP F 272 -32.05 24.61 12.55
C ASP F 272 -30.66 24.02 12.45
N LEU F 273 -30.42 23.12 11.50
CA LEU F 273 -29.09 22.56 11.32
C LEU F 273 -28.26 23.48 10.43
N ASP F 274 -27.08 23.83 10.91
CA ASP F 274 -26.21 24.80 10.22
C ASP F 274 -25.09 24.06 9.50
N ILE F 275 -25.00 24.28 8.19
CA ILE F 275 -23.92 23.73 7.37
C ILE F 275 -23.03 24.86 6.92
N HIS F 276 -21.73 24.71 7.10
CA HIS F 276 -20.76 25.68 6.65
C HIS F 276 -19.69 24.94 5.86
N ALA F 277 -19.51 25.35 4.59
CA ALA F 277 -18.65 24.64 3.66
C ALA F 277 -17.24 25.20 3.60
N TYR F 278 -16.91 26.17 4.46
CA TYR F 278 -15.63 26.86 4.41
C TYR F 278 -15.39 27.57 5.73
N ARG F 279 -14.13 27.92 5.97
CA ARG F 279 -13.75 28.65 7.18
C ARG F 279 -12.67 29.67 6.83
N TYR F 280 -12.90 30.93 7.21
CA TYR F 280 -11.91 31.98 7.04
C TYR F 280 -10.71 31.76 7.95
N VAL F 281 -9.53 31.54 7.37
CA VAL F 281 -8.29 31.75 8.11
C VAL F 281 -7.71 33.13 7.84
N MET F 282 -8.26 33.85 6.87
CA MET F 282 -7.89 35.25 6.62
C MET F 282 -9.08 35.91 5.96
N LYS F 283 -9.61 36.97 6.60
CA LYS F 283 -10.69 37.76 6.03
C LYS F 283 -10.23 38.44 4.74
N PRO F 284 -11.13 38.71 3.80
CA PRO F 284 -10.73 39.33 2.53
C PRO F 284 -10.19 40.75 2.72
N MET F 285 -8.93 40.94 2.33
CA MET F 285 -8.21 42.17 2.57
C MET F 285 -8.63 43.25 1.59
N LEU F 286 -8.29 44.50 1.93
CA LEU F 286 -8.34 45.58 0.96
C LEU F 286 -6.91 46.02 0.67
N PRO F 287 -6.51 46.06 -0.60
CA PRO F 287 -5.10 46.26 -0.92
C PRO F 287 -4.66 47.71 -0.81
N ILE F 288 -3.37 47.89 -0.58
CA ILE F 288 -2.75 49.21 -0.52
C ILE F 288 -2.04 49.55 -1.83
N ARG F 289 -1.34 48.58 -2.40
CA ARG F 289 -0.64 48.77 -3.67
C ARG F 289 -1.45 48.13 -4.78
N ARG F 290 -1.76 48.91 -5.81
CA ARG F 290 -2.48 48.38 -6.96
C ARG F 290 -1.54 47.57 -7.84
N ASP F 291 -2.14 46.87 -8.81
CA ASP F 291 -1.39 45.96 -9.67
C ASP F 291 -1.02 46.57 -11.01
N SER F 292 -1.87 47.43 -11.55
CA SER F 292 -1.64 48.13 -12.82
C SER F 292 -2.52 49.37 -12.82
N PRO F 293 -2.05 50.49 -13.41
CA PRO F 293 -0.72 50.73 -13.96
C PRO F 293 0.28 51.19 -12.89
N LYS F 294 1.52 50.71 -13.00
CA LYS F 294 2.58 51.10 -12.08
C LYS F 294 3.31 52.30 -12.65
N LYS F 295 3.44 53.36 -11.84
CA LYS F 295 4.02 54.61 -12.31
C LYS F 295 5.51 54.52 -12.57
N ALA F 296 6.20 53.55 -11.96
CA ALA F 296 7.65 53.47 -12.10
C ALA F 296 8.08 52.89 -13.45
N ILE F 297 7.55 51.72 -13.80
CA ILE F 297 8.01 51.02 -14.99
C ILE F 297 7.43 51.64 -16.26
N THR F 298 6.31 52.35 -16.14
CA THR F 298 5.65 52.94 -17.29
C THR F 298 6.39 54.17 -17.81
N LEU F 299 7.36 54.69 -17.06
CA LEU F 299 8.18 55.81 -17.53
C LEU F 299 9.59 55.38 -17.90
N ILE F 300 10.13 54.35 -17.23
CA ILE F 300 11.40 53.76 -17.64
C ILE F 300 11.24 53.10 -19.01
N LEU F 301 10.10 52.45 -19.25
CA LEU F 301 9.79 51.91 -20.56
C LEU F 301 9.21 52.94 -21.52
N ALA F 302 9.18 54.20 -21.14
CA ALA F 302 8.81 55.30 -22.03
C ALA F 302 10.02 56.11 -22.47
N VAL F 303 10.98 56.34 -21.57
CA VAL F 303 12.23 56.98 -21.94
C VAL F 303 13.07 56.09 -22.86
N LEU F 304 13.13 54.79 -22.56
CA LEU F 304 13.88 53.87 -23.39
C LEU F 304 13.16 53.57 -24.69
N LEU F 305 11.83 53.74 -24.71
CA LEU F 305 11.09 53.59 -25.95
C LEU F 305 11.23 54.88 -26.76
N GLY F 306 11.18 56.03 -26.09
CA GLY F 306 11.33 57.31 -26.76
C GLY F 306 12.72 57.58 -27.29
N GLY F 307 13.73 56.92 -26.74
CA GLY F 307 15.09 57.06 -27.23
C GLY F 307 15.37 56.21 -28.44
N MET F 308 14.81 55.00 -28.46
CA MET F 308 15.05 54.09 -29.58
C MET F 308 14.27 54.52 -30.82
N VAL F 309 13.12 55.19 -30.65
CA VAL F 309 12.43 55.73 -31.81
C VAL F 309 13.13 57.01 -32.27
N GLY F 310 13.80 57.71 -31.35
CA GLY F 310 14.58 58.88 -31.72
C GLY F 310 15.89 58.54 -32.37
N ALA F 311 16.49 57.41 -31.98
CA ALA F 311 17.73 56.97 -32.60
C ALA F 311 17.52 56.52 -34.05
N GLY F 312 16.32 56.04 -34.37
CA GLY F 312 16.00 55.74 -35.76
C GLY F 312 15.80 56.98 -36.60
N ILE F 313 15.43 58.10 -35.96
CA ILE F 313 15.25 59.35 -36.70
C ILE F 313 16.59 60.02 -36.99
N VAL F 314 17.47 60.07 -36.00
CA VAL F 314 18.77 60.72 -36.20
C VAL F 314 19.69 59.86 -37.08
N LEU F 315 19.47 58.55 -37.13
CA LEU F 315 20.16 57.72 -38.10
C LEU F 315 19.43 57.69 -39.44
N GLY F 316 18.11 57.90 -39.44
CA GLY F 316 17.36 57.89 -40.69
C GLY F 316 17.56 59.14 -41.51
N ARG F 317 17.73 60.29 -40.87
CA ARG F 317 17.99 61.54 -41.58
C ARG F 317 19.45 61.73 -41.92
N ASN F 318 20.31 60.78 -41.57
CA ASN F 318 21.72 60.84 -41.93
C ASN F 318 22.13 59.77 -42.92
N ALA F 319 21.68 58.52 -42.74
CA ALA F 319 22.02 57.46 -43.68
C ALA F 319 21.32 57.63 -45.02
N LEU F 320 20.11 58.18 -45.02
CA LEU F 320 19.43 58.52 -46.27
C LEU F 320 20.12 59.69 -46.95
N ARG F 321 20.69 60.61 -46.18
CA ARG F 321 21.51 61.67 -46.76
C ARG F 321 22.84 61.13 -47.26
N ASN F 322 23.36 60.08 -46.63
CA ASN F 322 24.57 59.43 -47.14
C ASN F 322 24.27 58.61 -48.38
N TYR F 323 23.05 58.07 -48.49
CA TYR F 323 22.70 57.23 -49.63
C TYR F 323 22.36 58.03 -50.87
N ASN F 324 21.69 59.17 -50.71
CA ASN F 324 21.32 59.99 -51.86
C ASN F 324 22.54 60.77 -52.34
N ALA F 325 22.82 60.66 -53.65
CA ALA F 325 23.86 61.41 -54.37
C ALA F 325 25.25 61.17 -53.77
N LYS F 326 25.70 59.92 -53.91
CA LYS F 326 27.07 59.55 -53.58
C LYS F 326 28.08 60.33 -54.43
N ASP G 19 44.55 40.06 -26.04
CA ASP G 19 44.88 41.35 -26.64
C ASP G 19 46.24 41.79 -26.09
N LEU G 20 46.96 42.62 -26.85
CA LEU G 20 48.33 42.97 -26.52
C LEU G 20 48.36 44.09 -25.49
N ILE G 21 49.56 44.63 -25.23
CA ILE G 21 49.75 45.68 -24.24
C ILE G 21 49.68 47.07 -24.82
N ASP G 22 49.13 47.21 -26.04
CA ASP G 22 49.07 48.49 -26.73
C ASP G 22 48.19 49.52 -26.03
N LEU G 23 47.20 49.09 -25.26
CA LEU G 23 46.33 50.01 -24.55
C LEU G 23 46.60 50.05 -23.05
N LEU G 24 47.44 49.15 -22.51
CA LEU G 24 47.78 49.16 -21.10
C LEU G 24 48.88 50.17 -20.75
N VAL G 25 49.05 51.15 -21.64
CA VAL G 25 49.99 52.27 -21.36
C VAL G 25 49.23 53.56 -21.05
N GLN G 26 48.06 53.74 -21.69
CA GLN G 26 47.23 54.95 -21.44
C GLN G 26 46.61 54.91 -20.03
N LEU G 27 46.35 53.70 -19.52
CA LEU G 27 45.78 53.57 -18.16
C LEU G 27 46.88 54.20 -17.29
N TRP G 28 48.13 53.79 -17.52
CA TRP G 28 49.23 54.41 -16.73
C TRP G 28 49.31 55.90 -17.11
N ARG G 29 49.14 56.20 -18.41
CA ARG G 29 49.24 57.59 -18.90
C ARG G 29 48.21 58.45 -18.18
N GLY G 30 46.99 57.92 -18.06
CA GLY G 30 45.91 58.59 -17.31
C GLY G 30 45.88 58.11 -15.87
N LYS G 31 46.95 58.36 -15.11
CA LYS G 31 47.02 57.91 -13.68
C LYS G 31 46.10 58.64 -12.69
N MET G 32 46.14 59.96 -12.67
CA MET G 32 45.26 60.75 -11.76
C MET G 32 43.79 60.55 -12.10
N THR G 33 43.45 60.44 -13.40
CA THR G 33 42.05 60.35 -13.78
C THR G 33 41.44 59.03 -13.35
N ILE G 34 42.24 58.04 -12.96
CA ILE G 34 41.69 56.81 -12.42
C ILE G 34 41.50 56.92 -10.91
N ILE G 35 42.47 57.53 -10.22
CA ILE G 35 42.39 57.69 -8.77
C ILE G 35 41.28 58.66 -8.39
N ILE G 36 41.05 59.69 -9.22
CA ILE G 36 39.97 60.63 -8.94
C ILE G 36 38.60 60.03 -9.28
N SER G 37 38.57 58.93 -10.04
CA SER G 37 37.32 58.23 -10.31
C SER G 37 37.07 57.08 -9.34
N VAL G 38 38.05 56.75 -8.51
CA VAL G 38 37.87 55.72 -7.49
C VAL G 38 37.52 56.34 -6.14
N ILE G 39 38.17 57.46 -5.81
CA ILE G 39 37.88 58.18 -4.57
C ILE G 39 36.46 58.75 -4.60
N VAL G 40 35.98 59.16 -5.78
CA VAL G 40 34.60 59.62 -5.90
C VAL G 40 33.62 58.46 -5.78
N ALA G 41 34.06 57.22 -6.01
CA ALA G 41 33.19 56.06 -5.79
C ALA G 41 33.10 55.70 -4.31
N ILE G 42 34.22 55.82 -3.59
CA ILE G 42 34.21 55.59 -2.15
C ILE G 42 33.46 56.72 -1.46
N ALA G 43 33.46 57.92 -2.04
CA ALA G 43 32.72 59.04 -1.46
C ALA G 43 31.21 58.86 -1.58
N LEU G 44 30.73 58.07 -2.54
CA LEU G 44 29.33 57.69 -2.57
C LEU G 44 29.07 56.34 -1.91
N ALA G 45 30.09 55.47 -1.79
CA ALA G 45 29.90 54.20 -1.11
C ALA G 45 29.79 54.41 0.40
N ILE G 46 30.69 55.22 0.97
CA ILE G 46 30.62 55.50 2.40
C ILE G 46 29.41 56.38 2.72
N GLY G 47 29.07 57.29 1.80
CA GLY G 47 27.84 58.05 1.92
C GLY G 47 26.57 57.23 1.81
N TYR G 48 26.65 56.07 1.16
CA TYR G 48 25.52 55.14 1.14
C TYR G 48 25.38 54.42 2.46
N LEU G 49 26.48 54.25 3.21
CA LEU G 49 26.47 53.58 4.50
C LEU G 49 26.19 54.52 5.66
N ALA G 50 25.50 55.63 5.42
CA ALA G 50 25.01 56.49 6.49
C ALA G 50 23.54 56.82 6.32
N VAL G 51 22.91 56.34 5.25
CA VAL G 51 21.49 56.60 5.01
C VAL G 51 20.75 55.28 4.85
N ALA G 52 21.47 54.21 4.53
CA ALA G 52 20.85 52.91 4.30
C ALA G 52 20.44 52.29 5.63
N LYS G 53 19.17 51.94 5.75
CA LYS G 53 18.67 51.27 6.94
C LYS G 53 19.08 49.80 6.92
N GLU G 54 19.36 49.28 8.11
CA GLU G 54 19.90 47.93 8.23
C GLU G 54 18.79 46.93 8.53
N LYS G 55 19.12 45.64 8.40
CA LYS G 55 18.13 44.57 8.42
C LYS G 55 18.69 43.39 9.21
N TRP G 56 18.22 43.23 10.44
CA TRP G 56 18.63 42.13 11.30
C TRP G 56 17.59 41.04 11.28
N THR G 57 18.03 39.79 11.15
CA THR G 57 17.14 38.65 10.98
C THR G 57 17.13 37.79 12.23
N SER G 58 15.94 37.57 12.78
CA SER G 58 15.76 36.63 13.88
C SER G 58 15.31 35.28 13.33
N THR G 59 15.35 34.26 14.19
CA THR G 59 15.02 32.90 13.79
C THR G 59 14.57 32.13 15.03
N ALA G 60 13.39 31.55 14.97
CA ALA G 60 12.94 30.59 15.96
C ALA G 60 12.52 29.31 15.25
N ILE G 61 12.67 28.19 15.92
CA ILE G 61 12.35 26.88 15.35
C ILE G 61 11.24 26.27 16.18
N ILE G 62 10.10 25.98 15.55
CA ILE G 62 8.94 25.46 16.23
C ILE G 62 8.66 24.04 15.76
N THR G 63 7.91 23.31 16.58
CA THR G 63 7.62 21.91 16.35
C THR G 63 6.26 21.64 17.00
N GLN G 64 5.51 20.67 16.46
CA GLN G 64 4.25 20.14 16.98
C GLN G 64 4.32 19.89 18.48
N PRO G 65 3.24 20.15 19.22
CA PRO G 65 3.33 20.13 20.69
C PRO G 65 3.52 18.73 21.24
N ASP G 66 3.94 18.67 22.50
CA ASP G 66 4.21 17.41 23.16
C ASP G 66 2.93 16.62 23.40
N VAL G 67 3.10 15.33 23.63
CA VAL G 67 1.95 14.45 23.80
C VAL G 67 1.28 14.72 25.14
N GLY G 68 2.04 15.18 26.13
CA GLY G 68 1.47 15.54 27.42
C GLY G 68 1.00 16.96 27.57
N GLN G 69 1.28 17.83 26.59
CA GLN G 69 0.76 19.18 26.64
C GLN G 69 -0.68 19.24 26.17
N ILE G 70 -1.05 18.44 25.19
CA ILE G 70 -2.39 18.43 24.64
C ILE G 70 -3.21 17.27 25.19
N ALA G 71 -2.78 16.69 26.32
CA ALA G 71 -3.52 15.56 26.90
C ALA G 71 -4.84 15.98 27.51
N GLY G 72 -5.01 17.26 27.81
CA GLY G 72 -6.31 17.76 28.23
C GLY G 72 -7.22 17.92 27.03
N TYR G 73 -6.64 18.39 25.92
CA TYR G 73 -7.42 18.55 24.69
C TYR G 73 -7.68 17.22 24.02
N ASN G 74 -6.77 16.25 24.15
CA ASN G 74 -6.99 14.93 23.57
C ASN G 74 -8.07 14.16 24.32
N ASN G 75 -8.15 14.34 25.64
CA ASN G 75 -9.20 13.70 26.41
C ASN G 75 -10.57 14.32 26.12
N ALA G 76 -10.59 15.57 25.68
CA ALA G 76 -11.84 16.18 25.24
C ALA G 76 -12.34 15.54 23.95
N MET G 77 -11.42 15.15 23.06
CA MET G 77 -11.82 14.52 21.80
C MET G 77 -12.06 13.03 21.94
N ASN G 78 -11.66 12.39 23.04
CA ASN G 78 -12.00 10.99 23.27
C ASN G 78 -13.34 10.82 23.97
N VAL G 79 -13.85 11.85 24.63
CA VAL G 79 -15.14 11.78 25.29
C VAL G 79 -16.27 12.06 24.31
N ILE G 80 -16.12 13.10 23.49
CA ILE G 80 -17.20 13.49 22.58
C ILE G 80 -17.27 12.62 21.34
N TYR G 81 -16.26 11.82 21.05
CA TYR G 81 -16.23 11.01 19.84
C TYR G 81 -16.09 9.51 20.10
N GLY G 82 -15.60 9.10 21.27
CA GLY G 82 -15.54 7.70 21.61
C GLY G 82 -14.49 6.91 20.84
N GLN G 83 -14.93 6.02 19.97
CA GLN G 83 -14.03 5.14 19.24
C GLN G 83 -13.55 5.72 17.91
N ALA G 84 -14.26 6.71 17.36
CA ALA G 84 -13.88 7.35 16.12
C ALA G 84 -12.99 8.58 16.35
N ALA G 85 -12.43 8.72 17.54
CA ALA G 85 -11.55 9.84 17.82
C ALA G 85 -10.23 9.67 17.09
N PRO G 86 -9.60 10.77 16.67
CA PRO G 86 -8.28 10.67 16.05
C PRO G 86 -7.21 10.33 17.07
N LYS G 87 -6.14 9.70 16.58
CA LYS G 87 -5.02 9.33 17.43
C LYS G 87 -4.25 10.57 17.88
N VAL G 88 -3.49 10.41 18.96
CA VAL G 88 -2.75 11.55 19.51
C VAL G 88 -1.56 11.92 18.63
N SER G 89 -1.11 11.01 17.77
CA SER G 89 -0.11 11.35 16.75
C SER G 89 -0.74 11.97 15.51
N ASP G 90 -2.07 12.02 15.44
CA ASP G 90 -2.78 12.72 14.38
C ASP G 90 -3.40 14.01 14.88
N LEU G 91 -3.54 14.16 16.20
CA LEU G 91 -3.97 15.44 16.76
C LEU G 91 -2.81 16.43 16.87
N GLN G 92 -1.59 15.99 16.62
CA GLN G 92 -0.44 16.89 16.61
C GLN G 92 -0.16 17.45 15.23
N GLU G 93 -0.47 16.71 14.17
CA GLU G 93 -0.31 17.25 12.82
C GLU G 93 -1.42 18.22 12.46
N THR G 94 -2.53 18.21 13.19
CA THR G 94 -3.60 19.18 12.99
C THR G 94 -3.31 20.49 13.71
N LEU G 95 -2.85 20.40 14.96
CA LEU G 95 -2.57 21.60 15.74
C LEU G 95 -1.34 22.35 15.24
N ILE G 96 -0.44 21.68 14.52
CA ILE G 96 0.62 22.38 13.81
C ILE G 96 0.21 22.70 12.38
N GLY G 97 -0.84 22.04 11.87
CA GLY G 97 -1.41 22.46 10.60
C GLY G 97 -2.29 23.68 10.72
N ARG G 98 -2.91 23.87 11.90
CA ARG G 98 -3.66 25.08 12.17
C ARG G 98 -2.78 26.25 12.55
N PHE G 99 -1.50 26.02 12.81
CA PHE G 99 -0.56 27.09 13.09
C PHE G 99 0.23 27.51 11.85
N SER G 100 0.74 26.54 11.10
CA SER G 100 1.54 26.83 9.91
C SER G 100 0.72 27.45 8.78
N SER G 101 -0.61 27.29 8.81
CA SER G 101 -1.46 27.96 7.84
C SER G 101 -2.05 29.26 8.36
N ALA G 102 -2.01 29.47 9.68
CA ALA G 102 -2.41 30.76 10.26
C ALA G 102 -1.22 31.69 10.49
N PHE G 103 0.00 31.16 10.48
CA PHE G 103 1.18 32.01 10.55
C PHE G 103 1.58 32.50 9.16
N SER G 104 1.35 31.68 8.14
CA SER G 104 1.54 32.13 6.76
C SER G 104 0.38 32.98 6.27
N ALA G 105 -0.72 33.05 7.02
CA ALA G 105 -1.78 34.00 6.73
C ALA G 105 -1.58 35.31 7.48
N LEU G 106 -0.69 35.34 8.48
CA LEU G 106 -0.21 36.59 9.03
C LEU G 106 0.94 37.15 8.19
N ALA G 107 1.66 36.28 7.48
CA ALA G 107 2.74 36.71 6.61
C ALA G 107 2.25 37.50 5.41
N GLU G 108 0.98 37.33 5.02
CA GLU G 108 0.44 38.02 3.86
C GLU G 108 -0.44 39.21 4.22
N THR G 109 -0.77 39.40 5.49
CA THR G 109 -1.41 40.63 5.94
C THR G 109 -0.42 41.61 6.54
N LEU G 110 0.87 41.29 6.47
CA LEU G 110 1.92 42.25 6.82
C LEU G 110 2.58 42.86 5.59
N ASP G 111 2.28 42.33 4.40
CA ASP G 111 2.66 42.99 3.16
C ASP G 111 1.63 44.02 2.72
N ASN G 112 0.44 44.01 3.32
CA ASN G 112 -0.57 45.04 3.10
C ASN G 112 -0.41 46.21 4.06
N GLN G 113 0.73 46.33 4.70
CA GLN G 113 1.04 47.56 5.43
C GLN G 113 1.58 48.60 4.44
N GLU G 114 1.67 49.84 4.90
CA GLU G 114 2.27 50.88 4.08
C GLU G 114 3.77 50.64 3.91
N GLU G 115 4.43 50.20 4.97
CA GLU G 115 5.82 49.74 4.92
C GLU G 115 5.85 48.25 5.25
N ARG G 116 6.49 47.47 4.38
CA ARG G 116 6.40 46.03 4.47
C ARG G 116 7.22 45.48 5.63
N GLU G 117 6.73 44.39 6.23
CA GLU G 117 7.45 43.66 7.27
C GLU G 117 7.54 42.21 6.83
N LYS G 118 8.73 41.79 6.41
CA LYS G 118 8.90 40.42 5.93
C LYS G 118 8.89 39.44 7.11
N LEU G 119 8.09 38.40 6.98
CA LEU G 119 7.99 37.35 7.98
C LEU G 119 7.68 36.04 7.28
N THR G 120 8.54 35.05 7.45
CA THR G 120 8.44 33.81 6.68
C THR G 120 8.23 32.61 7.61
N ILE G 121 7.96 31.48 6.98
CA ILE G 121 7.90 30.18 7.65
C ILE G 121 8.24 29.12 6.63
N GLU G 122 9.05 28.15 7.05
CA GLU G 122 9.59 27.15 6.13
C GLU G 122 9.98 25.93 6.92
N PRO G 123 9.99 24.74 6.31
CA PRO G 123 10.57 23.58 6.97
C PRO G 123 12.08 23.73 7.12
N SER G 124 12.62 23.12 8.18
CA SER G 124 14.02 23.32 8.52
C SER G 124 14.94 22.60 7.53
N VAL G 125 14.83 21.28 7.45
CA VAL G 125 15.55 20.52 6.45
C VAL G 125 14.56 20.16 5.34
N LYS G 126 15.10 19.97 4.14
CA LYS G 126 14.30 20.02 2.92
C LYS G 126 13.55 18.72 2.62
N ASN G 127 13.54 17.75 3.53
CA ASN G 127 12.86 16.48 3.28
C ASN G 127 11.64 16.29 4.16
N GLN G 128 11.79 16.39 5.48
CA GLN G 128 10.68 16.16 6.38
C GLN G 128 9.89 17.44 6.60
N GLN G 129 8.64 17.27 7.06
CA GLN G 129 7.69 18.38 7.14
C GLN G 129 8.04 19.34 8.27
N LEU G 130 8.23 18.81 9.47
CA LEU G 130 8.53 19.60 10.66
C LEU G 130 9.82 19.08 11.29
N PRO G 131 10.56 19.91 12.05
CA PRO G 131 10.41 21.27 12.59
C PRO G 131 10.35 22.41 11.57
N LEU G 132 9.54 23.42 11.87
CA LEU G 132 9.40 24.60 11.03
C LEU G 132 10.34 25.69 11.52
N THR G 133 10.69 26.60 10.62
CA THR G 133 11.66 27.65 10.90
C THR G 133 11.05 29.01 10.55
N VAL G 134 10.57 29.72 11.57
CA VAL G 134 10.03 31.06 11.34
C VAL G 134 11.18 32.07 11.33
N SER G 135 10.89 33.26 10.79
CA SER G 135 11.90 34.31 10.71
C SER G 135 11.20 35.65 10.62
N TYR G 136 11.99 36.72 10.72
CA TYR G 136 11.53 38.09 10.70
C TYR G 136 12.74 39.01 10.54
N VAL G 137 12.61 40.04 9.71
CA VAL G 137 13.66 41.05 9.55
C VAL G 137 13.17 42.35 10.18
N GLY G 138 14.09 43.08 10.78
CA GLY G 138 13.77 44.30 11.48
C GLY G 138 14.74 45.41 11.14
N GLN G 139 14.96 46.29 12.11
CA GLN G 139 15.89 47.39 11.98
C GLN G 139 16.96 47.42 13.06
N THR G 140 16.69 46.83 14.21
CA THR G 140 17.67 46.68 15.28
C THR G 140 17.78 45.21 15.66
N ALA G 141 18.81 44.89 16.44
CA ALA G 141 18.98 43.51 16.91
C ALA G 141 17.96 43.17 17.98
N GLU G 142 17.75 44.09 18.93
CA GLU G 142 16.77 43.85 19.98
C GLU G 142 15.34 43.97 19.46
N GLY G 143 15.10 44.93 18.57
CA GLY G 143 13.76 45.16 18.05
C GLY G 143 13.28 44.21 16.98
N ALA G 144 14.10 43.23 16.59
CA ALA G 144 13.67 42.19 15.68
C ALA G 144 13.49 40.84 16.36
N GLN G 145 13.86 40.74 17.63
CA GLN G 145 13.60 39.56 18.45
C GLN G 145 12.33 39.74 19.30
N MET G 146 12.13 40.94 19.84
CA MET G 146 10.90 41.27 20.54
C MET G 146 9.70 41.23 19.59
N LYS G 147 9.90 41.67 18.35
CA LYS G 147 8.80 41.67 17.38
C LYS G 147 8.46 40.27 16.89
N LEU G 148 9.44 39.36 16.88
CA LEU G 148 9.14 38.00 16.47
C LEU G 148 8.44 37.22 17.57
N ALA G 149 8.88 37.39 18.83
CA ALA G 149 8.23 36.71 19.94
C ALA G 149 6.85 37.29 20.24
N GLN G 150 6.53 38.47 19.72
CA GLN G 150 5.18 38.99 19.79
C GLN G 150 4.31 38.39 18.70
N TYR G 151 4.85 38.25 17.49
CA TYR G 151 4.08 37.70 16.37
C TYR G 151 3.90 36.20 16.46
N ILE G 152 4.71 35.51 17.27
CA ILE G 152 4.42 34.10 17.55
C ILE G 152 3.26 33.99 18.52
N GLN G 153 3.25 34.82 19.57
CA GLN G 153 2.16 34.82 20.53
C GLN G 153 0.88 35.41 19.96
N GLN G 154 0.96 36.18 18.87
CA GLN G 154 -0.25 36.73 18.26
C GLN G 154 -1.00 35.66 17.49
N VAL G 155 -0.30 34.81 16.74
CA VAL G 155 -0.95 33.71 16.05
C VAL G 155 -1.36 32.62 17.04
N ASP G 156 -0.62 32.48 18.15
CA ASP G 156 -0.95 31.46 19.13
C ASP G 156 -2.21 31.83 19.91
N ASP G 157 -2.47 33.12 20.11
CA ASP G 157 -3.70 33.53 20.76
C ASP G 157 -4.88 33.61 19.80
N LYS G 158 -4.64 33.45 18.50
CA LYS G 158 -5.73 33.35 17.54
C LYS G 158 -6.16 31.91 17.33
N VAL G 159 -5.21 30.97 17.37
CA VAL G 159 -5.54 29.55 17.25
C VAL G 159 -6.16 29.03 18.54
N ASN G 160 -5.67 29.50 19.69
CA ASN G 160 -6.19 29.02 20.97
C ASN G 160 -7.59 29.54 21.25
N GLN G 161 -7.96 30.68 20.67
CA GLN G 161 -9.32 31.18 20.82
C GLN G 161 -10.24 30.67 19.72
N GLU G 162 -9.70 30.14 18.63
CA GLU G 162 -10.49 29.49 17.60
C GLU G 162 -10.68 28.00 17.85
N LEU G 163 -10.22 27.51 19.01
CA LEU G 163 -10.43 26.13 19.39
C LEU G 163 -11.20 25.96 20.69
N GLU G 164 -11.08 26.90 21.63
CA GLU G 164 -11.98 26.90 22.78
C GLU G 164 -13.37 27.35 22.37
N LYS G 165 -13.47 28.21 21.35
CA LYS G 165 -14.77 28.54 20.78
C LYS G 165 -15.32 27.38 19.96
N ASP G 166 -14.45 26.57 19.37
CA ASP G 166 -14.90 25.45 18.57
C ASP G 166 -15.33 24.27 19.44
N LEU G 167 -14.64 24.06 20.57
CA LEU G 167 -15.01 22.97 21.46
C LEU G 167 -16.31 23.27 22.22
N LYS G 168 -16.61 24.54 22.47
CA LYS G 168 -17.85 24.88 23.14
C LYS G 168 -19.06 24.73 22.21
N ASP G 169 -18.87 24.85 20.90
CA ASP G 169 -19.92 24.56 19.94
C ASP G 169 -20.00 23.09 19.59
N ASN G 170 -19.04 22.28 20.03
CA ASN G 170 -19.10 20.84 19.85
C ASN G 170 -19.63 20.12 21.07
N ILE G 171 -19.36 20.64 22.28
CA ILE G 171 -19.86 20.01 23.48
C ILE G 171 -21.33 20.36 23.70
N ALA G 172 -21.70 21.63 23.54
CA ALA G 172 -23.08 22.05 23.73
C ALA G 172 -24.00 21.53 22.63
N LEU G 173 -23.45 21.10 21.50
CA LEU G 173 -24.22 20.39 20.49
C LEU G 173 -24.06 18.88 20.61
N GLY G 174 -23.02 18.40 21.28
CA GLY G 174 -22.86 16.98 21.49
C GLY G 174 -23.70 16.44 22.61
N ARG G 175 -24.10 17.28 23.55
CA ARG G 175 -25.03 16.89 24.60
C ARG G 175 -26.48 17.18 24.21
N LYS G 176 -26.72 17.63 22.99
CA LYS G 176 -28.06 17.74 22.43
C LYS G 176 -28.42 16.54 21.57
N ASN G 177 -27.44 15.94 20.91
CA ASN G 177 -27.65 14.68 20.21
C ASN G 177 -27.54 13.47 21.13
N LEU G 178 -27.30 13.69 22.42
CA LEU G 178 -27.38 12.62 23.42
C LEU G 178 -28.61 12.75 24.30
N GLN G 179 -29.06 13.97 24.59
CA GLN G 179 -30.33 14.13 25.30
C GLN G 179 -31.50 13.79 24.40
N ASP G 180 -31.32 13.85 23.09
CA ASP G 180 -32.32 13.35 22.16
C ASP G 180 -32.25 11.82 22.07
N SER G 181 -31.05 11.26 22.06
CA SER G 181 -30.87 9.82 21.95
C SER G 181 -31.16 9.06 23.24
N LEU G 182 -31.48 9.76 24.32
CA LEU G 182 -32.08 9.14 25.51
C LEU G 182 -33.59 9.29 25.54
N ARG G 183 -34.16 10.07 24.63
CA ARG G 183 -35.62 10.20 24.53
C ARG G 183 -36.20 9.23 23.52
N THR G 184 -35.53 9.02 22.40
CA THR G 184 -35.96 8.02 21.43
C THR G 184 -35.61 6.61 21.86
N GLN G 185 -34.66 6.45 22.78
CA GLN G 185 -34.31 5.15 23.32
C GLN G 185 -35.17 4.80 24.53
N GLU G 186 -35.93 5.75 25.04
CA GLU G 186 -36.87 5.50 26.13
C GLU G 186 -38.26 5.15 25.62
N VAL G 187 -38.64 5.69 24.46
CA VAL G 187 -39.93 5.34 23.88
C VAL G 187 -39.89 3.94 23.27
N VAL G 188 -38.71 3.49 22.84
CA VAL G 188 -38.53 2.09 22.46
C VAL G 188 -38.64 1.20 23.69
N ALA G 189 -38.10 1.66 24.82
CA ALA G 189 -38.16 0.89 26.06
C ALA G 189 -39.54 0.89 26.70
N GLN G 190 -40.50 1.65 26.17
CA GLN G 190 -41.88 1.55 26.60
C GLN G 190 -42.74 0.80 25.59
N GLU G 191 -42.29 0.71 24.34
CA GLU G 191 -42.93 -0.21 23.40
C GLU G 191 -42.66 -1.66 23.77
N GLN G 192 -41.51 -1.93 24.42
CA GLN G 192 -41.27 -3.25 24.97
C GLN G 192 -42.06 -3.48 26.25
N LYS G 193 -42.27 -2.43 27.04
CA LYS G 193 -43.06 -2.56 28.26
C LYS G 193 -44.53 -2.75 27.95
N ASP G 194 -45.03 -2.06 26.92
CA ASP G 194 -46.43 -2.22 26.53
C ASP G 194 -46.69 -3.56 25.86
N LEU G 195 -45.64 -4.23 25.38
CA LEU G 195 -45.78 -5.60 24.91
C LEU G 195 -45.71 -6.58 26.06
N ARG G 196 -44.95 -6.26 27.10
CA ARG G 196 -44.84 -7.15 28.26
C ARG G 196 -46.12 -7.15 29.08
N ILE G 197 -46.85 -6.03 29.11
CA ILE G 197 -48.16 -6.01 29.75
C ILE G 197 -49.15 -6.81 28.92
N ARG G 198 -49.00 -6.78 27.59
CA ARG G 198 -49.90 -7.54 26.72
C ARG G 198 -49.59 -9.03 26.79
N GLN G 199 -48.33 -9.41 27.03
CA GLN G 199 -48.02 -10.82 27.26
C GLN G 199 -48.55 -11.30 28.59
N ILE G 200 -48.58 -10.43 29.60
CA ILE G 200 -49.15 -10.78 30.90
C ILE G 200 -50.67 -10.84 30.80
N GLN G 201 -51.27 -9.94 30.03
CA GLN G 201 -52.73 -9.89 29.90
C GLN G 201 -53.29 -11.10 29.17
N GLU G 202 -52.49 -11.73 28.30
CA GLU G 202 -52.91 -12.98 27.69
C GLU G 202 -52.66 -14.16 28.62
N ALA G 203 -51.59 -14.12 29.41
CA ALA G 203 -51.27 -15.21 30.32
C ALA G 203 -52.21 -15.27 31.52
N LEU G 204 -53.03 -14.24 31.75
CA LEU G 204 -54.09 -14.34 32.74
C LEU G 204 -55.23 -15.21 32.24
N GLN G 205 -55.44 -15.25 30.92
CA GLN G 205 -56.49 -16.09 30.36
C GLN G 205 -56.10 -17.56 30.34
N TYR G 206 -54.81 -17.86 30.20
CA TYR G 206 -54.38 -19.26 30.29
C TYR G 206 -54.46 -19.76 31.72
N ALA G 207 -54.06 -18.93 32.68
CA ALA G 207 -54.07 -19.32 34.08
C ALA G 207 -55.46 -19.26 34.70
N ASN G 208 -56.47 -18.77 33.99
CA ASN G 208 -57.83 -18.81 34.46
C ASN G 208 -58.56 -20.08 34.05
N GLN G 209 -58.13 -20.73 32.98
CA GLN G 209 -58.71 -21.98 32.53
C GLN G 209 -57.98 -23.19 33.11
N ALA G 210 -56.66 -23.12 33.21
CA ALA G 210 -55.87 -24.18 33.82
C ALA G 210 -55.95 -24.18 35.34
N GLN G 211 -56.55 -23.15 35.93
CA GLN G 211 -56.76 -23.00 37.38
C GLN G 211 -55.44 -23.03 38.15
N VAL G 212 -54.57 -22.10 37.81
CA VAL G 212 -53.31 -21.90 38.52
C VAL G 212 -53.42 -20.60 39.31
N THR G 213 -53.63 -20.70 40.61
CA THR G 213 -53.77 -19.50 41.44
C THR G 213 -52.49 -19.15 42.16
N LYS G 214 -51.96 -20.04 42.93
CA LYS G 214 -50.67 -19.82 43.57
C LYS G 214 -49.55 -20.07 42.56
N PRO G 215 -48.38 -19.45 42.74
CA PRO G 215 -47.28 -19.67 41.79
C PRO G 215 -46.75 -21.09 41.84
N GLN G 216 -46.57 -21.68 40.67
CA GLN G 216 -45.99 -23.01 40.55
C GLN G 216 -44.52 -22.98 40.15
N ILE G 217 -44.02 -21.81 39.74
CA ILE G 217 -42.60 -21.66 39.44
C ILE G 217 -41.81 -21.64 40.74
N GLN G 218 -40.76 -22.47 40.80
CA GLN G 218 -39.81 -22.42 41.90
C GLN G 218 -38.66 -21.48 41.61
N GLN G 219 -38.35 -21.25 40.33
CA GLN G 219 -37.19 -20.49 39.89
C GLN G 219 -37.31 -20.28 38.38
N THR G 220 -36.50 -19.36 37.86
CA THR G 220 -36.26 -19.28 36.42
C THR G 220 -34.84 -18.75 36.21
N GLY G 221 -34.04 -19.48 35.45
CA GLY G 221 -32.68 -19.09 35.16
C GLY G 221 -32.51 -17.97 34.15
N GLU G 222 -33.59 -17.58 33.48
CA GLU G 222 -33.59 -16.47 32.54
C GLU G 222 -34.88 -15.70 32.79
N ASP G 223 -35.20 -14.79 31.88
CA ASP G 223 -36.51 -14.15 31.91
C ASP G 223 -37.58 -15.14 31.45
N ILE G 224 -38.79 -14.97 31.97
CA ILE G 224 -39.88 -15.87 31.65
C ILE G 224 -40.46 -15.48 30.29
N THR G 225 -40.66 -16.46 29.42
CA THR G 225 -41.12 -16.21 28.06
C THR G 225 -42.65 -16.13 28.02
N GLN G 226 -43.21 -16.14 26.81
CA GLN G 226 -44.66 -15.97 26.66
C GLN G 226 -45.42 -17.22 27.09
N ASP G 227 -44.89 -18.40 26.79
CA ASP G 227 -45.63 -19.63 27.01
C ASP G 227 -45.66 -20.04 28.48
N THR G 228 -44.53 -19.95 29.17
CA THR G 228 -44.44 -20.34 30.58
C THR G 228 -44.72 -19.19 31.54
N LEU G 229 -45.38 -18.13 31.07
CA LEU G 229 -45.70 -16.99 31.92
C LEU G 229 -46.92 -17.23 32.80
N PHE G 230 -47.78 -18.18 32.43
CA PHE G 230 -48.99 -18.45 33.19
C PHE G 230 -48.73 -19.22 34.47
N LEU G 231 -47.50 -19.69 34.70
CA LEU G 231 -47.22 -20.46 35.90
C LEU G 231 -47.01 -19.57 37.12
N LEU G 232 -47.00 -18.26 36.94
CA LEU G 232 -46.90 -17.35 38.09
C LEU G 232 -48.21 -17.29 38.86
N GLY G 233 -49.32 -17.64 38.21
CA GLY G 233 -50.58 -17.74 38.91
C GLY G 233 -51.65 -16.81 38.42
N SER G 234 -52.90 -17.06 38.80
CA SER G 234 -53.99 -16.16 38.46
C SER G 234 -53.99 -14.93 39.36
N GLU G 235 -53.55 -15.09 40.60
CA GLU G 235 -53.55 -13.98 41.55
C GLU G 235 -52.38 -13.04 41.33
N ALA G 236 -51.20 -13.57 41.03
CA ALA G 236 -50.02 -12.74 40.84
C ALA G 236 -49.98 -12.06 39.49
N LEU G 237 -50.77 -12.53 38.51
CA LEU G 237 -50.85 -11.87 37.23
C LEU G 237 -51.95 -10.82 37.18
N GLU G 238 -52.90 -10.86 38.12
CA GLU G 238 -53.90 -9.81 38.22
C GLU G 238 -53.34 -8.53 38.84
N SER G 239 -52.19 -8.63 39.51
CA SER G 239 -51.55 -7.44 40.07
C SER G 239 -50.50 -6.84 39.15
N MET G 240 -50.05 -7.59 38.15
CA MET G 240 -49.18 -7.02 37.13
C MET G 240 -49.95 -6.25 36.08
N ILE G 241 -51.27 -6.35 36.08
CA ILE G 241 -52.12 -5.56 35.19
C ILE G 241 -52.77 -4.40 35.92
N LYS G 242 -53.11 -4.61 37.20
CA LYS G 242 -53.69 -3.52 37.99
C LYS G 242 -52.66 -2.45 38.31
N HIS G 243 -51.43 -2.85 38.64
CA HIS G 243 -50.32 -1.93 38.82
C HIS G 243 -49.48 -1.94 37.54
N GLU G 244 -50.02 -1.30 36.50
CA GLU G 244 -49.39 -1.26 35.18
C GLU G 244 -48.65 0.03 34.91
N ALA G 245 -49.25 1.17 35.22
CA ALA G 245 -48.62 2.46 34.95
C ALA G 245 -47.45 2.74 35.88
N THR G 246 -47.38 2.06 37.03
CA THR G 246 -46.26 2.24 37.96
C THR G 246 -45.21 1.16 37.82
N ARG G 247 -45.39 0.22 36.91
CA ARG G 247 -44.39 -0.83 36.70
C ARG G 247 -43.18 -0.23 35.99
N PRO G 248 -41.97 -0.39 36.50
CA PRO G 248 -40.83 0.35 35.95
C PRO G 248 -40.32 -0.24 34.66
N LEU G 249 -39.81 0.64 33.81
CA LEU G 249 -39.21 0.24 32.56
C LEU G 249 -37.88 -0.48 32.83
N VAL G 250 -37.48 -1.30 31.87
CA VAL G 250 -36.17 -1.93 31.90
C VAL G 250 -35.37 -1.37 30.73
N PHE G 251 -34.09 -1.12 30.96
CA PHE G 251 -33.24 -0.44 29.99
C PHE G 251 -32.08 -1.34 29.59
N SER G 252 -31.83 -1.39 28.29
CA SER G 252 -30.74 -2.18 27.74
C SER G 252 -29.39 -1.59 28.16
N PRO G 253 -28.33 -2.42 28.19
CA PRO G 253 -27.00 -1.89 28.55
C PRO G 253 -26.38 -0.95 27.54
N ASN G 254 -27.03 -0.70 26.39
CA ASN G 254 -26.60 0.39 25.53
C ASN G 254 -27.18 1.73 25.99
N TYR G 255 -28.28 1.71 26.73
CA TYR G 255 -28.83 2.95 27.29
C TYR G 255 -27.92 3.50 28.39
N TYR G 256 -27.47 2.63 29.29
CA TYR G 256 -26.58 3.08 30.35
C TYR G 256 -25.18 3.38 29.86
N GLN G 257 -24.83 2.96 28.64
CA GLN G 257 -23.58 3.41 28.04
C GLN G 257 -23.70 4.83 27.53
N THR G 258 -24.79 5.15 26.83
CA THR G 258 -25.00 6.50 26.33
C THR G 258 -25.60 7.43 27.38
N ARG G 259 -25.94 6.92 28.56
CA ARG G 259 -26.22 7.77 29.71
C ARG G 259 -24.93 8.16 30.42
N GLN G 260 -24.00 7.22 30.53
CA GLN G 260 -22.67 7.52 31.04
C GLN G 260 -21.86 8.36 30.06
N ASN G 261 -22.20 8.33 28.78
CA ASN G 261 -21.54 9.17 27.80
C ASN G 261 -22.06 10.59 27.79
N LEU G 262 -23.22 10.85 28.40
CA LEU G 262 -23.75 12.20 28.56
C LEU G 262 -23.21 12.85 29.83
N LEU G 263 -23.01 12.07 30.89
CA LEU G 263 -22.40 12.62 32.09
C LEU G 263 -20.91 12.90 31.91
N ASP G 264 -20.27 12.25 30.93
CA ASP G 264 -18.87 12.57 30.64
C ASP G 264 -18.75 13.80 29.77
N ILE G 265 -19.79 14.12 28.99
CA ILE G 265 -19.75 15.30 28.13
C ILE G 265 -20.30 16.52 28.85
N GLU G 266 -20.95 16.34 30.00
CA GLU G 266 -21.40 17.45 30.83
C GLU G 266 -20.37 17.84 31.89
N SER G 267 -19.37 16.99 32.15
CA SER G 267 -18.47 17.22 33.27
C SER G 267 -17.17 17.88 32.88
N LEU G 268 -16.73 17.76 31.63
CA LEU G 268 -15.46 18.34 31.23
C LEU G 268 -15.60 19.84 31.04
N LYS G 269 -14.53 20.56 31.36
CA LYS G 269 -14.51 22.01 31.35
C LYS G 269 -13.49 22.50 30.34
N VAL G 270 -13.88 23.52 29.57
CA VAL G 270 -13.03 24.04 28.50
C VAL G 270 -12.28 25.29 28.95
N ASP G 271 -12.73 25.94 30.04
CA ASP G 271 -12.07 27.16 30.51
C ASP G 271 -10.69 26.85 31.09
N ASP G 272 -10.59 25.85 31.96
CA ASP G 272 -9.29 25.46 32.50
C ASP G 272 -8.52 24.49 31.61
N LEU G 273 -9.03 24.18 30.43
CA LEU G 273 -8.33 23.31 29.50
C LEU G 273 -7.36 24.13 28.66
N ASP G 274 -6.10 23.71 28.65
CA ASP G 274 -5.02 24.44 27.99
C ASP G 274 -4.70 23.79 26.65
N ILE G 275 -4.79 24.58 25.58
CA ILE G 275 -4.42 24.13 24.24
C ILE G 275 -3.18 24.89 23.82
N HIS G 276 -2.17 24.16 23.34
CA HIS G 276 -0.95 24.74 22.82
C HIS G 276 -0.68 24.16 21.46
N ALA G 277 -0.60 25.01 20.45
CA ALA G 277 -0.51 24.59 19.05
C ALA G 277 0.93 24.50 18.55
N TYR G 278 1.91 24.69 19.42
CA TYR G 278 3.31 24.74 19.02
C TYR G 278 4.20 24.53 20.24
N ARG G 279 5.45 24.19 19.99
CA ARG G 279 6.43 24.01 21.05
C ARG G 279 7.78 24.55 20.60
N TYR G 280 8.38 25.42 21.41
CA TYR G 280 9.72 25.93 21.15
C TYR G 280 10.76 24.83 21.31
N VAL G 281 11.46 24.49 20.24
CA VAL G 281 12.73 23.79 20.37
C VAL G 281 13.90 24.76 20.30
N MET G 282 13.65 26.02 19.96
CA MET G 282 14.66 27.07 20.01
C MET G 282 13.93 28.39 20.21
N LYS G 283 14.23 29.09 21.30
CA LYS G 283 13.67 30.41 21.55
C LYS G 283 14.13 31.40 20.47
N PRO G 284 13.35 32.44 20.17
CA PRO G 284 13.72 33.38 19.11
C PRO G 284 14.99 34.17 19.48
N MET G 285 16.01 34.01 18.65
CA MET G 285 17.33 34.56 18.90
C MET G 285 17.37 36.06 18.61
N LEU G 286 18.41 36.71 19.13
CA LEU G 286 18.75 38.05 18.67
C LEU G 286 20.08 37.97 17.92
N PRO G 287 20.15 38.47 16.69
CA PRO G 287 21.31 38.22 15.86
C PRO G 287 22.49 39.13 16.21
N ILE G 288 23.68 38.63 15.87
CA ILE G 288 24.91 39.38 16.07
C ILE G 288 25.39 40.01 14.75
N ARG G 289 25.29 39.27 13.65
CA ARG G 289 25.66 39.77 12.34
C ARG G 289 24.41 40.14 11.56
N ARG G 290 24.36 41.38 11.08
CA ARG G 290 23.24 41.83 10.28
C ARG G 290 23.34 41.27 8.87
N ASP G 291 22.27 41.44 8.10
CA ASP G 291 22.17 40.87 6.77
C ASP G 291 22.51 41.87 5.67
N SER G 292 22.18 43.14 5.86
CA SER G 292 22.47 44.21 4.91
C SER G 292 22.45 45.51 5.68
N PRO G 293 23.30 46.48 5.34
CA PRO G 293 24.39 46.42 4.35
C PRO G 293 25.69 45.85 4.93
N LYS G 294 26.39 45.05 4.14
CA LYS G 294 27.66 44.48 4.56
C LYS G 294 28.79 45.39 4.13
N LYS G 295 29.65 45.77 5.08
CA LYS G 295 30.71 46.74 4.82
C LYS G 295 31.80 46.20 3.90
N ALA G 296 31.95 44.88 3.80
CA ALA G 296 33.03 44.32 3.01
C ALA G 296 32.76 44.37 1.52
N ILE G 297 31.61 43.85 1.09
CA ILE G 297 31.32 43.71 -0.33
C ILE G 297 30.91 45.05 -0.94
N THR G 298 30.44 45.98 -0.12
CA THR G 298 29.97 47.28 -0.61
C THR G 298 31.13 48.19 -1.00
N LEU G 299 32.37 47.83 -0.64
CA LEU G 299 33.54 48.61 -1.05
C LEU G 299 34.36 47.89 -2.13
N ILE G 300 34.37 46.56 -2.12
CA ILE G 300 34.96 45.81 -3.22
C ILE G 300 34.17 46.04 -4.50
N LEU G 301 32.85 46.11 -4.39
CA LEU G 301 32.00 46.45 -5.53
C LEU G 301 31.89 47.96 -5.75
N ALA G 302 32.66 48.76 -5.02
CA ALA G 302 32.77 50.20 -5.26
C ALA G 302 34.09 50.57 -5.93
N VAL G 303 35.19 49.92 -5.52
CA VAL G 303 36.46 50.10 -6.21
C VAL G 303 36.43 49.54 -7.63
N LEU G 304 35.83 48.36 -7.79
CA LEU G 304 35.73 47.76 -9.12
C LEU G 304 34.69 48.47 -9.98
N LEU G 305 33.73 49.13 -9.35
CA LEU G 305 32.77 49.93 -10.11
C LEU G 305 33.41 51.26 -10.45
N GLY G 306 34.17 51.84 -9.51
CA GLY G 306 34.84 53.11 -9.73
C GLY G 306 35.98 53.02 -10.72
N GLY G 307 36.56 51.84 -10.92
CA GLY G 307 37.62 51.66 -11.89
C GLY G 307 37.10 51.49 -13.30
N MET G 308 35.98 50.78 -13.44
CA MET G 308 35.42 50.55 -14.77
C MET G 308 34.75 51.80 -15.33
N VAL G 309 34.23 52.69 -14.46
CA VAL G 309 33.73 53.96 -14.96
C VAL G 309 34.89 54.90 -15.25
N GLY G 310 36.02 54.71 -14.56
CA GLY G 310 37.20 55.50 -14.87
C GLY G 310 37.93 55.04 -16.11
N ALA G 311 37.87 53.73 -16.40
CA ALA G 311 38.49 53.21 -17.61
C ALA G 311 37.75 53.66 -18.86
N GLY G 312 36.44 53.93 -18.75
CA GLY G 312 35.72 54.51 -19.87
C GLY G 312 36.05 55.97 -20.09
N ILE G 313 36.52 56.67 -19.05
CA ILE G 313 36.90 58.07 -19.20
C ILE G 313 38.27 58.19 -19.83
N VAL G 314 39.24 57.40 -19.37
CA VAL G 314 40.60 57.48 -19.92
C VAL G 314 40.66 56.90 -21.34
N LEU G 315 39.75 56.00 -21.69
CA LEU G 315 39.62 55.57 -23.08
C LEU G 315 38.72 56.50 -23.88
N GLY G 316 37.78 57.17 -23.22
CA GLY G 316 36.90 58.08 -23.94
C GLY G 316 37.56 59.38 -24.34
N ARG G 317 38.47 59.88 -23.51
CA ARG G 317 39.22 61.10 -23.83
C ARG G 317 40.42 60.84 -24.73
N ASN G 318 40.66 59.59 -25.10
CA ASN G 318 41.76 59.26 -26.01
C ASN G 318 41.27 58.77 -27.36
N ALA G 319 40.26 57.89 -27.39
CA ALA G 319 39.73 57.39 -28.67
C ALA G 319 38.97 58.47 -29.42
N LEU G 320 38.30 59.38 -28.71
CA LEU G 320 37.65 60.52 -29.36
C LEU G 320 38.71 61.50 -29.88
N ARG G 321 39.84 61.60 -29.19
CA ARG G 321 40.95 62.38 -29.71
C ARG G 321 41.61 61.70 -30.90
N ASN G 322 41.59 60.35 -30.93
CA ASN G 322 42.10 59.63 -32.10
C ASN G 322 41.11 59.73 -33.27
N TYR G 323 39.82 59.85 -32.97
CA TYR G 323 38.83 59.90 -34.03
C TYR G 323 38.72 61.27 -34.67
N ASN G 324 38.84 62.34 -33.89
CA ASN G 324 38.74 63.69 -34.43
C ASN G 324 40.05 64.05 -35.13
N ALA G 325 39.92 64.50 -36.39
CA ALA G 325 41.01 65.03 -37.23
C ALA G 325 42.12 63.99 -37.42
N LYS G 326 41.76 62.91 -38.13
CA LYS G 326 42.73 61.93 -38.58
C LYS G 326 43.78 62.55 -39.50
N ASP H 19 52.11 26.29 -29.35
CA ASP H 19 52.95 27.46 -29.59
C ASP H 19 54.41 26.99 -29.61
N LEU H 20 55.27 27.72 -30.31
CA LEU H 20 56.64 27.28 -30.54
C LEU H 20 57.52 27.63 -29.33
N ILE H 21 58.84 27.44 -29.49
CA ILE H 21 59.79 27.67 -28.42
C ILE H 21 60.37 29.08 -28.44
N ASP H 22 59.74 30.01 -29.18
CA ASP H 22 60.24 31.36 -29.34
C ASP H 22 60.26 32.16 -28.03
N LEU H 23 59.40 31.83 -27.09
CA LEU H 23 59.38 32.53 -25.81
C LEU H 23 59.95 31.72 -24.65
N LEU H 24 60.24 30.43 -24.86
CA LEU H 24 60.83 29.60 -23.82
C LEU H 24 62.35 29.77 -23.71
N VAL H 25 62.84 30.89 -24.22
CA VAL H 25 64.27 31.26 -24.06
C VAL H 25 64.45 32.40 -23.06
N GLN H 26 63.48 33.32 -23.02
CA GLN H 26 63.53 34.46 -22.06
C GLN H 26 63.32 33.97 -20.61
N LEU H 27 62.55 32.88 -20.46
CA LEU H 27 62.33 32.34 -19.09
C LEU H 27 63.75 31.96 -18.66
N TRP H 28 64.49 31.25 -19.53
CA TRP H 28 65.88 30.91 -19.18
C TRP H 28 66.68 32.21 -19.07
N ARG H 29 66.43 33.16 -19.99
CA ARG H 29 67.18 34.44 -20.02
C ARG H 29 66.98 35.16 -18.68
N GLY H 30 65.73 35.17 -18.20
CA GLY H 30 65.41 35.73 -16.88
C GLY H 30 65.44 34.66 -15.81
N LYS H 31 66.60 34.05 -15.57
CA LYS H 31 66.72 32.97 -14.55
C LYS H 31 66.62 33.41 -13.08
N MET H 32 67.39 34.41 -12.66
CA MET H 32 67.32 34.91 -11.26
C MET H 32 65.94 35.51 -10.96
N THR H 33 65.33 36.20 -11.93
CA THR H 33 64.06 36.88 -11.65
C THR H 33 62.94 35.88 -11.42
N ILE H 34 63.13 34.61 -11.76
CA ILE H 34 62.12 33.60 -11.45
C ILE H 34 62.37 33.01 -10.06
N ILE H 35 63.64 32.76 -9.72
CA ILE H 35 63.99 32.20 -8.42
C ILE H 35 63.72 33.20 -7.30
N ILE H 36 63.91 34.49 -7.58
CA ILE H 36 63.64 35.51 -6.57
C ILE H 36 62.13 35.75 -6.43
N SER H 37 61.32 35.30 -7.39
CA SER H 37 59.88 35.39 -7.28
C SER H 37 59.25 34.11 -6.71
N VAL H 38 60.04 33.05 -6.55
CA VAL H 38 59.55 31.82 -5.94
C VAL H 38 59.92 31.77 -4.46
N ILE H 39 61.14 32.22 -4.12
CA ILE H 39 61.57 32.28 -2.73
C ILE H 39 60.75 33.28 -1.94
N VAL H 40 60.32 34.37 -2.59
CA VAL H 40 59.45 35.34 -1.94
C VAL H 40 58.04 34.77 -1.75
N ALA H 41 57.65 33.75 -2.53
CA ALA H 41 56.36 33.10 -2.31
C ALA H 41 56.43 32.12 -1.15
N ILE H 42 57.55 31.40 -1.01
CA ILE H 42 57.74 30.52 0.13
C ILE H 42 57.92 31.34 1.41
N ALA H 43 58.45 32.56 1.29
CA ALA H 43 58.60 33.43 2.45
C ALA H 43 57.27 33.95 2.98
N LEU H 44 56.24 34.00 2.14
CA LEU H 44 54.89 34.28 2.62
C LEU H 44 54.09 33.01 2.88
N ALA H 45 54.45 31.88 2.25
CA ALA H 45 53.74 30.64 2.51
C ALA H 45 54.11 30.08 3.88
N ILE H 46 55.40 30.07 4.21
CA ILE H 46 55.83 29.61 5.53
C ILE H 46 55.41 30.61 6.61
N GLY H 47 55.42 31.90 6.28
CA GLY H 47 54.90 32.92 7.17
C GLY H 47 53.40 32.83 7.38
N TYR H 48 52.67 32.23 6.45
CA TYR H 48 51.25 31.97 6.65
C TYR H 48 51.03 30.81 7.59
N LEU H 49 51.99 29.88 7.67
CA LEU H 49 51.90 28.72 8.55
C LEU H 49 52.46 28.99 9.95
N ALA H 50 52.46 30.24 10.40
CA ALA H 50 52.78 30.55 11.78
C ALA H 50 51.75 31.47 12.40
N VAL H 51 50.73 31.89 11.63
CA VAL H 51 49.69 32.78 12.15
C VAL H 51 48.32 32.12 11.93
N ALA H 52 48.25 31.17 11.01
CA ALA H 52 46.97 30.53 10.70
C ALA H 52 46.60 29.55 11.80
N LYS H 53 45.40 29.72 12.36
CA LYS H 53 44.91 28.81 13.38
C LYS H 53 44.42 27.53 12.72
N GLU H 54 44.62 26.42 13.42
CA GLU H 54 44.33 25.10 12.87
C GLU H 54 42.95 24.62 13.31
N LYS H 55 42.47 23.56 12.65
CA LYS H 55 41.09 23.11 12.78
C LYS H 55 41.07 21.58 12.82
N TRP H 56 40.87 21.03 14.02
CA TRP H 56 40.79 19.59 14.21
C TRP H 56 39.35 19.17 14.33
N THR H 57 38.98 18.10 13.63
CA THR H 57 37.59 17.64 13.53
C THR H 57 37.39 16.37 14.32
N SER H 58 36.44 16.40 15.25
CA SER H 58 36.01 15.20 15.96
C SER H 58 34.78 14.60 15.28
N THR H 59 34.45 13.38 15.67
CA THR H 59 33.34 12.65 15.06
C THR H 59 32.83 11.62 16.06
N ALA H 60 31.54 11.67 16.35
CA ALA H 60 30.87 10.61 17.09
C ALA H 60 29.67 10.14 16.28
N ILE H 61 29.32 8.88 16.43
CA ILE H 61 28.22 8.27 15.69
C ILE H 61 27.17 7.83 16.70
N ILE H 62 25.96 8.37 16.58
CA ILE H 62 24.88 8.09 17.52
C ILE H 62 23.78 7.34 16.80
N THR H 63 22.95 6.66 17.60
CA THR H 63 21.88 5.80 17.10
C THR H 63 20.80 5.82 18.18
N GLN H 64 19.53 5.63 17.75
CA GLN H 64 18.34 5.46 18.59
C GLN H 64 18.59 4.50 19.74
N PRO H 65 18.04 4.76 20.93
CA PRO H 65 18.42 3.97 22.11
C PRO H 65 17.93 2.54 22.04
N ASP H 66 18.52 1.71 22.90
CA ASP H 66 18.19 0.29 22.95
C ASP H 66 16.77 0.08 23.47
N VAL H 67 16.24 -1.11 23.19
CA VAL H 67 14.87 -1.42 23.57
C VAL H 67 14.78 -1.61 25.08
N GLY H 68 15.87 -2.04 25.72
CA GLY H 68 15.90 -2.19 27.16
C GLY H 68 16.34 -0.97 27.94
N GLN H 69 16.83 0.07 27.26
CA GLN H 69 17.17 1.30 27.96
C GLN H 69 15.94 2.16 28.23
N ILE H 70 14.99 2.16 27.31
CA ILE H 70 13.78 2.96 27.45
C ILE H 70 12.60 2.12 27.93
N ALA H 71 12.87 0.93 28.49
CA ALA H 71 11.79 0.06 28.96
C ALA H 71 11.09 0.61 30.20
N GLY H 72 11.74 1.52 30.93
CA GLY H 72 11.07 2.21 32.01
C GLY H 72 10.16 3.29 31.46
N TYR H 73 10.63 3.97 30.42
CA TYR H 73 9.82 5.01 29.78
C TYR H 73 8.71 4.41 28.92
N ASN H 74 8.95 3.24 28.33
CA ASN H 74 7.91 2.61 27.53
C ASN H 74 6.79 2.06 28.41
N ASN H 75 7.12 1.58 29.61
CA ASN H 75 6.08 1.11 30.51
C ASN H 75 5.27 2.27 31.07
N ALA H 76 5.85 3.48 31.10
CA ALA H 76 5.09 4.65 31.48
C ALA H 76 4.04 4.99 30.43
N MET H 77 4.36 4.77 29.16
CA MET H 77 3.41 5.07 28.09
C MET H 77 2.42 3.94 27.84
N ASN H 78 2.65 2.75 28.39
CA ASN H 78 1.65 1.68 28.30
C ASN H 78 0.64 1.73 29.43
N VAL H 79 0.95 2.41 30.53
CA VAL H 79 0.01 2.53 31.65
C VAL H 79 -0.96 3.68 31.41
N ILE H 80 -0.45 4.84 30.98
CA ILE H 80 -1.30 6.02 30.82
C ILE H 80 -2.12 6.00 29.54
N TYR H 81 -1.80 5.10 28.59
CA TYR H 81 -2.51 5.07 27.32
C TYR H 81 -3.16 3.73 27.01
N GLY H 82 -2.74 2.65 27.64
CA GLY H 82 -3.39 1.36 27.47
C GLY H 82 -3.15 0.73 26.11
N GLN H 83 -4.20 0.64 25.29
CA GLN H 83 -4.12 -0.04 24.00
C GLN H 83 -3.71 0.89 22.87
N ALA H 84 -3.85 2.20 23.03
CA ALA H 84 -3.46 3.16 22.01
C ALA H 84 -2.04 3.65 22.18
N ALA H 85 -1.24 2.95 22.98
CA ALA H 85 0.16 3.31 23.17
C ALA H 85 0.96 3.03 21.90
N PRO H 86 1.98 3.84 21.62
CA PRO H 86 2.84 3.55 20.47
C PRO H 86 3.74 2.36 20.74
N LYS H 87 4.15 1.69 19.66
CA LYS H 87 5.02 0.55 19.77
C LYS H 87 6.43 0.99 20.18
N VAL H 88 7.20 0.01 20.69
CA VAL H 88 8.54 0.33 21.18
C VAL H 88 9.50 0.59 20.02
N SER H 89 9.17 0.12 18.81
CA SER H 89 9.93 0.50 17.62
C SER H 89 9.49 1.84 17.05
N ASP H 90 8.44 2.44 17.61
CA ASP H 90 8.01 3.78 17.26
C ASP H 90 8.34 4.79 18.35
N LEU H 91 8.61 4.30 19.56
CA LEU H 91 9.10 5.17 20.63
C LEU H 91 10.60 5.44 20.50
N GLN H 92 11.28 4.74 19.61
CA GLN H 92 12.69 4.99 19.37
C GLN H 92 12.93 6.00 18.26
N GLU H 93 12.03 6.07 17.28
CA GLU H 93 12.16 7.10 16.25
C GLU H 93 11.72 8.46 16.74
N THR H 94 10.99 8.53 17.85
CA THR H 94 10.63 9.80 18.45
C THR H 94 11.74 10.34 19.33
N LEU H 95 12.34 9.47 20.15
CA LEU H 95 13.41 9.90 21.05
C LEU H 95 14.69 10.24 20.31
N ILE H 96 14.88 9.73 19.10
CA ILE H 96 15.97 10.20 18.25
C ILE H 96 15.50 11.32 17.33
N GLY H 97 14.18 11.47 17.17
CA GLY H 97 13.66 12.65 16.49
C GLY H 97 13.67 13.88 17.36
N ARG H 98 13.53 13.69 18.68
CA ARG H 98 13.65 14.80 19.62
C ARG H 98 15.09 15.16 19.93
N PHE H 99 16.05 14.35 19.48
CA PHE H 99 17.46 14.66 19.64
C PHE H 99 18.05 15.29 18.37
N SER H 100 17.76 14.71 17.21
CA SER H 100 18.29 15.21 15.95
C SER H 100 17.73 16.57 15.56
N SER H 101 16.58 16.96 16.13
CA SER H 101 16.05 18.30 15.90
C SER H 101 16.41 19.27 17.02
N ALA H 102 16.86 18.77 18.17
CA ALA H 102 17.38 19.64 19.22
C ALA H 102 18.89 19.76 19.18
N PHE H 103 19.58 18.87 18.47
CA PHE H 103 21.02 19.04 18.25
C PHE H 103 21.30 19.95 17.06
N SER H 104 20.42 19.91 16.04
CA SER H 104 20.52 20.87 14.95
C SER H 104 19.95 22.23 15.31
N ALA H 105 19.28 22.35 16.46
CA ALA H 105 18.90 23.64 16.99
C ALA H 105 19.94 24.21 17.93
N LEU H 106 20.88 23.37 18.39
CA LEU H 106 22.10 23.88 19.02
C LEU H 106 23.14 24.28 17.97
N ALA H 107 23.08 23.68 16.78
CA ALA H 107 23.98 24.01 15.70
C ALA H 107 23.76 25.42 15.17
N GLU H 108 22.57 25.98 15.35
CA GLU H 108 22.26 27.30 14.83
C GLU H 108 22.29 28.38 15.89
N THR H 109 22.42 28.03 17.17
CA THR H 109 22.67 29.02 18.22
C THR H 109 24.15 29.08 18.58
N LEU H 110 25.00 28.36 17.85
CA LEU H 110 26.44 28.51 17.96
C LEU H 110 27.03 29.34 16.83
N ASP H 111 26.24 29.63 15.79
CA ASP H 111 26.64 30.61 14.80
C ASP H 111 26.27 32.03 15.21
N ASN H 112 25.45 32.20 16.24
CA ASN H 112 25.17 33.49 16.82
C ASN H 112 26.15 33.87 17.92
N GLN H 113 27.29 33.19 18.00
CA GLN H 113 28.37 33.66 18.84
C GLN H 113 29.15 34.74 18.09
N GLU H 114 30.02 35.43 18.83
CA GLU H 114 30.89 36.41 18.19
C GLU H 114 31.92 35.71 17.30
N GLU H 115 32.45 34.57 17.76
CA GLU H 115 33.30 33.71 16.95
C GLU H 115 32.57 32.38 16.75
N ARG H 116 32.46 31.96 15.49
CA ARG H 116 31.60 30.83 15.17
C ARG H 116 32.22 29.51 15.60
N GLU H 117 31.36 28.56 15.98
CA GLU H 117 31.77 27.20 16.31
C GLU H 117 30.93 26.26 15.45
N LYS H 118 31.56 25.67 14.43
CA LYS H 118 30.84 24.78 13.53
C LYS H 118 30.55 23.45 14.22
N LEU H 119 29.31 23.01 14.14
CA LEU H 119 28.88 21.74 14.71
C LEU H 119 27.74 21.21 13.86
N THR H 120 27.91 20.02 13.30
CA THR H 120 26.98 19.48 12.32
C THR H 120 26.35 18.18 12.82
N ILE H 121 25.37 17.72 12.06
CA ILE H 121 24.74 16.40 12.25
C ILE H 121 24.21 15.96 10.90
N GLU H 122 24.41 14.68 10.59
CA GLU H 122 24.09 14.16 9.27
C GLU H 122 23.90 12.66 9.38
N PRO H 123 23.11 12.05 8.50
CA PRO H 123 23.09 10.58 8.44
C PRO H 123 24.41 10.03 7.93
N SER H 124 24.74 8.82 8.39
CA SER H 124 26.06 8.25 8.11
C SER H 124 26.18 7.82 6.65
N VAL H 125 25.34 6.90 6.22
CA VAL H 125 25.27 6.52 4.82
C VAL H 125 24.04 7.18 4.22
N LYS H 126 24.09 7.42 2.92
CA LYS H 126 23.20 8.38 2.26
C LYS H 126 21.82 7.82 1.94
N ASN H 127 21.48 6.61 2.41
CA ASN H 127 20.18 6.02 2.11
C ASN H 127 19.28 5.93 3.34
N GLN H 128 19.75 5.30 4.41
CA GLN H 128 18.93 5.11 5.59
C GLN H 128 19.06 6.30 6.53
N GLN H 129 18.07 6.42 7.41
CA GLN H 129 17.94 7.62 8.25
C GLN H 129 19.00 7.66 9.34
N LEU H 130 19.14 6.58 10.10
CA LEU H 130 20.07 6.49 11.20
C LEU H 130 20.95 5.26 11.00
N PRO H 131 22.18 5.23 11.56
CA PRO H 131 22.94 6.08 12.51
C PRO H 131 23.29 7.49 12.03
N LEU H 132 23.27 8.44 12.96
CA LEU H 132 23.62 9.82 12.68
C LEU H 132 25.09 10.06 13.01
N THR H 133 25.67 11.07 12.37
CA THR H 133 27.09 11.35 12.50
C THR H 133 27.28 12.82 12.91
N VAL H 134 27.51 13.06 14.20
CA VAL H 134 27.77 14.42 14.66
C VAL H 134 29.24 14.75 14.45
N SER H 135 29.56 16.04 14.50
CA SER H 135 30.93 16.50 14.30
C SER H 135 31.08 17.87 14.95
N TYR H 136 32.34 18.32 15.01
CA TYR H 136 32.72 19.58 15.63
C TYR H 136 34.16 19.88 15.23
N VAL H 137 34.45 21.14 14.93
CA VAL H 137 35.80 21.59 14.64
C VAL H 137 36.27 22.48 15.78
N GLY H 138 37.56 22.38 16.10
CA GLY H 138 38.13 23.10 17.22
C GLY H 138 39.45 23.74 16.84
N GLN H 139 40.32 23.86 17.82
CA GLN H 139 41.66 24.41 17.64
C GLN H 139 42.76 23.47 18.08
N THR H 140 42.48 22.54 18.99
CA THR H 140 43.42 21.51 19.39
C THR H 140 42.78 20.15 19.20
N ALA H 141 43.60 19.10 19.30
CA ALA H 141 43.08 17.74 19.19
C ALA H 141 42.32 17.35 20.44
N GLU H 142 42.86 17.67 21.62
CA GLU H 142 42.18 17.34 22.87
C GLU H 142 40.98 18.25 23.09
N GLY H 143 41.12 19.55 22.76
CA GLY H 143 40.06 20.51 22.99
C GLY H 143 38.92 20.49 22.02
N ALA H 144 38.94 19.61 21.02
CA ALA H 144 37.81 19.43 20.12
C ALA H 144 37.08 18.11 20.36
N GLN H 145 37.60 17.26 21.23
CA GLN H 145 36.92 16.04 21.67
C GLN H 145 36.20 16.26 23.00
N MET H 146 36.82 17.00 23.92
CA MET H 146 36.17 17.41 25.15
C MET H 146 34.98 18.31 24.88
N LYS H 147 35.09 19.19 23.89
CA LYS H 147 34.01 20.10 23.57
C LYS H 147 32.85 19.40 22.88
N LEU H 148 33.13 18.31 22.15
CA LEU H 148 32.04 17.57 21.51
C LEU H 148 31.30 16.71 22.51
N ALA H 149 32.02 16.04 23.42
CA ALA H 149 31.37 15.23 24.44
C ALA H 149 30.66 16.07 25.48
N GLN H 150 30.94 17.37 25.55
CA GLN H 150 30.15 18.27 26.38
C GLN H 150 28.87 18.69 25.67
N TYR H 151 28.96 18.97 24.36
CA TYR H 151 27.79 19.41 23.60
C TYR H 151 26.84 18.26 23.29
N ILE H 152 27.28 17.02 23.40
CA ILE H 152 26.34 15.90 23.32
C ILE H 152 25.56 15.79 24.62
N GLN H 153 26.25 15.92 25.75
CA GLN H 153 25.58 15.87 27.05
C GLN H 153 24.75 17.12 27.33
N GLN H 154 25.00 18.21 26.62
CA GLN H 154 24.21 19.41 26.82
C GLN H 154 22.83 19.28 26.18
N VAL H 155 22.76 18.71 24.98
CA VAL H 155 21.47 18.46 24.34
C VAL H 155 20.77 17.29 25.02
N ASP H 156 21.52 16.34 25.57
CA ASP H 156 20.91 15.20 26.23
C ASP H 156 20.28 15.59 27.56
N ASP H 157 20.84 16.59 28.25
CA ASP H 157 20.23 17.07 29.47
C ASP H 157 19.10 18.08 29.22
N LYS H 158 18.92 18.51 27.98
CA LYS H 158 17.77 19.34 27.61
C LYS H 158 16.59 18.49 27.19
N VAL H 159 16.84 17.38 26.51
CA VAL H 159 15.76 16.47 26.11
C VAL H 159 15.26 15.67 27.31
N ASN H 160 16.17 15.26 28.21
CA ASN H 160 15.77 14.46 29.36
C ASN H 160 15.00 15.28 30.38
N GLN H 161 15.20 16.60 30.42
CA GLN H 161 14.42 17.44 31.30
C GLN H 161 13.16 17.97 30.64
N GLU H 162 13.06 17.88 29.31
CA GLU H 162 11.83 18.20 28.60
C GLU H 162 10.91 17.00 28.44
N LEU H 163 11.25 15.87 29.06
CA LEU H 163 10.42 14.68 29.05
C LEU H 163 10.00 14.22 30.42
N GLU H 164 10.83 14.42 31.45
CA GLU H 164 10.36 14.21 32.81
C GLU H 164 9.40 15.32 33.23
N LYS H 165 9.57 16.53 32.68
CA LYS H 165 8.58 17.58 32.88
C LYS H 165 7.31 17.31 32.10
N ASP H 166 7.44 16.62 30.95
CA ASP H 166 6.27 16.34 30.13
C ASP H 166 5.47 15.17 30.70
N LEU H 167 6.16 14.18 31.27
CA LEU H 167 5.46 13.03 31.85
C LEU H 167 4.75 13.40 33.14
N LYS H 168 5.27 14.38 33.89
CA LYS H 168 4.60 14.80 35.11
C LYS H 168 3.35 15.62 34.83
N ASP H 169 3.28 16.30 33.69
CA ASP H 169 2.06 16.96 33.25
C ASP H 169 1.10 16.02 32.54
N ASN H 170 1.53 14.81 32.23
CA ASN H 170 0.63 13.80 31.65
C ASN H 170 0.09 12.85 32.69
N ILE H 171 0.85 12.55 33.75
CA ILE H 171 0.37 11.65 34.79
C ILE H 171 -0.56 12.39 35.74
N ALA H 172 -0.19 13.61 36.16
CA ALA H 172 -1.03 14.38 37.06
C ALA H 172 -2.30 14.89 36.40
N LEU H 173 -2.34 14.90 35.07
CA LEU H 173 -3.58 15.16 34.34
C LEU H 173 -4.26 13.87 33.91
N GLY H 174 -3.53 12.76 33.86
CA GLY H 174 -4.15 11.49 33.51
C GLY H 174 -4.88 10.85 34.66
N ARG H 175 -4.51 11.19 35.90
CA ARG H 175 -5.25 10.73 37.07
C ARG H 175 -6.34 11.72 37.48
N LYS H 176 -6.55 12.77 36.70
CA LYS H 176 -7.69 13.66 36.87
C LYS H 176 -8.84 13.31 35.94
N ASN H 177 -8.54 12.79 34.76
CA ASN H 177 -9.55 12.23 33.88
C ASN H 177 -9.93 10.80 34.23
N LEU H 178 -9.32 10.24 35.27
CA LEU H 178 -9.76 8.95 35.81
C LEU H 178 -10.48 9.10 37.14
N GLN H 179 -10.10 10.07 37.96
CA GLN H 179 -10.87 10.34 39.17
C GLN H 179 -12.20 10.99 38.84
N ASP H 180 -12.31 11.62 37.67
CA ASP H 180 -13.60 12.08 37.18
C ASP H 180 -14.42 10.92 36.61
N SER H 181 -13.76 10.02 35.89
CA SER H 181 -14.43 8.89 35.26
C SER H 181 -14.80 7.79 36.24
N LEU H 182 -14.44 7.92 37.51
CA LEU H 182 -15.00 7.09 38.58
C LEU H 182 -16.11 7.77 39.34
N ARG H 183 -16.35 9.06 39.06
CA ARG H 183 -17.46 9.79 39.67
C ARG H 183 -18.69 9.76 38.78
N THR H 184 -18.52 9.89 37.47
CA THR H 184 -19.64 9.78 36.55
C THR H 184 -20.04 8.32 36.31
N GLN H 185 -19.16 7.37 36.61
CA GLN H 185 -19.48 5.97 36.51
C GLN H 185 -20.09 5.43 37.80
N GLU H 186 -20.06 6.21 38.87
CA GLU H 186 -20.71 5.84 40.11
C GLU H 186 -22.14 6.39 40.20
N VAL H 187 -22.41 7.53 39.57
CA VAL H 187 -23.76 8.06 39.55
C VAL H 187 -24.63 7.26 38.59
N VAL H 188 -24.04 6.66 37.55
CA VAL H 188 -24.75 5.69 36.72
C VAL H 188 -25.06 4.44 37.52
N ALA H 189 -24.12 4.01 38.37
CA ALA H 189 -24.31 2.83 39.20
C ALA H 189 -25.28 3.06 40.36
N GLN H 190 -25.74 4.29 40.58
CA GLN H 190 -26.82 4.53 41.53
C GLN H 190 -28.14 4.80 40.83
N GLU H 191 -28.11 5.17 39.55
CA GLU H 191 -29.34 5.18 38.76
C GLU H 191 -29.84 3.77 38.51
N GLN H 192 -28.93 2.80 38.46
CA GLN H 192 -29.35 1.40 38.40
C GLN H 192 -29.83 0.90 39.75
N LYS H 193 -29.23 1.41 40.84
CA LYS H 193 -29.66 0.99 42.17
C LYS H 193 -31.02 1.60 42.52
N ASP H 194 -31.27 2.83 42.08
CA ASP H 194 -32.56 3.46 42.33
C ASP H 194 -33.67 2.86 41.46
N LEU H 195 -33.31 2.17 40.39
CA LEU H 195 -34.28 1.40 39.63
C LEU H 195 -34.52 0.04 40.27
N ARG H 196 -33.48 -0.54 40.89
CA ARG H 196 -33.64 -1.83 41.54
C ARG H 196 -34.48 -1.73 42.81
N ILE H 197 -34.43 -0.60 43.50
CA ILE H 197 -35.33 -0.38 44.63
C ILE H 197 -36.76 -0.20 44.13
N ARG H 198 -36.92 0.43 42.95
CA ARG H 198 -38.25 0.63 42.40
C ARG H 198 -38.82 -0.68 41.86
N GLN H 199 -37.97 -1.59 41.37
CA GLN H 199 -38.44 -2.91 40.99
C GLN H 199 -38.84 -3.75 42.19
N ILE H 200 -38.15 -3.56 43.32
CA ILE H 200 -38.51 -4.25 44.56
C ILE H 200 -39.79 -3.65 45.14
N GLN H 201 -39.95 -2.33 45.04
CA GLN H 201 -41.11 -1.65 45.61
C GLN H 201 -42.39 -2.01 44.86
N GLU H 202 -42.29 -2.37 43.59
CA GLU H 202 -43.46 -2.86 42.87
C GLU H 202 -43.71 -4.35 43.18
N ALA H 203 -42.64 -5.12 43.37
CA ALA H 203 -42.79 -6.55 43.65
C ALA H 203 -43.31 -6.82 45.06
N LEU H 204 -43.35 -5.81 45.93
CA LEU H 204 -44.03 -5.97 47.21
C LEU H 204 -45.54 -5.94 47.03
N GLN H 205 -46.03 -5.24 46.00
CA GLN H 205 -47.47 -5.18 45.74
C GLN H 205 -47.97 -6.46 45.10
N TYR H 206 -47.13 -7.14 44.31
CA TYR H 206 -47.54 -8.43 43.75
C TYR H 206 -47.56 -9.50 44.83
N ALA H 207 -46.57 -9.50 45.72
CA ALA H 207 -46.48 -10.49 46.78
C ALA H 207 -47.43 -10.21 47.95
N ASN H 208 -48.11 -9.06 47.95
CA ASN H 208 -49.13 -8.79 48.94
C ASN H 208 -50.50 -9.29 48.53
N GLN H 209 -50.76 -9.43 47.23
CA GLN H 209 -52.02 -9.95 46.73
C GLN H 209 -51.98 -11.45 46.51
N ALA H 210 -50.84 -11.97 46.03
CA ALA H 210 -50.68 -13.41 45.86
C ALA H 210 -50.39 -14.13 47.17
N GLN H 211 -50.17 -13.38 48.26
CA GLN H 211 -49.94 -13.90 49.61
C GLN H 211 -48.73 -14.84 49.65
N VAL H 212 -47.58 -14.29 49.27
CA VAL H 212 -46.30 -14.99 49.37
C VAL H 212 -45.50 -14.33 50.47
N THR H 213 -45.42 -14.97 51.64
CA THR H 213 -44.70 -14.40 52.76
C THR H 213 -43.30 -14.99 52.90
N LYS H 214 -43.21 -16.26 53.04
CA LYS H 214 -41.91 -16.93 53.06
C LYS H 214 -41.38 -17.06 51.63
N PRO H 215 -40.05 -17.14 51.45
CA PRO H 215 -39.50 -17.26 50.11
C PRO H 215 -39.85 -18.60 49.48
N GLN H 216 -40.29 -18.55 48.22
CA GLN H 216 -40.60 -19.75 47.44
C GLN H 216 -39.49 -20.10 46.47
N ILE H 217 -38.53 -19.19 46.25
CA ILE H 217 -37.37 -19.49 45.42
C ILE H 217 -36.43 -20.43 46.16
N GLN H 218 -36.05 -21.52 45.49
CA GLN H 218 -35.01 -22.40 46.01
C GLN H 218 -33.63 -21.99 45.53
N GLN H 219 -33.54 -21.30 44.39
CA GLN H 219 -32.29 -20.94 43.73
C GLN H 219 -32.60 -19.98 42.60
N THR H 220 -31.56 -19.33 42.08
CA THR H 220 -31.64 -18.65 40.79
C THR H 220 -30.26 -18.70 40.15
N GLY H 221 -30.19 -19.21 38.92
CA GLY H 221 -28.95 -19.30 38.19
C GLY H 221 -28.41 -18.00 37.61
N GLU H 222 -29.22 -16.94 37.65
CA GLU H 222 -28.80 -15.62 37.21
C GLU H 222 -29.36 -14.64 38.24
N ASP H 223 -29.32 -13.35 37.90
CA ASP H 223 -30.01 -12.36 38.71
C ASP H 223 -31.52 -12.47 38.50
N ILE H 224 -32.27 -12.11 39.52
CA ILE H 224 -33.72 -12.22 39.47
C ILE H 224 -34.27 -11.01 38.71
N THR H 225 -35.17 -11.26 37.76
CA THR H 225 -35.71 -10.21 36.90
C THR H 225 -36.90 -9.53 37.58
N GLN H 226 -37.63 -8.72 36.82
CA GLN H 226 -38.72 -7.93 37.38
C GLN H 226 -39.94 -8.80 37.70
N ASP H 227 -40.22 -9.78 36.84
CA ASP H 227 -41.46 -10.55 36.98
C ASP H 227 -41.38 -11.58 38.09
N THR H 228 -40.26 -12.30 38.20
CA THR H 228 -40.10 -13.34 39.22
C THR H 228 -39.47 -12.82 40.51
N LEU H 229 -39.51 -11.51 40.74
CA LEU H 229 -38.95 -10.92 41.95
C LEU H 229 -39.88 -11.06 43.15
N PHE H 230 -41.17 -11.27 42.93
CA PHE H 230 -42.11 -11.37 44.04
C PHE H 230 -42.05 -12.71 44.75
N LEU H 231 -41.27 -13.67 44.25
CA LEU H 231 -41.21 -14.98 44.90
C LEU H 231 -40.28 -14.99 46.10
N LEU H 232 -39.58 -13.88 46.35
CA LEU H 232 -38.74 -13.79 47.54
C LEU H 232 -39.59 -13.61 48.79
N GLY H 233 -40.81 -13.12 48.64
CA GLY H 233 -41.73 -13.04 49.76
C GLY H 233 -42.18 -11.65 50.12
N SER H 234 -43.24 -11.55 50.92
CA SER H 234 -43.69 -10.25 51.40
C SER H 234 -42.81 -9.75 52.53
N GLU H 235 -42.25 -10.67 53.33
CA GLU H 235 -41.44 -10.27 54.47
C GLU H 235 -40.02 -9.90 54.06
N ALA H 236 -39.44 -10.63 53.11
CA ALA H 236 -38.07 -10.36 52.69
C ALA H 236 -37.97 -9.17 51.74
N LEU H 237 -39.07 -8.75 51.13
CA LEU H 237 -39.06 -7.56 50.30
C LEU H 237 -39.39 -6.30 51.07
N GLU H 238 -39.96 -6.42 52.26
CA GLU H 238 -40.15 -5.26 53.13
C GLU H 238 -38.86 -4.81 53.80
N SER H 239 -37.83 -5.66 53.82
CA SER H 239 -36.54 -5.28 54.36
C SER H 239 -35.58 -4.77 53.31
N MET H 240 -35.85 -5.03 52.03
CA MET H 240 -35.06 -4.43 50.96
C MET H 240 -35.48 -3.00 50.67
N ILE H 241 -36.61 -2.55 51.23
CA ILE H 241 -37.05 -1.18 51.11
C ILE H 241 -36.76 -0.38 52.37
N LYS H 242 -36.87 -1.04 53.53
CA LYS H 242 -36.55 -0.37 54.79
C LYS H 242 -35.06 -0.11 54.93
N HIS H 243 -34.22 -1.06 54.53
CA HIS H 243 -32.78 -0.88 54.47
C HIS H 243 -32.41 -0.58 53.02
N GLU H 244 -32.72 0.64 52.58
CA GLU H 244 -32.49 1.07 51.22
C GLU H 244 -31.23 1.92 51.05
N ALA H 245 -31.01 2.88 51.94
CA ALA H 245 -29.86 3.76 51.84
C ALA H 245 -28.55 3.05 52.17
N THR H 246 -28.61 1.93 52.90
CA THR H 246 -27.42 1.17 53.23
C THR H 246 -27.20 -0.02 52.31
N ARG H 247 -28.07 -0.22 51.32
CA ARG H 247 -27.89 -1.33 50.38
C ARG H 247 -26.76 -0.98 49.43
N PRO H 248 -25.75 -1.84 49.27
CA PRO H 248 -24.55 -1.44 48.53
C PRO H 248 -24.76 -1.45 47.03
N LEU H 249 -24.05 -0.55 46.37
CA LEU H 249 -24.06 -0.49 44.92
C LEU H 249 -23.34 -1.69 44.33
N VAL H 250 -23.68 -2.02 43.09
CA VAL H 250 -22.97 -3.04 42.34
C VAL H 250 -22.28 -2.33 41.17
N PHE H 251 -21.07 -2.77 40.87
CA PHE H 251 -20.23 -2.10 39.89
C PHE H 251 -19.88 -3.05 38.75
N SER H 252 -20.00 -2.54 37.52
CA SER H 252 -19.69 -3.30 36.34
C SER H 252 -18.19 -3.60 36.27
N PRO H 253 -17.78 -4.66 35.57
CA PRO H 253 -16.34 -4.96 35.45
C PRO H 253 -15.55 -3.98 34.61
N ASN H 254 -16.18 -2.96 34.01
CA ASN H 254 -15.43 -1.85 33.44
C ASN H 254 -15.05 -0.83 34.49
N TYR H 255 -15.78 -0.77 35.61
CA TYR H 255 -15.41 0.12 36.70
C TYR H 255 -14.14 -0.35 37.39
N TYR H 256 -14.05 -1.65 37.68
CA TYR H 256 -12.85 -2.19 38.31
C TYR H 256 -11.66 -2.27 37.36
N GLN H 257 -11.89 -2.12 36.05
CA GLN H 257 -10.78 -1.97 35.12
C GLN H 257 -10.21 -0.56 35.19
N THR H 258 -11.07 0.46 35.19
CA THR H 258 -10.59 1.83 35.29
C THR H 258 -10.32 2.26 36.72
N ARG H 259 -10.61 1.42 37.70
CA ARG H 259 -10.12 1.62 39.06
C ARG H 259 -8.71 1.06 39.20
N GLN H 260 -8.46 -0.09 38.59
CA GLN H 260 -7.11 -0.64 38.51
C GLN H 260 -6.21 0.18 37.59
N ASN H 261 -6.78 0.92 36.65
CA ASN H 261 -6.01 1.80 35.79
C ASN H 261 -5.64 3.11 36.46
N LEU H 262 -6.29 3.46 37.57
CA LEU H 262 -5.93 4.62 38.37
C LEU H 262 -4.85 4.30 39.38
N LEU H 263 -4.89 3.10 39.95
CA LEU H 263 -3.83 2.67 40.85
C LEU H 263 -2.52 2.40 40.11
N ASP H 264 -2.58 2.12 38.81
CA ASP H 264 -1.35 1.96 38.04
C ASP H 264 -0.76 3.30 37.64
N ILE H 265 -1.59 4.34 37.55
CA ILE H 265 -1.11 5.66 37.18
C ILE H 265 -0.71 6.47 38.41
N GLU H 266 -1.08 6.01 39.60
CA GLU H 266 -0.63 6.63 40.84
C GLU H 266 0.64 6.01 41.40
N SER H 267 1.04 4.83 40.91
CA SER H 267 2.13 4.09 41.52
C SER H 267 3.46 4.29 40.82
N LEU H 268 3.46 4.63 39.53
CA LEU H 268 4.71 4.77 38.80
C LEU H 268 5.39 6.09 39.16
N LYS H 269 6.71 6.06 39.18
CA LYS H 269 7.52 7.19 39.61
C LYS H 269 8.39 7.66 38.46
N VAL H 270 8.48 8.98 38.30
CA VAL H 270 9.21 9.58 37.19
C VAL H 270 10.61 10.04 37.62
N ASP H 271 10.85 10.17 38.94
CA ASP H 271 12.15 10.61 39.42
C ASP H 271 13.22 9.55 39.19
N ASP H 272 12.94 8.30 39.56
CA ASP H 272 13.89 7.21 39.31
C ASP H 272 13.77 6.61 37.92
N LEU H 273 12.92 7.16 37.06
CA LEU H 273 12.79 6.66 35.70
C LEU H 273 13.85 7.33 34.82
N ASP H 274 14.62 6.51 34.12
CA ASP H 274 15.75 6.98 33.31
C ASP H 274 15.34 7.02 31.84
N ILE H 275 15.47 8.19 31.23
CA ILE H 275 15.21 8.37 29.80
C ILE H 275 16.53 8.67 29.12
N HIS H 276 16.83 7.95 28.04
CA HIS H 276 18.03 8.17 27.25
C HIS H 276 17.60 8.29 25.79
N ALA H 277 17.93 9.42 25.18
CA ALA H 277 17.45 9.75 23.83
C ALA H 277 18.44 9.36 22.74
N TYR H 278 19.53 8.69 23.09
CA TYR H 278 20.60 8.38 22.16
C TYR H 278 21.46 7.26 22.71
N ARG H 279 22.23 6.62 21.84
CA ARG H 279 23.15 5.57 22.24
C ARG H 279 24.43 5.67 21.41
N TYR H 280 25.56 5.71 22.09
CA TYR H 280 26.86 5.71 21.43
C TYR H 280 27.13 4.36 20.77
N VAL H 281 27.26 4.35 19.45
CA VAL H 281 27.93 3.25 18.77
C VAL H 281 29.39 3.56 18.49
N MET H 282 29.81 4.81 18.71
CA MET H 282 31.21 5.20 18.63
C MET H 282 31.39 6.41 19.53
N LYS H 283 32.27 6.29 20.53
CA LYS H 283 32.61 7.41 21.40
C LYS H 283 33.28 8.53 20.59
N PRO H 284 33.17 9.78 21.01
CA PRO H 284 33.75 10.89 20.25
C PRO H 284 35.29 10.82 20.24
N MET H 285 35.83 10.70 19.04
CA MET H 285 37.26 10.48 18.83
C MET H 285 38.04 11.77 19.02
N LEU H 286 39.35 11.61 19.20
CA LEU H 286 40.27 12.73 19.07
C LEU H 286 41.12 12.52 17.83
N PRO H 287 41.18 13.49 16.93
CA PRO H 287 41.79 13.25 15.62
C PRO H 287 43.31 13.31 15.67
N ILE H 288 43.92 12.63 14.71
CA ILE H 288 45.36 12.62 14.55
C ILE H 288 45.80 13.57 13.43
N ARG H 289 45.07 13.58 12.32
CA ARG H 289 45.36 14.47 11.21
C ARG H 289 44.38 15.65 11.23
N ARG H 290 44.92 16.86 11.23
CA ARG H 290 44.09 18.05 11.20
C ARG H 290 43.54 18.28 9.80
N ASP H 291 42.61 19.21 9.70
CA ASP H 291 41.92 19.47 8.44
C ASP H 291 42.50 20.65 7.67
N SER H 292 42.98 21.67 8.38
CA SER H 292 43.60 22.86 7.79
C SER H 292 44.47 23.50 8.84
N PRO H 293 45.62 24.07 8.47
CA PRO H 293 46.24 24.08 7.14
C PRO H 293 47.09 22.85 6.87
N LYS H 294 47.03 22.35 5.65
CA LYS H 294 47.82 21.19 5.25
C LYS H 294 49.15 21.66 4.67
N LYS H 295 50.25 21.13 5.19
CA LYS H 295 51.58 21.60 4.80
C LYS H 295 51.96 21.21 3.38
N ALA H 296 51.33 20.17 2.82
CA ALA H 296 51.71 19.70 1.49
C ALA H 296 51.18 20.59 0.38
N ILE H 297 49.87 20.86 0.38
CA ILE H 297 49.25 21.57 -0.72
C ILE H 297 49.53 23.07 -0.64
N THR H 298 49.85 23.57 0.55
CA THR H 298 50.07 25.00 0.73
C THR H 298 51.43 25.44 0.18
N LEU H 299 52.30 24.51 -0.18
CA LEU H 299 53.58 24.84 -0.81
C LEU H 299 53.60 24.51 -2.29
N ILE H 300 52.87 23.47 -2.71
CA ILE H 300 52.68 23.20 -4.14
C ILE H 300 51.89 24.32 -4.79
N LEU H 301 50.89 24.85 -4.08
CA LEU H 301 50.15 26.01 -4.54
C LEU H 301 50.84 27.33 -4.21
N ALA H 302 52.07 27.28 -3.69
CA ALA H 302 52.90 28.46 -3.50
C ALA H 302 54.02 28.56 -4.54
N VAL H 303 54.63 27.43 -4.89
CA VAL H 303 55.60 27.40 -5.97
C VAL H 303 54.95 27.69 -7.32
N LEU H 304 53.78 27.10 -7.56
CA LEU H 304 53.07 27.33 -8.82
C LEU H 304 52.43 28.71 -8.86
N LEU H 305 52.17 29.29 -7.69
CA LEU H 305 51.68 30.66 -7.65
C LEU H 305 52.86 31.60 -7.81
N GLY H 306 53.99 31.29 -7.18
CA GLY H 306 55.18 32.11 -7.28
C GLY H 306 55.83 32.09 -8.64
N GLY H 307 55.60 31.04 -9.43
CA GLY H 307 56.13 30.97 -10.77
C GLY H 307 55.30 31.74 -11.78
N MET H 308 53.97 31.71 -11.62
CA MET H 308 53.10 32.41 -12.55
C MET H 308 53.14 33.92 -12.33
N VAL H 309 53.41 34.37 -11.10
CA VAL H 309 53.59 35.80 -10.90
C VAL H 309 54.98 36.22 -11.37
N GLY H 310 55.94 35.29 -11.36
CA GLY H 310 57.25 35.58 -11.90
C GLY H 310 57.30 35.56 -13.41
N ALA H 311 56.46 34.71 -14.03
CA ALA H 311 56.40 34.67 -15.48
C ALA H 311 55.78 35.93 -16.06
N GLY H 312 54.91 36.59 -15.30
CA GLY H 312 54.40 37.88 -15.73
C GLY H 312 55.42 38.99 -15.62
N ILE H 313 56.41 38.83 -14.74
CA ILE H 313 57.46 39.83 -14.60
C ILE H 313 58.49 39.70 -15.71
N VAL H 314 58.93 38.48 -16.00
CA VAL H 314 59.95 38.28 -17.04
C VAL H 314 59.36 38.51 -18.43
N LEU H 315 58.05 38.34 -18.61
CA LEU H 315 57.39 38.76 -19.84
C LEU H 315 57.01 40.23 -19.83
N GLY H 316 56.77 40.80 -18.65
CA GLY H 316 56.42 42.20 -18.57
C GLY H 316 57.57 43.14 -18.80
N ARG H 317 58.77 42.75 -18.36
CA ARG H 317 59.97 43.56 -18.58
C ARG H 317 60.59 43.33 -19.95
N ASN H 318 60.00 42.46 -20.76
CA ASN H 318 60.50 42.22 -22.12
C ASN H 318 59.53 42.70 -23.18
N ALA H 319 58.23 42.43 -23.04
CA ALA H 319 57.25 42.89 -24.02
C ALA H 319 57.06 44.40 -23.98
N LEU H 320 57.19 45.02 -22.79
CA LEU H 320 57.16 46.47 -22.70
C LEU H 320 58.43 47.08 -23.30
N ARG H 321 59.55 46.37 -23.20
CA ARG H 321 60.76 46.79 -23.89
C ARG H 321 60.65 46.58 -25.40
N ASN H 322 59.88 45.57 -25.83
CA ASN H 322 59.62 45.40 -27.25
C ASN H 322 58.62 46.44 -27.77
N TYR H 323 57.72 46.90 -26.90
CA TYR H 323 56.71 47.85 -27.33
C TYR H 323 57.25 49.27 -27.40
N ASN H 324 58.11 49.66 -26.47
CA ASN H 324 58.65 51.01 -26.45
C ASN H 324 59.74 51.13 -27.51
N ALA H 325 59.61 52.15 -28.38
CA ALA H 325 60.59 52.54 -29.41
C ALA H 325 60.86 51.40 -30.38
N LYS H 326 59.82 51.06 -31.15
CA LYS H 326 59.95 50.14 -32.27
C LYS H 326 60.93 50.66 -33.32
#